data_7H34
# 
_entry.id   7H34 
# 
_audit_conform.dict_name       mmcif_pdbx.dic 
_audit_conform.dict_version    5.397 
_audit_conform.dict_location   http://mmcif.pdb.org/dictionaries/ascii/mmcif_pdbx.dic 
# 
loop_
_database_2.database_id 
_database_2.database_code 
_database_2.pdbx_database_accession 
_database_2.pdbx_DOI 
PDB   7H34         pdb_00007h34 10.2210/pdb7h34/pdb 
WWPDB D_1001406963 ?            ?                   
# 
loop_
_pdbx_audit_revision_history.ordinal 
_pdbx_audit_revision_history.data_content_type 
_pdbx_audit_revision_history.major_revision 
_pdbx_audit_revision_history.minor_revision 
_pdbx_audit_revision_history.revision_date 
1 'Structure model' 1 0 2024-04-24 
2 'Structure model' 1 1 2024-10-16 
# 
_pdbx_audit_revision_details.ordinal             1 
_pdbx_audit_revision_details.revision_ordinal    1 
_pdbx_audit_revision_details.data_content_type   'Structure model' 
_pdbx_audit_revision_details.provider            repository 
_pdbx_audit_revision_details.type                'Initial release' 
_pdbx_audit_revision_details.description         ? 
_pdbx_audit_revision_details.details             ? 
# 
loop_
_pdbx_audit_revision_group.ordinal 
_pdbx_audit_revision_group.revision_ordinal 
_pdbx_audit_revision_group.data_content_type 
_pdbx_audit_revision_group.group 
1 2 'Structure model' 'Database references' 
2 2 'Structure model' 'Structure summary'   
# 
loop_
_pdbx_audit_revision_category.ordinal 
_pdbx_audit_revision_category.revision_ordinal 
_pdbx_audit_revision_category.data_content_type 
_pdbx_audit_revision_category.category 
1 2 'Structure model' citation           
2 2 'Structure model' citation_author    
3 2 'Structure model' pdbx_entry_details 
# 
loop_
_pdbx_audit_revision_item.ordinal 
_pdbx_audit_revision_item.revision_ordinal 
_pdbx_audit_revision_item.data_content_type 
_pdbx_audit_revision_item.item 
1 2 'Structure model' '_citation.country'                 
2 2 'Structure model' '_citation.journal_abbrev'          
3 2 'Structure model' '_citation.journal_id_CSD'          
4 2 'Structure model' '_citation.journal_id_ISSN'         
5 2 'Structure model' '_citation.pdbx_database_id_DOI'    
6 2 'Structure model' '_citation.pdbx_database_id_PubMed' 
7 2 'Structure model' '_citation.title'                   
8 2 'Structure model' '_citation.year'                    
# 
_pdbx_database_status.entry_id                        7H34 
_pdbx_database_status.status_code                     REL 
_pdbx_database_status.status_code_sf                  REL 
_pdbx_database_status.status_code_mr                  ? 
_pdbx_database_status.status_code_cs                  ? 
_pdbx_database_status.recvd_initial_deposition_date   2024-04-04 
_pdbx_database_status.status_code_nmr_data            ? 
_pdbx_database_status.deposit_site                    RCSB 
_pdbx_database_status.process_site                    RCSB 
_pdbx_database_status.SG_entry                        ? 
_pdbx_database_status.pdb_format_compatible           Y 
_pdbx_database_status.methods_development_category    ? 
# 
_pdbx_contact_author.id                 1 
_pdbx_contact_author.email              frank.von-delft@diamond.ac.uk 
_pdbx_contact_author.name_first         Frank 
_pdbx_contact_author.name_last          'von Delft' 
_pdbx_contact_author.role               'principal investigator/group leader' 
_pdbx_contact_author.identifier_ORCID   0000-0003-0378-0017 
_pdbx_contact_author.name_mi            ? 
# 
loop_
_audit_author.name 
_audit_author.pdbx_ordinal 
'Lithgo, R.M.'        1  
'Fairhead, M.'        2  
'Koekemoer, L.'       3  
'Balcomb, B.H.'       4  
'Capkin, E.'          5  
'Chandran, A.V.'      6  
'Golding, M.'         7  
'Godoy, A.S.'         8  
'Aschenbrenner, J.C.' 9  
'Marples, P.G.'       10 
'Ni, X.'              11 
'Thompson, W.'        12 
'Tomlinson, C.W.E.'   13 
'Wild, C.'            14 
'Winokan, M.'         15 
'Xavier, M.-A.E.'     16 
'Fearon, D.'          17 
'von Delft, F.'       18 
# 
_citation.id                        primary 
_citation.title                     
;Crystallographic Fragment Screen of Coxsackievirus A16 2A Protease identifies new opportunities for the development of broad-spectrum anti-enterovirals.
;
_citation.journal_abbrev            Biorxiv 
_citation.journal_volume            ? 
_citation.page_first                ? 
_citation.page_last                 ? 
_citation.year                      2024 
_citation.journal_id_ASTM           ? 
_citation.country                   US 
_citation.journal_id_ISSN           2692-8205 
_citation.journal_id_CSD            ? 
_citation.book_publisher            ? 
_citation.pdbx_database_id_PubMed   38746446 
_citation.pdbx_database_id_DOI      10.1101/2024.04.29.591684 
# 
loop_
_citation_author.citation_id 
_citation_author.name 
_citation_author.identifier_ORCID 
_citation_author.ordinal 
primary 'Lithgo, R.M.'        0000-0002-4706-9916 1  
primary 'Tomlinson, C.W.E.'   0000-0002-1845-6028 2  
primary 'Fairhead, M.'        0000-0001-5361-3933 3  
primary 'Winokan, M.'         ?                   4  
primary 'Thompson, W.'        0000-0003-1474-7810 5  
primary 'Wild, C.'            0000-0003-0654-8141 6  
primary 'Aschenbrenner, J.C.' 0000-0002-4318-0481 7  
primary 'Balcomb, B.H.'       0000-0001-7599-8467 8  
primary 'Marples, P.G.'       0000-0002-8787-7969 9  
primary 'Chandran, A.V.'      0000-0001-9942-2614 10 
primary 'Golding, M.'         0009-0004-7472-8333 11 
primary 'Koekemoer, L.'       0000-0001-9226-9127 12 
primary 'Williams, E.P.'      0000-0002-1331-9518 13 
primary 'Wang, S.'            ?                   14 
primary 'Ni, X.'              0000-0002-7769-8297 15 
primary 'MacLean, E.'         0000-0003-1680-4292 16 
primary 'Giroud, C.'          0000-0002-1629-1581 17 
primary 'Godoy, A.S.'         0000-0002-0613-9164 18 
primary 'Xavier, M.A.'        0000-0002-1709-9479 19 
primary 'Walsh, M.'           0000-0001-5683-1151 20 
primary 'Fearon, D.'          0000-0003-3529-7863 21 
primary 'von Delft, F.'       0000-0003-0378-0017 22 
# 
loop_
_entity.id 
_entity.type 
_entity.src_method 
_entity.pdbx_description 
_entity.formula_weight 
_entity.pdbx_number_of_molecules 
_entity.pdbx_ec 
_entity.pdbx_mutation 
_entity.pdbx_fragment 
_entity.details 
1 polymer     man 'Protease 2A'                              16493.311 1   3.4.22.29 ? ? ? 
2 non-polymer man 2-fluoro-N,3-dimethylbenzene-1-sulfonamide 203.234   1   ?         ? ? ? 
3 non-polymer syn 'ZINC ION'                                 65.409    1   ?         ? ? ? 
4 non-polymer syn 'DIMETHYL SULFOXIDE'                       78.133    5   ?         ? ? ? 
5 non-polymer syn 'SULFATE ION'                              96.063    1   ?         ? ? ? 
6 water       nat water                                      18.015    234 ?         ? ? ? 
# 
_entity_name_com.entity_id   1 
_entity_name_com.name        'P2A,Picornain 2A,Protein 2A' 
# 
_entity_poly.entity_id                      1 
_entity_poly.type                           'polypeptide(L)' 
_entity_poly.nstd_linkage                   no 
_entity_poly.nstd_monomer                   no 
_entity_poly.pdbx_seq_one_letter_code       
;QEQTGGSGAIYVGNYRVVNRHLATHNDWANLVWEDSSRDLLVSSTTAQGCDTIARCDCQTGVYYCSSRRKHYPVSFSKPS
LIFVEASEYYPARYQSHLMLAVGHSEPGDCGGILRCQHGVVGIVSTGGNGLVGFADVRDLLWLDEEAMEQ
;
_entity_poly.pdbx_seq_one_letter_code_can   
;QEQTGGSGAIYVGNYRVVNRHLATHNDWANLVWEDSSRDLLVSSTTAQGCDTIARCDCQTGVYYCSSRRKHYPVSFSKPS
LIFVEASEYYPARYQSHLMLAVGHSEPGDCGGILRCQHGVVGIVSTGGNGLVGFADVRDLLWLDEEAMEQ
;
_entity_poly.pdbx_strand_id                 A 
_entity_poly.pdbx_target_identifier         ? 
# 
loop_
_pdbx_entity_nonpoly.entity_id 
_pdbx_entity_nonpoly.name 
_pdbx_entity_nonpoly.comp_id 
2 2-fluoro-N,3-dimethylbenzene-1-sulfonamide PK4 
3 'ZINC ION'                                 ZN  
4 'DIMETHYL SULFOXIDE'                       DMS 
5 'SULFATE ION'                              SO4 
6 water                                      HOH 
# 
loop_
_entity_poly_seq.entity_id 
_entity_poly_seq.num 
_entity_poly_seq.mon_id 
_entity_poly_seq.hetero 
1 1   GLN n 
1 2   GLU n 
1 3   GLN n 
1 4   THR n 
1 5   GLY n 
1 6   GLY n 
1 7   SER n 
1 8   GLY n 
1 9   ALA n 
1 10  ILE n 
1 11  TYR n 
1 12  VAL n 
1 13  GLY n 
1 14  ASN n 
1 15  TYR n 
1 16  ARG n 
1 17  VAL n 
1 18  VAL n 
1 19  ASN n 
1 20  ARG n 
1 21  HIS n 
1 22  LEU n 
1 23  ALA n 
1 24  THR n 
1 25  HIS n 
1 26  ASN n 
1 27  ASP n 
1 28  TRP n 
1 29  ALA n 
1 30  ASN n 
1 31  LEU n 
1 32  VAL n 
1 33  TRP n 
1 34  GLU n 
1 35  ASP n 
1 36  SER n 
1 37  SER n 
1 38  ARG n 
1 39  ASP n 
1 40  LEU n 
1 41  LEU n 
1 42  VAL n 
1 43  SER n 
1 44  SER n 
1 45  THR n 
1 46  THR n 
1 47  ALA n 
1 48  GLN n 
1 49  GLY n 
1 50  CYS n 
1 51  ASP n 
1 52  THR n 
1 53  ILE n 
1 54  ALA n 
1 55  ARG n 
1 56  CYS n 
1 57  ASP n 
1 58  CYS n 
1 59  GLN n 
1 60  THR n 
1 61  GLY n 
1 62  VAL n 
1 63  TYR n 
1 64  TYR n 
1 65  CYS n 
1 66  SER n 
1 67  SER n 
1 68  ARG n 
1 69  ARG n 
1 70  LYS n 
1 71  HIS n 
1 72  TYR n 
1 73  PRO n 
1 74  VAL n 
1 75  SER n 
1 76  PHE n 
1 77  SER n 
1 78  LYS n 
1 79  PRO n 
1 80  SER n 
1 81  LEU n 
1 82  ILE n 
1 83  PHE n 
1 84  VAL n 
1 85  GLU n 
1 86  ALA n 
1 87  SER n 
1 88  GLU n 
1 89  TYR n 
1 90  TYR n 
1 91  PRO n 
1 92  ALA n 
1 93  ARG n 
1 94  TYR n 
1 95  GLN n 
1 96  SER n 
1 97  HIS n 
1 98  LEU n 
1 99  MET n 
1 100 LEU n 
1 101 ALA n 
1 102 VAL n 
1 103 GLY n 
1 104 HIS n 
1 105 SER n 
1 106 GLU n 
1 107 PRO n 
1 108 GLY n 
1 109 ASP n 
1 110 CYS n 
1 111 GLY n 
1 112 GLY n 
1 113 ILE n 
1 114 LEU n 
1 115 ARG n 
1 116 CYS n 
1 117 GLN n 
1 118 HIS n 
1 119 GLY n 
1 120 VAL n 
1 121 VAL n 
1 122 GLY n 
1 123 ILE n 
1 124 VAL n 
1 125 SER n 
1 126 THR n 
1 127 GLY n 
1 128 GLY n 
1 129 ASN n 
1 130 GLY n 
1 131 LEU n 
1 132 VAL n 
1 133 GLY n 
1 134 PHE n 
1 135 ALA n 
1 136 ASP n 
1 137 VAL n 
1 138 ARG n 
1 139 ASP n 
1 140 LEU n 
1 141 LEU n 
1 142 TRP n 
1 143 LEU n 
1 144 ASP n 
1 145 GLU n 
1 146 GLU n 
1 147 ALA n 
1 148 MET n 
1 149 GLU n 
1 150 GLN n 
# 
loop_
_entity_src_gen.entity_id 
_entity_src_gen.pdbx_src_id 
_entity_src_gen.pdbx_alt_source_flag 
_entity_src_gen.pdbx_seq_type 
_entity_src_gen.pdbx_beg_seq_num 
_entity_src_gen.pdbx_end_seq_num 
_entity_src_gen.gene_src_common_name 
_entity_src_gen.gene_src_genus 
_entity_src_gen.pdbx_gene_src_gene 
_entity_src_gen.gene_src_species 
_entity_src_gen.gene_src_strain 
_entity_src_gen.gene_src_tissue 
_entity_src_gen.gene_src_tissue_fraction 
_entity_src_gen.gene_src_details 
_entity_src_gen.pdbx_gene_src_fragment 
_entity_src_gen.pdbx_gene_src_scientific_name 
_entity_src_gen.pdbx_gene_src_ncbi_taxonomy_id 
_entity_src_gen.pdbx_gene_src_variant 
_entity_src_gen.pdbx_gene_src_cell_line 
_entity_src_gen.pdbx_gene_src_atcc 
_entity_src_gen.pdbx_gene_src_organ 
_entity_src_gen.pdbx_gene_src_organelle 
_entity_src_gen.pdbx_gene_src_cell 
_entity_src_gen.pdbx_gene_src_cellular_location 
_entity_src_gen.host_org_common_name 
_entity_src_gen.pdbx_host_org_scientific_name 
_entity_src_gen.pdbx_host_org_ncbi_taxonomy_id 
_entity_src_gen.host_org_genus 
_entity_src_gen.pdbx_host_org_gene 
_entity_src_gen.pdbx_host_org_organ 
_entity_src_gen.host_org_species 
_entity_src_gen.pdbx_host_org_tissue 
_entity_src_gen.pdbx_host_org_tissue_fraction 
_entity_src_gen.pdbx_host_org_strain 
_entity_src_gen.pdbx_host_org_variant 
_entity_src_gen.pdbx_host_org_cell_line 
_entity_src_gen.pdbx_host_org_atcc 
_entity_src_gen.pdbx_host_org_culture_collection 
_entity_src_gen.pdbx_host_org_cell 
_entity_src_gen.pdbx_host_org_organelle 
_entity_src_gen.pdbx_host_org_cellular_location 
_entity_src_gen.pdbx_host_org_vector_type 
_entity_src_gen.pdbx_host_org_vector 
_entity_src_gen.host_org_details 
_entity_src_gen.expression_system_id 
_entity_src_gen.plasmid_name 
_entity_src_gen.plasmid_details 
_entity_src_gen.pdbx_description 
1 1 sample 'Biological sequence' 1 150 ? ? ? ? ? ? ? ? ? 'Coxsackievirus A16' 31704 ? ? ? ? ? ? ? ? 'Escherichia coli' 562 ? ? ? ? 
? ? ? ? ? ? ? ? ? ? ? ? ? ? ? ? ? 
2 1 sample ?                     ? ?   ? ? ? ? ? ? ? ? ? 'Coxsackievirus A16' 31704 ? ? ? ? ? ? ? ? 'Escherichia coli' 562 ? ? ? ? 
? ? ? ? ? ? ? ? ? ? ? ? ? ? ? ? ? 
# 
loop_
_chem_comp.id 
_chem_comp.type 
_chem_comp.mon_nstd_flag 
_chem_comp.name 
_chem_comp.pdbx_synonyms 
_chem_comp.formula 
_chem_comp.formula_weight 
ALA 'L-peptide linking' y ALANINE                                    ? 'C3 H7 N O2'      89.093  
ARG 'L-peptide linking' y ARGININE                                   ? 'C6 H15 N4 O2 1'  175.209 
ASN 'L-peptide linking' y ASPARAGINE                                 ? 'C4 H8 N2 O3'     132.118 
ASP 'L-peptide linking' y 'ASPARTIC ACID'                            ? 'C4 H7 N O4'      133.103 
CYS 'L-peptide linking' y CYSTEINE                                   ? 'C3 H7 N O2 S'    121.158 
DMS non-polymer         . 'DIMETHYL SULFOXIDE'                       ? 'C2 H6 O S'       78.133  
GLN 'L-peptide linking' y GLUTAMINE                                  ? 'C5 H10 N2 O3'    146.144 
GLU 'L-peptide linking' y 'GLUTAMIC ACID'                            ? 'C5 H9 N O4'      147.129 
GLY 'peptide linking'   y GLYCINE                                    ? 'C2 H5 N O2'      75.067  
HIS 'L-peptide linking' y HISTIDINE                                  ? 'C6 H10 N3 O2 1'  156.162 
HOH non-polymer         . WATER                                      ? 'H2 O'            18.015  
ILE 'L-peptide linking' y ISOLEUCINE                                 ? 'C6 H13 N O2'     131.173 
LEU 'L-peptide linking' y LEUCINE                                    ? 'C6 H13 N O2'     131.173 
LYS 'L-peptide linking' y LYSINE                                     ? 'C6 H15 N2 O2 1'  147.195 
MET 'L-peptide linking' y METHIONINE                                 ? 'C5 H11 N O2 S'   149.211 
PHE 'L-peptide linking' y PHENYLALANINE                              ? 'C9 H11 N O2'     165.189 
PK4 non-polymer         . 2-fluoro-N,3-dimethylbenzene-1-sulfonamide ? 'C8 H10 F N O2 S' 203.234 
PRO 'L-peptide linking' y PROLINE                                    ? 'C5 H9 N O2'      115.130 
SER 'L-peptide linking' y SERINE                                     ? 'C3 H7 N O3'      105.093 
SO4 non-polymer         . 'SULFATE ION'                              ? 'O4 S -2'         96.063  
THR 'L-peptide linking' y THREONINE                                  ? 'C4 H9 N O3'      119.119 
TRP 'L-peptide linking' y TRYPTOPHAN                                 ? 'C11 H12 N2 O2'   204.225 
TYR 'L-peptide linking' y TYROSINE                                   ? 'C9 H11 N O3'     181.189 
VAL 'L-peptide linking' y VALINE                                     ? 'C5 H11 N O2'     117.146 
ZN  non-polymer         . 'ZINC ION'                                 ? 'Zn 2'            65.409  
# 
loop_
_pdbx_poly_seq_scheme.asym_id 
_pdbx_poly_seq_scheme.entity_id 
_pdbx_poly_seq_scheme.seq_id 
_pdbx_poly_seq_scheme.mon_id 
_pdbx_poly_seq_scheme.ndb_seq_num 
_pdbx_poly_seq_scheme.pdb_seq_num 
_pdbx_poly_seq_scheme.auth_seq_num 
_pdbx_poly_seq_scheme.pdb_mon_id 
_pdbx_poly_seq_scheme.auth_mon_id 
_pdbx_poly_seq_scheme.pdb_strand_id 
_pdbx_poly_seq_scheme.pdb_ins_code 
_pdbx_poly_seq_scheme.hetero 
A 1 1   GLN 1   1   ?   ?   ?   A . n 
A 1 2   GLU 2   2   ?   ?   ?   A . n 
A 1 3   GLN 3   3   ?   ?   ?   A . n 
A 1 4   THR 4   4   ?   ?   ?   A . n 
A 1 5   GLY 5   5   ?   ?   ?   A . n 
A 1 6   GLY 6   6   ?   ?   ?   A . n 
A 1 7   SER 7   7   7   SER SER A . n 
A 1 8   GLY 8   8   8   GLY GLY A . n 
A 1 9   ALA 9   9   9   ALA ALA A . n 
A 1 10  ILE 10  10  10  ILE ILE A . n 
A 1 11  TYR 11  11  11  TYR TYR A . n 
A 1 12  VAL 12  12  12  VAL VAL A . n 
A 1 13  GLY 13  13  13  GLY GLY A . n 
A 1 14  ASN 14  14  14  ASN ASN A . n 
A 1 15  TYR 15  15  15  TYR TYR A . n 
A 1 16  ARG 16  16  16  ARG ARG A . n 
A 1 17  VAL 17  17  17  VAL VAL A . n 
A 1 18  VAL 18  18  18  VAL VAL A . n 
A 1 19  ASN 19  19  19  ASN ASN A . n 
A 1 20  ARG 20  20  20  ARG ARG A . n 
A 1 21  HIS 21  21  21  HIS HIS A . n 
A 1 22  LEU 22  22  22  LEU LEU A . n 
A 1 23  ALA 23  23  23  ALA ALA A . n 
A 1 24  THR 24  24  24  THR THR A . n 
A 1 25  HIS 25  25  25  HIS HIS A . n 
A 1 26  ASN 26  26  26  ASN ASN A . n 
A 1 27  ASP 27  27  27  ASP ASP A . n 
A 1 28  TRP 28  28  28  TRP TRP A . n 
A 1 29  ALA 29  29  29  ALA ALA A . n 
A 1 30  ASN 30  30  30  ASN ASN A . n 
A 1 31  LEU 31  31  31  LEU LEU A . n 
A 1 32  VAL 32  32  32  VAL VAL A . n 
A 1 33  TRP 33  33  33  TRP TRP A . n 
A 1 34  GLU 34  34  34  GLU GLU A . n 
A 1 35  ASP 35  35  35  ASP ASP A . n 
A 1 36  SER 36  36  36  SER SER A . n 
A 1 37  SER 37  37  37  SER SER A . n 
A 1 38  ARG 38  38  38  ARG ARG A . n 
A 1 39  ASP 39  39  39  ASP ASP A . n 
A 1 40  LEU 40  40  40  LEU LEU A . n 
A 1 41  LEU 41  41  41  LEU LEU A . n 
A 1 42  VAL 42  42  42  VAL VAL A . n 
A 1 43  SER 43  43  43  SER SER A . n 
A 1 44  SER 44  44  44  SER SER A . n 
A 1 45  THR 45  45  45  THR THR A . n 
A 1 46  THR 46  46  46  THR THR A . n 
A 1 47  ALA 47  47  47  ALA ALA A . n 
A 1 48  GLN 48  48  48  GLN GLN A . n 
A 1 49  GLY 49  49  49  GLY GLY A . n 
A 1 50  CYS 50  50  50  CYS CYS A . n 
A 1 51  ASP 51  51  51  ASP ASP A . n 
A 1 52  THR 52  52  52  THR THR A . n 
A 1 53  ILE 53  53  53  ILE ILE A . n 
A 1 54  ALA 54  54  54  ALA ALA A . n 
A 1 55  ARG 55  55  55  ARG ARG A . n 
A 1 56  CYS 56  56  56  CYS CYS A . n 
A 1 57  ASP 57  57  57  ASP ASP A . n 
A 1 58  CYS 58  58  58  CYS CYS A . n 
A 1 59  GLN 59  59  59  GLN GLN A . n 
A 1 60  THR 60  60  60  THR THR A . n 
A 1 61  GLY 61  61  61  GLY GLY A . n 
A 1 62  VAL 62  62  62  VAL VAL A . n 
A 1 63  TYR 63  63  63  TYR TYR A . n 
A 1 64  TYR 64  64  64  TYR TYR A . n 
A 1 65  CYS 65  65  65  CYS CYS A . n 
A 1 66  SER 66  66  66  SER SER A . n 
A 1 67  SER 67  67  67  SER SER A . n 
A 1 68  ARG 68  68  68  ARG ARG A . n 
A 1 69  ARG 69  69  69  ARG ARG A . n 
A 1 70  LYS 70  70  70  LYS LYS A . n 
A 1 71  HIS 71  71  71  HIS HIS A . n 
A 1 72  TYR 72  72  72  TYR TYR A . n 
A 1 73  PRO 73  73  73  PRO PRO A . n 
A 1 74  VAL 74  74  74  VAL VAL A . n 
A 1 75  SER 75  75  75  SER SER A . n 
A 1 76  PHE 76  76  76  PHE PHE A . n 
A 1 77  SER 77  77  77  SER SER A . n 
A 1 78  LYS 78  78  78  LYS LYS A . n 
A 1 79  PRO 79  79  79  PRO PRO A . n 
A 1 80  SER 80  80  80  SER SER A . n 
A 1 81  LEU 81  81  81  LEU LEU A . n 
A 1 82  ILE 82  82  82  ILE ILE A . n 
A 1 83  PHE 83  83  83  PHE PHE A . n 
A 1 84  VAL 84  84  84  VAL VAL A . n 
A 1 85  GLU 85  85  85  GLU GLU A . n 
A 1 86  ALA 86  86  86  ALA ALA A . n 
A 1 87  SER 87  87  87  SER SER A . n 
A 1 88  GLU 88  88  88  GLU GLU A . n 
A 1 89  TYR 89  89  89  TYR TYR A . n 
A 1 90  TYR 90  90  90  TYR TYR A . n 
A 1 91  PRO 91  91  91  PRO PRO A . n 
A 1 92  ALA 92  92  92  ALA ALA A . n 
A 1 93  ARG 93  93  93  ARG ARG A . n 
A 1 94  TYR 94  94  94  TYR TYR A . n 
A 1 95  GLN 95  95  95  GLN GLN A . n 
A 1 96  SER 96  96  96  SER SER A . n 
A 1 97  HIS 97  97  97  HIS HIS A . n 
A 1 98  LEU 98  98  98  LEU LEU A . n 
A 1 99  MET 99  99  99  MET MET A . n 
A 1 100 LEU 100 100 100 LEU LEU A . n 
A 1 101 ALA 101 101 101 ALA ALA A . n 
A 1 102 VAL 102 102 102 VAL VAL A . n 
A 1 103 GLY 103 103 103 GLY GLY A . n 
A 1 104 HIS 104 104 104 HIS HIS A . n 
A 1 105 SER 105 105 105 SER SER A . n 
A 1 106 GLU 106 106 106 GLU GLU A . n 
A 1 107 PRO 107 107 107 PRO PRO A . n 
A 1 108 GLY 108 108 108 GLY GLY A . n 
A 1 109 ASP 109 109 109 ASP ASP A . n 
A 1 110 CYS 110 110 110 CYS CYS A . n 
A 1 111 GLY 111 111 111 GLY GLY A . n 
A 1 112 GLY 112 112 112 GLY GLY A . n 
A 1 113 ILE 113 113 113 ILE ILE A . n 
A 1 114 LEU 114 114 114 LEU LEU A . n 
A 1 115 ARG 115 115 115 ARG ARG A . n 
A 1 116 CYS 116 116 116 CYS CYS A . n 
A 1 117 GLN 117 117 117 GLN GLN A . n 
A 1 118 HIS 118 118 118 HIS HIS A . n 
A 1 119 GLY 119 119 119 GLY GLY A . n 
A 1 120 VAL 120 120 120 VAL VAL A . n 
A 1 121 VAL 121 121 121 VAL VAL A . n 
A 1 122 GLY 122 122 122 GLY GLY A . n 
A 1 123 ILE 123 123 123 ILE ILE A . n 
A 1 124 VAL 124 124 124 VAL VAL A . n 
A 1 125 SER 125 125 125 SER SER A . n 
A 1 126 THR 126 126 126 THR THR A . n 
A 1 127 GLY 127 127 127 GLY GLY A . n 
A 1 128 GLY 128 128 128 GLY GLY A . n 
A 1 129 ASN 129 129 129 ASN ASN A . n 
A 1 130 GLY 130 130 130 GLY GLY A . n 
A 1 131 LEU 131 131 131 LEU LEU A . n 
A 1 132 VAL 132 132 132 VAL VAL A . n 
A 1 133 GLY 133 133 133 GLY GLY A . n 
A 1 134 PHE 134 134 134 PHE PHE A . n 
A 1 135 ALA 135 135 135 ALA ALA A . n 
A 1 136 ASP 136 136 136 ASP ASP A . n 
A 1 137 VAL 137 137 137 VAL VAL A . n 
A 1 138 ARG 138 138 138 ARG ARG A . n 
A 1 139 ASP 139 139 139 ASP ASP A . n 
A 1 140 LEU 140 140 140 LEU LEU A . n 
A 1 141 LEU 141 141 141 LEU LEU A . n 
A 1 142 TRP 142 142 142 TRP TRP A . n 
A 1 143 LEU 143 143 143 LEU LEU A . n 
A 1 144 ASP 144 144 144 ASP ASP A . n 
A 1 145 GLU 145 145 145 GLU GLU A . n 
A 1 146 GLU 146 146 146 GLU GLU A . n 
A 1 147 ALA 147 147 ?   ?   ?   A . n 
A 1 148 MET 148 148 ?   ?   ?   A . n 
A 1 149 GLU 149 149 ?   ?   ?   A . n 
A 1 150 GLN 150 150 ?   ?   ?   A . n 
# 
loop_
_pdbx_nonpoly_scheme.asym_id 
_pdbx_nonpoly_scheme.entity_id 
_pdbx_nonpoly_scheme.mon_id 
_pdbx_nonpoly_scheme.ndb_seq_num 
_pdbx_nonpoly_scheme.pdb_seq_num 
_pdbx_nonpoly_scheme.auth_seq_num 
_pdbx_nonpoly_scheme.pdb_mon_id 
_pdbx_nonpoly_scheme.auth_mon_id 
_pdbx_nonpoly_scheme.pdb_strand_id 
_pdbx_nonpoly_scheme.pdb_ins_code 
B 2 PK4 1   201 147 PK4 LIG A . 
C 3 ZN  1   202 1   ZN  ZN  A . 
D 4 DMS 1   203 -1  DMS DMS A . 
E 4 DMS 1   204 0   DMS DMS A . 
F 4 DMS 1   205 1   DMS DMS A . 
G 4 DMS 1   206 3   DMS DMS A . 
H 4 DMS 1   207 6   DMS DMS A . 
I 5 SO4 1   208 1   SO4 SO4 A . 
J 6 HOH 1   301 137 HOH HOH A . 
J 6 HOH 2   302 86  HOH HOH A . 
J 6 HOH 3   303 108 HOH HOH A . 
J 6 HOH 4   304 94  HOH HOH A . 
J 6 HOH 5   305 24  HOH HOH A . 
J 6 HOH 6   306 186 HOH HOH A . 
J 6 HOH 7   307 59  HOH HOH A . 
J 6 HOH 8   308 70  HOH HOH A . 
J 6 HOH 9   309 183 HOH HOH A . 
J 6 HOH 10  310 46  HOH HOH A . 
J 6 HOH 11  311 34  HOH HOH A . 
J 6 HOH 12  312 3   HOH HOH A . 
J 6 HOH 13  313 133 HOH HOH A . 
J 6 HOH 14  314 150 HOH HOH A . 
J 6 HOH 15  315 215 HOH HOH A . 
J 6 HOH 16  316 16  HOH HOH A . 
J 6 HOH 17  317 245 HOH HOH A . 
J 6 HOH 18  318 148 HOH HOH A . 
J 6 HOH 19  319 68  HOH HOH A . 
J 6 HOH 20  320 30  HOH HOH A . 
J 6 HOH 21  321 227 HOH HOH A . 
J 6 HOH 22  322 152 HOH HOH A . 
J 6 HOH 23  323 217 HOH HOH A . 
J 6 HOH 24  324 77  HOH HOH A . 
J 6 HOH 25  325 181 HOH HOH A . 
J 6 HOH 26  326 168 HOH HOH A . 
J 6 HOH 27  327 4   HOH HOH A . 
J 6 HOH 28  328 103 HOH HOH A . 
J 6 HOH 29  329 238 HOH HOH A . 
J 6 HOH 30  330 109 HOH HOH A . 
J 6 HOH 31  331 67  HOH HOH A . 
J 6 HOH 32  332 7   HOH HOH A . 
J 6 HOH 33  333 131 HOH HOH A . 
J 6 HOH 34  334 184 HOH HOH A . 
J 6 HOH 35  335 72  HOH HOH A . 
J 6 HOH 36  336 29  HOH HOH A . 
J 6 HOH 37  337 104 HOH HOH A . 
J 6 HOH 38  338 119 HOH HOH A . 
J 6 HOH 39  339 37  HOH HOH A . 
J 6 HOH 40  340 191 HOH HOH A . 
J 6 HOH 41  341 25  HOH HOH A . 
J 6 HOH 42  342 195 HOH HOH A . 
J 6 HOH 43  343 144 HOH HOH A . 
J 6 HOH 44  344 107 HOH HOH A . 
J 6 HOH 45  345 71  HOH HOH A . 
J 6 HOH 46  346 88  HOH HOH A . 
J 6 HOH 47  347 33  HOH HOH A . 
J 6 HOH 48  348 2   HOH HOH A . 
J 6 HOH 49  349 167 HOH HOH A . 
J 6 HOH 50  350 174 HOH HOH A . 
J 6 HOH 51  351 205 HOH HOH A . 
J 6 HOH 52  352 35  HOH HOH A . 
J 6 HOH 53  353 57  HOH HOH A . 
J 6 HOH 54  354 81  HOH HOH A . 
J 6 HOH 55  355 78  HOH HOH A . 
J 6 HOH 56  356 47  HOH HOH A . 
J 6 HOH 57  357 173 HOH HOH A . 
J 6 HOH 58  358 116 HOH HOH A . 
J 6 HOH 59  359 210 HOH HOH A . 
J 6 HOH 60  360 96  HOH HOH A . 
J 6 HOH 61  361 21  HOH HOH A . 
J 6 HOH 62  362 97  HOH HOH A . 
J 6 HOH 63  363 19  HOH HOH A . 
J 6 HOH 64  364 161 HOH HOH A . 
J 6 HOH 65  365 141 HOH HOH A . 
J 6 HOH 66  366 211 HOH HOH A . 
J 6 HOH 67  367 9   HOH HOH A . 
J 6 HOH 68  368 118 HOH HOH A . 
J 6 HOH 69  369 55  HOH HOH A . 
J 6 HOH 70  370 27  HOH HOH A . 
J 6 HOH 71  371 45  HOH HOH A . 
J 6 HOH 72  372 249 HOH HOH A . 
J 6 HOH 73  373 36  HOH HOH A . 
J 6 HOH 74  374 90  HOH HOH A . 
J 6 HOH 75  375 50  HOH HOH A . 
J 6 HOH 76  376 180 HOH HOH A . 
J 6 HOH 77  377 179 HOH HOH A . 
J 6 HOH 78  378 79  HOH HOH A . 
J 6 HOH 79  379 62  HOH HOH A . 
J 6 HOH 80  380 60  HOH HOH A . 
J 6 HOH 81  381 52  HOH HOH A . 
J 6 HOH 82  382 54  HOH HOH A . 
J 6 HOH 83  383 82  HOH HOH A . 
J 6 HOH 84  384 28  HOH HOH A . 
J 6 HOH 85  385 26  HOH HOH A . 
J 6 HOH 86  386 182 HOH HOH A . 
J 6 HOH 87  387 53  HOH HOH A . 
J 6 HOH 88  388 40  HOH HOH A . 
J 6 HOH 89  389 84  HOH HOH A . 
J 6 HOH 90  390 42  HOH HOH A . 
J 6 HOH 91  391 214 HOH HOH A . 
J 6 HOH 92  392 169 HOH HOH A . 
J 6 HOH 93  393 124 HOH HOH A . 
J 6 HOH 94  394 43  HOH HOH A . 
J 6 HOH 95  395 197 HOH HOH A . 
J 6 HOH 96  396 48  HOH HOH A . 
J 6 HOH 97  397 41  HOH HOH A . 
J 6 HOH 98  398 63  HOH HOH A . 
J 6 HOH 99  399 74  HOH HOH A . 
J 6 HOH 100 400 106 HOH HOH A . 
J 6 HOH 101 401 138 HOH HOH A . 
J 6 HOH 102 402 31  HOH HOH A . 
J 6 HOH 103 403 177 HOH HOH A . 
J 6 HOH 104 404 15  HOH HOH A . 
J 6 HOH 105 405 112 HOH HOH A . 
J 6 HOH 106 406 17  HOH HOH A . 
J 6 HOH 107 407 126 HOH HOH A . 
J 6 HOH 108 408 100 HOH HOH A . 
J 6 HOH 109 409 113 HOH HOH A . 
J 6 HOH 110 410 198 HOH HOH A . 
J 6 HOH 111 411 95  HOH HOH A . 
J 6 HOH 112 412 69  HOH HOH A . 
J 6 HOH 113 413 13  HOH HOH A . 
J 6 HOH 114 414 250 HOH HOH A . 
J 6 HOH 115 415 39  HOH HOH A . 
J 6 HOH 116 416 64  HOH HOH A . 
J 6 HOH 117 417 248 HOH HOH A . 
J 6 HOH 118 418 38  HOH HOH A . 
J 6 HOH 119 419 147 HOH HOH A . 
J 6 HOH 120 420 12  HOH HOH A . 
J 6 HOH 121 421 49  HOH HOH A . 
J 6 HOH 122 422 58  HOH HOH A . 
J 6 HOH 123 423 102 HOH HOH A . 
J 6 HOH 124 424 80  HOH HOH A . 
J 6 HOH 125 425 123 HOH HOH A . 
J 6 HOH 126 426 178 HOH HOH A . 
J 6 HOH 127 427 18  HOH HOH A . 
J 6 HOH 128 428 11  HOH HOH A . 
J 6 HOH 129 429 66  HOH HOH A . 
J 6 HOH 130 430 51  HOH HOH A . 
J 6 HOH 131 431 155 HOH HOH A . 
J 6 HOH 132 432 5   HOH HOH A . 
J 6 HOH 133 433 23  HOH HOH A . 
J 6 HOH 134 434 146 HOH HOH A . 
J 6 HOH 135 435 91  HOH HOH A . 
J 6 HOH 136 436 121 HOH HOH A . 
J 6 HOH 137 437 204 HOH HOH A . 
J 6 HOH 138 438 120 HOH HOH A . 
J 6 HOH 139 439 176 HOH HOH A . 
J 6 HOH 140 440 156 HOH HOH A . 
J 6 HOH 141 441 193 HOH HOH A . 
J 6 HOH 142 442 224 HOH HOH A . 
J 6 HOH 143 443 220 HOH HOH A . 
J 6 HOH 144 444 203 HOH HOH A . 
J 6 HOH 145 445 6   HOH HOH A . 
J 6 HOH 146 446 61  HOH HOH A . 
J 6 HOH 147 447 76  HOH HOH A . 
J 6 HOH 148 448 105 HOH HOH A . 
J 6 HOH 149 449 10  HOH HOH A . 
J 6 HOH 150 450 200 HOH HOH A . 
J 6 HOH 151 451 237 HOH HOH A . 
J 6 HOH 152 452 230 HOH HOH A . 
J 6 HOH 153 453 132 HOH HOH A . 
J 6 HOH 154 454 170 HOH HOH A . 
J 6 HOH 155 455 89  HOH HOH A . 
J 6 HOH 156 456 136 HOH HOH A . 
J 6 HOH 157 457 159 HOH HOH A . 
J 6 HOH 158 458 101 HOH HOH A . 
J 6 HOH 159 459 233 HOH HOH A . 
J 6 HOH 160 460 192 HOH HOH A . 
J 6 HOH 161 461 234 HOH HOH A . 
J 6 HOH 162 462 213 HOH HOH A . 
J 6 HOH 163 463 87  HOH HOH A . 
J 6 HOH 164 464 154 HOH HOH A . 
J 6 HOH 165 465 14  HOH HOH A . 
J 6 HOH 166 466 246 HOH HOH A . 
J 6 HOH 167 467 65  HOH HOH A . 
J 6 HOH 168 468 201 HOH HOH A . 
J 6 HOH 169 469 22  HOH HOH A . 
J 6 HOH 170 470 175 HOH HOH A . 
J 6 HOH 171 471 110 HOH HOH A . 
J 6 HOH 172 472 247 HOH HOH A . 
J 6 HOH 173 473 218 HOH HOH A . 
J 6 HOH 174 474 228 HOH HOH A . 
J 6 HOH 175 475 117 HOH HOH A . 
J 6 HOH 176 476 171 HOH HOH A . 
J 6 HOH 177 477 158 HOH HOH A . 
J 6 HOH 178 478 229 HOH HOH A . 
J 6 HOH 179 479 157 HOH HOH A . 
J 6 HOH 180 480 163 HOH HOH A . 
J 6 HOH 181 481 212 HOH HOH A . 
J 6 HOH 182 482 134 HOH HOH A . 
J 6 HOH 183 483 93  HOH HOH A . 
J 6 HOH 184 484 189 HOH HOH A . 
J 6 HOH 185 485 240 HOH HOH A . 
J 6 HOH 186 486 140 HOH HOH A . 
J 6 HOH 187 487 172 HOH HOH A . 
J 6 HOH 188 488 151 HOH HOH A . 
J 6 HOH 189 489 207 HOH HOH A . 
J 6 HOH 190 490 85  HOH HOH A . 
J 6 HOH 191 491 216 HOH HOH A . 
J 6 HOH 192 492 99  HOH HOH A . 
J 6 HOH 193 493 135 HOH HOH A . 
J 6 HOH 194 494 231 HOH HOH A . 
J 6 HOH 195 495 73  HOH HOH A . 
J 6 HOH 196 496 127 HOH HOH A . 
J 6 HOH 197 497 122 HOH HOH A . 
J 6 HOH 198 498 32  HOH HOH A . 
J 6 HOH 199 499 232 HOH HOH A . 
J 6 HOH 200 500 98  HOH HOH A . 
J 6 HOH 201 501 225 HOH HOH A . 
J 6 HOH 202 502 111 HOH HOH A . 
J 6 HOH 203 503 83  HOH HOH A . 
J 6 HOH 204 504 187 HOH HOH A . 
J 6 HOH 205 505 190 HOH HOH A . 
J 6 HOH 206 506 226 HOH HOH A . 
J 6 HOH 207 507 208 HOH HOH A . 
J 6 HOH 208 508 162 HOH HOH A . 
J 6 HOH 209 509 239 HOH HOH A . 
J 6 HOH 210 510 114 HOH HOH A . 
J 6 HOH 211 511 235 HOH HOH A . 
J 6 HOH 212 512 129 HOH HOH A . 
J 6 HOH 213 513 236 HOH HOH A . 
J 6 HOH 214 514 185 HOH HOH A . 
J 6 HOH 215 515 221 HOH HOH A . 
J 6 HOH 216 516 56  HOH HOH A . 
J 6 HOH 217 517 209 HOH HOH A . 
J 6 HOH 218 518 223 HOH HOH A . 
J 6 HOH 219 519 75  HOH HOH A . 
J 6 HOH 220 520 153 HOH HOH A . 
J 6 HOH 221 521 142 HOH HOH A . 
J 6 HOH 222 522 206 HOH HOH A . 
J 6 HOH 223 523 202 HOH HOH A . 
J 6 HOH 224 524 165 HOH HOH A . 
J 6 HOH 225 525 92  HOH HOH A . 
J 6 HOH 226 526 199 HOH HOH A . 
J 6 HOH 227 527 125 HOH HOH A . 
J 6 HOH 228 528 222 HOH HOH A . 
J 6 HOH 229 529 164 HOH HOH A . 
J 6 HOH 230 530 160 HOH HOH A . 
J 6 HOH 231 531 241 HOH HOH A . 
J 6 HOH 232 532 242 HOH HOH A . 
J 6 HOH 233 533 243 HOH HOH A . 
J 6 HOH 234 534 244 HOH HOH A . 
# 
loop_
_software.classification 
_software.name 
_software.version 
_software.citation_id 
_software.pdbx_ordinal 
refinement       REFMAC  5.8.0267 ? 1 
refinement       REFMAC5 .        ? 2 
'data scaling'   Aimless .        ? 3 
phasing          PHASER  .        ? 4 
'data reduction' XDS     .        ? 5 
# 
_cell.entry_id           7H34 
_cell.length_a           85.965 
_cell.length_b           56.237 
_cell.length_c           32.392 
_cell.angle_alpha        90.00 
_cell.angle_beta         95.04 
_cell.angle_gamma        90.00 
_cell.Z_PDB              4 
_cell.pdbx_unique_axis   ? 
# 
_symmetry.entry_id                         7H34 
_symmetry.space_group_name_H-M             'C 1 2 1' 
_symmetry.pdbx_full_space_group_name_H-M   ? 
_symmetry.cell_setting                     ? 
_symmetry.Int_Tables_number                5 
# 
_exptl.entry_id          7H34 
_exptl.method            'X-RAY DIFFRACTION' 
_exptl.crystals_number   1 
# 
_exptl_crystal.id                    1 
_exptl_crystal.density_meas          ? 
_exptl_crystal.density_Matthews      2.36 
_exptl_crystal.density_percent_sol   47.98 
_exptl_crystal.description           ? 
# 
_exptl_crystal_grow.crystal_id      1 
_exptl_crystal_grow.method          'VAPOR DIFFUSION, SITTING DROP' 
_exptl_crystal_grow.pH              6.05 
_exptl_crystal_grow.temp            293.15 
_exptl_crystal_grow.pdbx_details    '0.1 M MES, pH 6.05, 16 % PEG 20,000' 
_exptl_crystal_grow.temp_details    ? 
_exptl_crystal_grow.pdbx_pH_range   ? 
# 
_diffrn.id                     1 
_diffrn.ambient_temp           100 
_diffrn.crystal_id             1 
_diffrn.ambient_temp_details   ? 
# 
_diffrn_detector.detector               PIXEL 
_diffrn_detector.type                   'DECTRIS EIGER2 XE 16M' 
_diffrn_detector.pdbx_collection_date   2023-10-11 
_diffrn_detector.diffrn_id              1 
_diffrn_detector.details                ? 
# 
_diffrn_radiation.diffrn_id                        1 
_diffrn_radiation.wavelength_id                    1 
_diffrn_radiation.pdbx_diffrn_protocol             'SINGLE WAVELENGTH' 
_diffrn_radiation.pdbx_monochromatic_or_laue_m_l   ? 
_diffrn_radiation.monochromator                    ? 
_diffrn_radiation.pdbx_scattering_type             x-ray 
# 
_diffrn_radiation_wavelength.id           1 
_diffrn_radiation_wavelength.wavelength   0.94055 
_diffrn_radiation_wavelength.wt           1.0 
# 
_diffrn_source.diffrn_id                   1 
_diffrn_source.source                      SYNCHROTRON 
_diffrn_source.type                        'DIAMOND BEAMLINE I03' 
_diffrn_source.pdbx_wavelength_list        0.94055 
_diffrn_source.pdbx_synchrotron_site       Diamond 
_diffrn_source.pdbx_synchrotron_beamline   I03 
_diffrn_source.pdbx_wavelength             ? 
# 
_reflns.entry_id                     7H34 
_reflns.pdbx_diffrn_id               1 
_reflns.pdbx_ordinal                 1 
_reflns.d_resolution_low             47.01 
_reflns.d_resolution_high            1.39 
_reflns.number_obs                   30673 
_reflns.percent_possible_obs         98.9 
_reflns.pdbx_Rmerge_I_obs            0.207 
_reflns.pdbx_netI_over_sigmaI        8.7 
_reflns.pdbx_redundancy              6.9 
_reflns.pdbx_Rrim_I_all              0.225 
_reflns.pdbx_Rpim_I_all              0.087 
_reflns.pdbx_CC_half                 0.960 
_reflns.pdbx_number_measured_all     212983 
_reflns.pdbx_chi_squared             0.52 
_reflns.observed_criterion_sigma_I   ? 
_reflns.observed_criterion_sigma_F   ? 
_reflns.number_all                   ? 
_reflns.pdbx_Rsym_value              ? 
_reflns.B_iso_Wilson_estimate        ? 
# 
_reflns_shell.pdbx_diffrn_id              1 
_reflns_shell.pdbx_ordinal                1 
_reflns_shell.d_res_high                  1.39 
_reflns_shell.d_res_low                   1.41 
_reflns_shell.number_measured_all         8959 
_reflns_shell.number_unique_obs           1409 
_reflns_shell.Rmerge_I_obs                2.967 
_reflns_shell.pdbx_chi_squared            0.20 
_reflns_shell.pdbx_redundancy             6.4 
_reflns_shell.percent_possible_obs        92.6 
_reflns_shell.pdbx_netI_over_sigmaI_obs   0.7 
_reflns_shell.pdbx_Rrim_I_all             3.241 
_reflns_shell.pdbx_Rpim_I_all             1.284 
_reflns_shell.pdbx_CC_half                0.225 
_reflns_shell.percent_possible_all        ? 
_reflns_shell.pdbx_Rsym_value             ? 
_reflns_shell.meanI_over_sigI_obs         ? 
# 
_refine.pdbx_refine_id                           'X-RAY DIFFRACTION' 
_refine.entry_id                                 7H34 
_refine.pdbx_diffrn_id                           1 
_refine.pdbx_TLS_residual_ADP_flag               ? 
_refine.ls_number_reflns_obs                     29090 
_refine.ls_number_reflns_all                     ? 
_refine.pdbx_ls_sigma_I                          ? 
_refine.pdbx_ls_sigma_F                          ? 
_refine.pdbx_data_cutoff_high_absF               ? 
_refine.pdbx_data_cutoff_low_absF                ? 
_refine.pdbx_data_cutoff_high_rms_absF           ? 
_refine.ls_d_res_low                             47.01 
_refine.ls_d_res_high                            1.39 
_refine.ls_percent_reflns_obs                    98.73 
_refine.ls_R_factor_obs                          0.24132 
_refine.ls_R_factor_all                          ? 
_refine.ls_R_factor_R_work                       0.24028 
_refine.ls_R_factor_R_free                       0.26054 
_refine.ls_R_factor_R_free_error                 ? 
_refine.ls_R_factor_R_free_error_details         ? 
_refine.ls_percent_reflns_R_free                 5.1 
_refine.ls_number_reflns_R_free                  1551 
_refine.ls_number_parameters                     ? 
_refine.ls_number_restraints                     ? 
_refine.occupancy_min                            ? 
_refine.occupancy_max                            ? 
_refine.correlation_coeff_Fo_to_Fc               0.918 
_refine.correlation_coeff_Fo_to_Fc_free          0.912 
_refine.B_iso_mean                               18.395 
_refine.aniso_B[1][1]                            0.36 
_refine.aniso_B[2][2]                            -0.03 
_refine.aniso_B[3][3]                            -0.26 
_refine.aniso_B[1][2]                            0.00 
_refine.aniso_B[1][3]                            -0.38 
_refine.aniso_B[2][3]                            0.00 
_refine.solvent_model_details                    MASK 
_refine.solvent_model_param_ksol                 ? 
_refine.solvent_model_param_bsol                 ? 
_refine.pdbx_solvent_vdw_probe_radii             1.20 
_refine.pdbx_solvent_ion_probe_radii             0.80 
_refine.pdbx_solvent_shrinkage_radii             0.80 
_refine.pdbx_ls_cross_valid_method               THROUGHOUT 
_refine.details                                  'HYDROGENS HAVE BEEN ADDED IN THE RIDING POSITIONS' 
_refine.pdbx_starting_model                      ? 
_refine.pdbx_method_to_determine_struct          'MOLECULAR REPLACEMENT' 
_refine.pdbx_isotropic_thermal_model             ? 
_refine.pdbx_stereochemistry_target_values       'MAXIMUM LIKELIHOOD' 
_refine.pdbx_stereochem_target_val_spec_case     ? 
_refine.pdbx_R_Free_selection_details            RANDOM 
_refine.pdbx_overall_ESU_R                       0.099 
_refine.pdbx_overall_ESU_R_Free                  0.093 
_refine.overall_SU_ML                            ? 
_refine.pdbx_overall_phase_error                 ? 
_refine.overall_SU_B                             ? 
_refine.overall_SU_R_Cruickshank_DPI             ? 
_refine.pdbx_overall_SU_R_free_Cruickshank_DPI   ? 
_refine.pdbx_overall_SU_R_Blow_DPI               ? 
_refine.pdbx_overall_SU_R_free_Blow_DPI          ? 
# 
_refine_hist.pdbx_refine_id                   'X-RAY DIFFRACTION' 
_refine_hist.cycle_id                         1 
_refine_hist.pdbx_number_atoms_protein        1083 
_refine_hist.pdbx_number_atoms_nucleic_acid   0 
_refine_hist.pdbx_number_atoms_ligand         39 
_refine_hist.number_atoms_solvent             234 
_refine_hist.number_atoms_total               1356 
_refine_hist.d_res_high                       1.39 
_refine_hist.d_res_low                        47.01 
# 
loop_
_refine_ls_restr.type 
_refine_ls_restr.dev_ideal 
_refine_ls_restr.dev_ideal_target 
_refine_ls_restr.weight 
_refine_ls_restr.number 
_refine_ls_restr.pdbx_refine_id 
_refine_ls_restr.pdbx_restraint_function 
r_bond_refined_d             0.015  0.014  ? 1949 'X-RAY DIFFRACTION' ? 
r_bond_other_d               0.034  0.014  ? 1511 'X-RAY DIFFRACTION' ? 
r_angle_refined_deg          2.172  1.622  ? 2245 'X-RAY DIFFRACTION' ? 
r_angle_other_deg            2.461  1.598  ? 3442 'X-RAY DIFFRACTION' ? 
r_dihedral_angle_1_deg       7.015  5.000  ? 208  'X-RAY DIFFRACTION' ? 
r_dihedral_angle_2_deg       31.554 20.337 ? 89   'X-RAY DIFFRACTION' ? 
r_dihedral_angle_3_deg       11.974 15.000 ? 250  'X-RAY DIFFRACTION' ? 
r_dihedral_angle_4_deg       20.046 15.000 ? 15   'X-RAY DIFFRACTION' ? 
r_chiral_restr               0.117  0.200  ? 196  'X-RAY DIFFRACTION' ? 
r_gen_planes_refined         0.013  0.020  ? 1986 'X-RAY DIFFRACTION' ? 
r_gen_planes_other           0.020  0.020  ? 412  'X-RAY DIFFRACTION' ? 
r_nbd_refined                ?      ?      ? ?    'X-RAY DIFFRACTION' ? 
r_nbd_other                  ?      ?      ? ?    'X-RAY DIFFRACTION' ? 
r_nbtor_refined              ?      ?      ? ?    'X-RAY DIFFRACTION' ? 
r_nbtor_other                ?      ?      ? ?    'X-RAY DIFFRACTION' ? 
r_xyhbond_nbd_refined        ?      ?      ? ?    'X-RAY DIFFRACTION' ? 
r_xyhbond_nbd_other          ?      ?      ? ?    'X-RAY DIFFRACTION' ? 
r_metal_ion_refined          ?      ?      ? ?    'X-RAY DIFFRACTION' ? 
r_metal_ion_other            ?      ?      ? ?    'X-RAY DIFFRACTION' ? 
r_symmetry_vdw_refined       ?      ?      ? ?    'X-RAY DIFFRACTION' ? 
r_symmetry_vdw_other         ?      ?      ? ?    'X-RAY DIFFRACTION' ? 
r_symmetry_hbond_refined     ?      ?      ? ?    'X-RAY DIFFRACTION' ? 
r_symmetry_hbond_other       ?      ?      ? ?    'X-RAY DIFFRACTION' ? 
r_symmetry_metal_ion_refined ?      ?      ? ?    'X-RAY DIFFRACTION' ? 
r_symmetry_metal_ion_other   ?      ?      ? ?    'X-RAY DIFFRACTION' ? 
r_mcbond_it                  1.324  1.693  ? 941  'X-RAY DIFFRACTION' ? 
r_mcbond_other               1.328  1.684  ? 936  'X-RAY DIFFRACTION' ? 
r_mcangle_it                 2.113  2.528  ? 1014 'X-RAY DIFFRACTION' ? 
r_mcangle_other              2.112  2.528  ? 1015 'X-RAY DIFFRACTION' ? 
r_scbond_it                  1.619  1.881  ? 1004 'X-RAY DIFFRACTION' ? 
r_scbond_other               1.618  1.883  ? 1005 'X-RAY DIFFRACTION' ? 
r_scangle_it                 ?      ?      ? ?    'X-RAY DIFFRACTION' ? 
r_scangle_other              2.482  2.783  ? 1226 'X-RAY DIFFRACTION' ? 
r_long_range_B_refined       5.645  22.979 ? 2049 'X-RAY DIFFRACTION' ? 
r_long_range_B_other         5.645  22.996 ? 2050 'X-RAY DIFFRACTION' ? 
r_rigid_bond_restr           ?      ?      ? ?    'X-RAY DIFFRACTION' ? 
r_sphericity_free            ?      ?      ? ?    'X-RAY DIFFRACTION' ? 
r_sphericity_bonded          ?      ?      ? ?    'X-RAY DIFFRACTION' ? 
# 
_refine_ls_shell.pdbx_refine_id                   'X-RAY DIFFRACTION' 
_refine_ls_shell.pdbx_total_number_of_bins_used   20 
_refine_ls_shell.d_res_high                       1.389 
_refine_ls_shell.d_res_low                        1.425 
_refine_ls_shell.number_reflns_R_work             2072 
_refine_ls_shell.R_factor_R_work                  0.352 
_refine_ls_shell.percent_reflns_obs               94.57 
_refine_ls_shell.R_factor_R_free                  0.387 
_refine_ls_shell.R_factor_R_free_error            ? 
_refine_ls_shell.percent_reflns_R_free            ? 
_refine_ls_shell.number_reflns_R_free             105 
_refine_ls_shell.number_reflns_all                ? 
_refine_ls_shell.R_factor_all                     ? 
# 
_struct.entry_id                  7H34 
_struct.title                     
;Group deposition for crystallographic fragment screening of Coxsackievirus A16 (G-10) 2A protease -- Crystal structure of Coxsackievirus A16 (G-10) 2A protease in complex with Z1639162606 (A71EV2A-x0305)
;
_struct.pdbx_model_details        ? 
_struct.pdbx_CASP_flag            ? 
_struct.pdbx_model_type_details   ? 
# 
_struct_keywords.entry_id        7H34 
_struct_keywords.pdbx_keywords   HYDROLASE 
_struct_keywords.text            
;Diamond Light Source, I03, ASAP, Coxsackievirus A16, crystallographic fragment screening, PanDDA, Pandda2, XChemExplorer, viral protein, HYDROLASE
;
# 
loop_
_struct_asym.id 
_struct_asym.pdbx_blank_PDB_chainid_flag 
_struct_asym.pdbx_modified 
_struct_asym.entity_id 
_struct_asym.details 
A N N 1 ? 
B N N 2 ? 
C N N 3 ? 
D N N 4 ? 
E N N 4 ? 
F N N 4 ? 
G N N 4 ? 
H N N 4 ? 
I N N 5 ? 
J N N 6 ? 
# 
_struct_ref.id                         1 
_struct_ref.db_name                    UNP 
_struct_ref.db_code                    POLG_CX16G 
_struct_ref.pdbx_db_accession          Q65900 
_struct_ref.pdbx_db_isoform            ? 
_struct_ref.entity_id                  1 
_struct_ref.pdbx_seq_one_letter_code   
;SGAIYVGNYRVVNRHLATHNDWANLVWEDSSRDLLVSSTTAQGCDTIARCDCQTGVYYCSSRRKHYPVSFSKPSLIFVEA
SEYYPARYQSHLMLAVGHSEPGDCGGILRCQHGVVGIVSTGGNGLVGFADVRDLLWLDEEAMEQ
;
_struct_ref.pdbx_align_begin           869 
# 
_struct_ref_seq.align_id                      1 
_struct_ref_seq.ref_id                        1 
_struct_ref_seq.pdbx_PDB_id_code              7H34 
_struct_ref_seq.pdbx_strand_id                A 
_struct_ref_seq.seq_align_beg                 7 
_struct_ref_seq.pdbx_seq_align_beg_ins_code   ? 
_struct_ref_seq.seq_align_end                 150 
_struct_ref_seq.pdbx_seq_align_end_ins_code   ? 
_struct_ref_seq.pdbx_db_accession             Q65900 
_struct_ref_seq.db_align_beg                  869 
_struct_ref_seq.pdbx_db_align_beg_ins_code    ? 
_struct_ref_seq.db_align_end                  1012 
_struct_ref_seq.pdbx_db_align_end_ins_code    ? 
_struct_ref_seq.pdbx_auth_seq_align_beg       7 
_struct_ref_seq.pdbx_auth_seq_align_end       150 
# 
loop_
_struct_ref_seq_dif.align_id 
_struct_ref_seq_dif.pdbx_pdb_id_code 
_struct_ref_seq_dif.mon_id 
_struct_ref_seq_dif.pdbx_pdb_strand_id 
_struct_ref_seq_dif.seq_num 
_struct_ref_seq_dif.pdbx_pdb_ins_code 
_struct_ref_seq_dif.pdbx_seq_db_name 
_struct_ref_seq_dif.pdbx_seq_db_accession_code 
_struct_ref_seq_dif.db_mon_id 
_struct_ref_seq_dif.pdbx_seq_db_seq_num 
_struct_ref_seq_dif.details 
_struct_ref_seq_dif.pdbx_auth_seq_num 
_struct_ref_seq_dif.pdbx_ordinal 
1 7H34 GLN A 1 ? UNP Q65900 ? ? 'expression tag' 1 1 
1 7H34 GLU A 2 ? UNP Q65900 ? ? 'expression tag' 2 2 
1 7H34 GLN A 3 ? UNP Q65900 ? ? 'expression tag' 3 3 
1 7H34 THR A 4 ? UNP Q65900 ? ? 'expression tag' 4 4 
1 7H34 GLY A 5 ? UNP Q65900 ? ? 'expression tag' 5 5 
1 7H34 GLY A 6 ? UNP Q65900 ? ? 'expression tag' 6 6 
# 
_pdbx_struct_assembly.id                   1 
_pdbx_struct_assembly.details              author_and_software_defined_assembly 
_pdbx_struct_assembly.method_details       PISA 
_pdbx_struct_assembly.oligomeric_details   monomeric 
_pdbx_struct_assembly.oligomeric_count     1 
# 
loop_
_pdbx_struct_assembly_prop.biol_id 
_pdbx_struct_assembly_prop.type 
_pdbx_struct_assembly_prop.value 
_pdbx_struct_assembly_prop.details 
1 'ABSA (A^2)' 840  ? 
1 MORE         -5   ? 
1 'SSA (A^2)'  7480 ? 
# 
_pdbx_struct_assembly_gen.assembly_id       1 
_pdbx_struct_assembly_gen.oper_expression   1 
_pdbx_struct_assembly_gen.asym_id_list      A,B,C,D,E,F,G,H,I,J 
# 
_pdbx_struct_oper_list.id                   1 
_pdbx_struct_oper_list.type                 'identity operation' 
_pdbx_struct_oper_list.name                 1_555 
_pdbx_struct_oper_list.symmetry_operation   x,y,z 
_pdbx_struct_oper_list.matrix[1][1]         1.0000000000 
_pdbx_struct_oper_list.matrix[1][2]         0.0000000000 
_pdbx_struct_oper_list.matrix[1][3]         0.0000000000 
_pdbx_struct_oper_list.vector[1]            0.0000000000 
_pdbx_struct_oper_list.matrix[2][1]         0.0000000000 
_pdbx_struct_oper_list.matrix[2][2]         1.0000000000 
_pdbx_struct_oper_list.matrix[2][3]         0.0000000000 
_pdbx_struct_oper_list.vector[2]            0.0000000000 
_pdbx_struct_oper_list.matrix[3][1]         0.0000000000 
_pdbx_struct_oper_list.matrix[3][2]         0.0000000000 
_pdbx_struct_oper_list.matrix[3][3]         1.0000000000 
_pdbx_struct_oper_list.vector[3]            0.0000000000 
# 
loop_
_struct_conf.conf_type_id 
_struct_conf.id 
_struct_conf.pdbx_PDB_helix_id 
_struct_conf.beg_label_comp_id 
_struct_conf.beg_label_asym_id 
_struct_conf.beg_label_seq_id 
_struct_conf.pdbx_beg_PDB_ins_code 
_struct_conf.end_label_comp_id 
_struct_conf.end_label_asym_id 
_struct_conf.end_label_seq_id 
_struct_conf.pdbx_end_PDB_ins_code 
_struct_conf.beg_auth_comp_id 
_struct_conf.beg_auth_asym_id 
_struct_conf.beg_auth_seq_id 
_struct_conf.end_auth_comp_id 
_struct_conf.end_auth_asym_id 
_struct_conf.end_auth_seq_id 
_struct_conf.pdbx_PDB_helix_class 
_struct_conf.details 
_struct_conf.pdbx_PDB_helix_length 
HELX_P HELX_P1 AA1 HIS A 21  ? ALA A 23  ? HIS A 21  ALA A 23  5 ? 3 
HELX_P HELX_P2 AA2 THR A 24  ? ASN A 30  ? THR A 24  ASN A 30  1 ? 7 
HELX_P HELX_P3 AA3 SER A 66  ? ARG A 69  ? SER A 66  ARG A 69  5 ? 4 
HELX_P HELX_P4 AA4 GLU A 106 ? CYS A 110 ? GLU A 106 CYS A 110 5 ? 5 
HELX_P HELX_P5 AA5 LEU A 140 ? GLU A 145 ? LEU A 140 GLU A 145 5 ? 6 
# 
_struct_conf_type.id          HELX_P 
_struct_conf_type.criteria    ? 
_struct_conf_type.reference   ? 
# 
loop_
_struct_conn.id 
_struct_conn.conn_type_id 
_struct_conn.pdbx_leaving_atom_flag 
_struct_conn.pdbx_PDB_id 
_struct_conn.ptnr1_label_asym_id 
_struct_conn.ptnr1_label_comp_id 
_struct_conn.ptnr1_label_seq_id 
_struct_conn.ptnr1_label_atom_id 
_struct_conn.pdbx_ptnr1_label_alt_id 
_struct_conn.pdbx_ptnr1_PDB_ins_code 
_struct_conn.pdbx_ptnr1_standard_comp_id 
_struct_conn.ptnr1_symmetry 
_struct_conn.ptnr2_label_asym_id 
_struct_conn.ptnr2_label_comp_id 
_struct_conn.ptnr2_label_seq_id 
_struct_conn.ptnr2_label_atom_id 
_struct_conn.pdbx_ptnr2_label_alt_id 
_struct_conn.pdbx_ptnr2_PDB_ins_code 
_struct_conn.ptnr1_auth_asym_id 
_struct_conn.ptnr1_auth_comp_id 
_struct_conn.ptnr1_auth_seq_id 
_struct_conn.ptnr2_auth_asym_id 
_struct_conn.ptnr2_auth_comp_id 
_struct_conn.ptnr2_auth_seq_id 
_struct_conn.ptnr2_symmetry 
_struct_conn.pdbx_ptnr3_label_atom_id 
_struct_conn.pdbx_ptnr3_label_seq_id 
_struct_conn.pdbx_ptnr3_label_comp_id 
_struct_conn.pdbx_ptnr3_label_asym_id 
_struct_conn.pdbx_ptnr3_label_alt_id 
_struct_conn.pdbx_ptnr3_PDB_ins_code 
_struct_conn.details 
_struct_conn.pdbx_dist_value 
_struct_conn.pdbx_value_order 
_struct_conn.pdbx_role 
metalc1 metalc ? ? A CYS 56  SG  ? ? ? 1_555 C ZN . ZN ? ? A CYS 56  A ZN 202 1_555 ? ? ? ? ? ? ? 2.397 ? ? 
metalc2 metalc ? ? A CYS 58  SG  ? ? ? 1_555 C ZN . ZN ? ? A CYS 58  A ZN 202 1_555 ? ? ? ? ? ? ? 2.288 ? ? 
metalc3 metalc ? ? A CYS 116 SG  ? ? ? 1_555 C ZN . ZN ? ? A CYS 116 A ZN 202 1_555 ? ? ? ? ? ? ? 2.270 ? ? 
metalc4 metalc ? ? A HIS 118 ND1 ? ? ? 1_555 C ZN . ZN ? ? A HIS 118 A ZN 202 1_555 ? ? ? ? ? ? ? 2.078 ? ? 
# 
_struct_conn_type.id          metalc 
_struct_conn_type.criteria    ? 
_struct_conn_type.reference   ? 
# 
loop_
_pdbx_struct_conn_angle.id 
_pdbx_struct_conn_angle.ptnr1_label_atom_id 
_pdbx_struct_conn_angle.ptnr1_label_alt_id 
_pdbx_struct_conn_angle.ptnr1_label_asym_id 
_pdbx_struct_conn_angle.ptnr1_label_comp_id 
_pdbx_struct_conn_angle.ptnr1_label_seq_id 
_pdbx_struct_conn_angle.ptnr1_auth_atom_id 
_pdbx_struct_conn_angle.ptnr1_auth_asym_id 
_pdbx_struct_conn_angle.ptnr1_auth_comp_id 
_pdbx_struct_conn_angle.ptnr1_auth_seq_id 
_pdbx_struct_conn_angle.ptnr1_PDB_ins_code 
_pdbx_struct_conn_angle.ptnr1_symmetry 
_pdbx_struct_conn_angle.ptnr2_label_atom_id 
_pdbx_struct_conn_angle.ptnr2_label_alt_id 
_pdbx_struct_conn_angle.ptnr2_label_asym_id 
_pdbx_struct_conn_angle.ptnr2_label_comp_id 
_pdbx_struct_conn_angle.ptnr2_label_seq_id 
_pdbx_struct_conn_angle.ptnr2_auth_atom_id 
_pdbx_struct_conn_angle.ptnr2_auth_asym_id 
_pdbx_struct_conn_angle.ptnr2_auth_comp_id 
_pdbx_struct_conn_angle.ptnr2_auth_seq_id 
_pdbx_struct_conn_angle.ptnr2_PDB_ins_code 
_pdbx_struct_conn_angle.ptnr2_symmetry 
_pdbx_struct_conn_angle.ptnr3_label_atom_id 
_pdbx_struct_conn_angle.ptnr3_label_alt_id 
_pdbx_struct_conn_angle.ptnr3_label_asym_id 
_pdbx_struct_conn_angle.ptnr3_label_comp_id 
_pdbx_struct_conn_angle.ptnr3_label_seq_id 
_pdbx_struct_conn_angle.ptnr3_auth_atom_id 
_pdbx_struct_conn_angle.ptnr3_auth_asym_id 
_pdbx_struct_conn_angle.ptnr3_auth_comp_id 
_pdbx_struct_conn_angle.ptnr3_auth_seq_id 
_pdbx_struct_conn_angle.ptnr3_PDB_ins_code 
_pdbx_struct_conn_angle.ptnr3_symmetry 
_pdbx_struct_conn_angle.value 
_pdbx_struct_conn_angle.value_esd 
1 SG ? A CYS 56  ? A CYS 56  ? 1_555 ZN ? C ZN . ? A ZN 202 ? 1_555 SG  ? A CYS 58  ? A CYS 58  ? 1_555 107.7 ? 
2 SG ? A CYS 56  ? A CYS 56  ? 1_555 ZN ? C ZN . ? A ZN 202 ? 1_555 SG  ? A CYS 116 ? A CYS 116 ? 1_555 105.5 ? 
3 SG ? A CYS 58  ? A CYS 58  ? 1_555 ZN ? C ZN . ? A ZN 202 ? 1_555 SG  ? A CYS 116 ? A CYS 116 ? 1_555 119.1 ? 
4 SG ? A CYS 56  ? A CYS 56  ? 1_555 ZN ? C ZN . ? A ZN 202 ? 1_555 ND1 ? A HIS 118 ? A HIS 118 ? 1_555 105.0 ? 
5 SG ? A CYS 58  ? A CYS 58  ? 1_555 ZN ? C ZN . ? A ZN 202 ? 1_555 ND1 ? A HIS 118 ? A HIS 118 ? 1_555 101.5 ? 
6 SG ? A CYS 116 ? A CYS 116 ? 1_555 ZN ? C ZN . ? A ZN 202 ? 1_555 ND1 ? A HIS 118 ? A HIS 118 ? 1_555 117.0 ? 
# 
loop_
_struct_sheet.id 
_struct_sheet.type 
_struct_sheet.number_strands 
_struct_sheet.details 
AA1 ? 3 ? 
AA2 ? 7 ? 
# 
loop_
_struct_sheet_order.sheet_id 
_struct_sheet_order.range_id_1 
_struct_sheet_order.range_id_2 
_struct_sheet_order.offset 
_struct_sheet_order.sense 
AA1 1 2 ? anti-parallel 
AA1 2 3 ? anti-parallel 
AA2 1 2 ? anti-parallel 
AA2 2 3 ? anti-parallel 
AA2 3 4 ? anti-parallel 
AA2 4 5 ? anti-parallel 
AA2 5 6 ? anti-parallel 
AA2 6 7 ? anti-parallel 
# 
loop_
_struct_sheet_range.sheet_id 
_struct_sheet_range.id 
_struct_sheet_range.beg_label_comp_id 
_struct_sheet_range.beg_label_asym_id 
_struct_sheet_range.beg_label_seq_id 
_struct_sheet_range.pdbx_beg_PDB_ins_code 
_struct_sheet_range.end_label_comp_id 
_struct_sheet_range.end_label_asym_id 
_struct_sheet_range.end_label_seq_id 
_struct_sheet_range.pdbx_end_PDB_ins_code 
_struct_sheet_range.beg_auth_comp_id 
_struct_sheet_range.beg_auth_asym_id 
_struct_sheet_range.beg_auth_seq_id 
_struct_sheet_range.end_auth_comp_id 
_struct_sheet_range.end_auth_asym_id 
_struct_sheet_range.end_auth_seq_id 
AA1 1 LEU A 31  ? ASP A 35  ? LEU A 31  ASP A 35  
AA1 2 LEU A 40  ? CYS A 50  ? LEU A 40  CYS A 50  
AA1 3 ILE A 10  ? ASN A 19  ? ILE A 10  ASN A 19  
AA2 1 LYS A 70  ? SER A 75  ? LYS A 70  SER A 75  
AA2 2 THR A 60  ? CYS A 65  ? THR A 60  CYS A 65  
AA2 3 ILE A 113 ? CYS A 116 ? ILE A 113 CYS A 116 
AA2 4 GLY A 119 ? THR A 126 ? GLY A 119 THR A 126 
AA2 5 LEU A 131 ? ASP A 136 ? LEU A 131 ASP A 136 
AA2 6 ARG A 93  ? VAL A 102 ? ARG A 93  VAL A 102 
AA2 7 SER A 80  ? VAL A 84  ? SER A 80  VAL A 84  
# 
loop_
_pdbx_struct_sheet_hbond.sheet_id 
_pdbx_struct_sheet_hbond.range_id_1 
_pdbx_struct_sheet_hbond.range_id_2 
_pdbx_struct_sheet_hbond.range_1_label_atom_id 
_pdbx_struct_sheet_hbond.range_1_label_comp_id 
_pdbx_struct_sheet_hbond.range_1_label_asym_id 
_pdbx_struct_sheet_hbond.range_1_label_seq_id 
_pdbx_struct_sheet_hbond.range_1_PDB_ins_code 
_pdbx_struct_sheet_hbond.range_1_auth_atom_id 
_pdbx_struct_sheet_hbond.range_1_auth_comp_id 
_pdbx_struct_sheet_hbond.range_1_auth_asym_id 
_pdbx_struct_sheet_hbond.range_1_auth_seq_id 
_pdbx_struct_sheet_hbond.range_2_label_atom_id 
_pdbx_struct_sheet_hbond.range_2_label_comp_id 
_pdbx_struct_sheet_hbond.range_2_label_asym_id 
_pdbx_struct_sheet_hbond.range_2_label_seq_id 
_pdbx_struct_sheet_hbond.range_2_PDB_ins_code 
_pdbx_struct_sheet_hbond.range_2_auth_atom_id 
_pdbx_struct_sheet_hbond.range_2_auth_comp_id 
_pdbx_struct_sheet_hbond.range_2_auth_asym_id 
_pdbx_struct_sheet_hbond.range_2_auth_seq_id 
AA1 1 2 N TRP A 33  ? N TRP A 33  O VAL A 42  ? O VAL A 42  
AA1 2 3 N LEU A 41  ? N LEU A 41  O VAL A 18  ? O VAL A 18  
AA2 1 2 O LYS A 70  ? O LYS A 70  N CYS A 65  ? N CYS A 65  
AA2 2 3 N VAL A 62  ? N VAL A 62  O ARG A 115 ? O ARG A 115 
AA2 3 4 N LEU A 114 ? N LEU A 114 O VAL A 121 ? O VAL A 121 
AA2 4 5 N SER A 125 ? N SER A 125 O GLY A 133 ? O GLY A 133 
AA2 5 6 O ASP A 136 ? O ASP A 136 N HIS A 97  ? N HIS A 97  
AA2 6 7 O GLN A 95  ? O GLN A 95  N ILE A 82  ? N ILE A 82  
# 
_pdbx_entry_details.entry_id                   7H34 
_pdbx_entry_details.compound_details           ? 
_pdbx_entry_details.source_details             ? 
_pdbx_entry_details.nonpolymer_details         ? 
_pdbx_entry_details.sequence_details           ? 
_pdbx_entry_details.has_ligand_of_interest     ? 
_pdbx_entry_details.has_protein_modification   N 
# 
loop_
_pdbx_validate_close_contact.id 
_pdbx_validate_close_contact.PDB_model_num 
_pdbx_validate_close_contact.auth_atom_id_1 
_pdbx_validate_close_contact.auth_asym_id_1 
_pdbx_validate_close_contact.auth_comp_id_1 
_pdbx_validate_close_contact.auth_seq_id_1 
_pdbx_validate_close_contact.PDB_ins_code_1 
_pdbx_validate_close_contact.label_alt_id_1 
_pdbx_validate_close_contact.auth_atom_id_2 
_pdbx_validate_close_contact.auth_asym_id_2 
_pdbx_validate_close_contact.auth_comp_id_2 
_pdbx_validate_close_contact.auth_seq_id_2 
_pdbx_validate_close_contact.PDB_ins_code_2 
_pdbx_validate_close_contact.label_alt_id_2 
_pdbx_validate_close_contact.dist 
1 1 O   A HOH 417 ? ? O A HOH 440 ? ? 1.96 
2 1 OE1 A GLU 106 ? ? O A HOH 301 ? ? 2.10 
3 1 O   A HOH 309 ? ? O A HOH 511 ? ? 2.11 
4 1 OD2 A ASP 139 ? ? O A HOH 302 ? ? 2.11 
5 1 O   A HOH 378 ? ? O A HOH 471 ? ? 2.13 
6 1 O   A HOH 469 ? ? O A HOH 487 ? ? 2.15 
# 
loop_
_pdbx_validate_symm_contact.id 
_pdbx_validate_symm_contact.PDB_model_num 
_pdbx_validate_symm_contact.auth_atom_id_1 
_pdbx_validate_symm_contact.auth_asym_id_1 
_pdbx_validate_symm_contact.auth_comp_id_1 
_pdbx_validate_symm_contact.auth_seq_id_1 
_pdbx_validate_symm_contact.PDB_ins_code_1 
_pdbx_validate_symm_contact.label_alt_id_1 
_pdbx_validate_symm_contact.site_symmetry_1 
_pdbx_validate_symm_contact.auth_atom_id_2 
_pdbx_validate_symm_contact.auth_asym_id_2 
_pdbx_validate_symm_contact.auth_comp_id_2 
_pdbx_validate_symm_contact.auth_seq_id_2 
_pdbx_validate_symm_contact.PDB_ins_code_2 
_pdbx_validate_symm_contact.label_alt_id_2 
_pdbx_validate_symm_contact.site_symmetry_2 
_pdbx_validate_symm_contact.dist 
1 1 O3  A SO4 208 ? ? 1_555 O4 A SO4 208 ? ? 2_556 0.95 
2 1 S   A SO4 208 ? ? 1_555 O3 A SO4 208 ? ? 2_556 1.61 
3 1 O3  A SO4 208 ? ? 1_555 O3 A SO4 208 ? ? 2_556 1.84 
4 1 S   A SO4 208 ? ? 1_555 S  A SO4 208 ? ? 2_556 2.03 
5 1 S   A SO4 208 ? ? 1_555 O4 A SO4 208 ? ? 2_556 2.05 
6 1 CD2 A LEU 141 ? ? 1_555 O  A HOH 301 ? ? 1_554 2.12 
# 
_pdbx_validate_rmsd_bond.id                        1 
_pdbx_validate_rmsd_bond.PDB_model_num             1 
_pdbx_validate_rmsd_bond.auth_atom_id_1            C 
_pdbx_validate_rmsd_bond.auth_asym_id_1            A 
_pdbx_validate_rmsd_bond.auth_comp_id_1            ASP 
_pdbx_validate_rmsd_bond.auth_seq_id_1             139 
_pdbx_validate_rmsd_bond.PDB_ins_code_1            ? 
_pdbx_validate_rmsd_bond.label_alt_id_1            ? 
_pdbx_validate_rmsd_bond.auth_atom_id_2            O 
_pdbx_validate_rmsd_bond.auth_asym_id_2            A 
_pdbx_validate_rmsd_bond.auth_comp_id_2            ASP 
_pdbx_validate_rmsd_bond.auth_seq_id_2             139 
_pdbx_validate_rmsd_bond.PDB_ins_code_2            ? 
_pdbx_validate_rmsd_bond.label_alt_id_2            ? 
_pdbx_validate_rmsd_bond.bond_value                1.100 
_pdbx_validate_rmsd_bond.bond_target_value         1.229 
_pdbx_validate_rmsd_bond.bond_deviation            -0.129 
_pdbx_validate_rmsd_bond.bond_standard_deviation   0.019 
_pdbx_validate_rmsd_bond.linker_flag               N 
# 
loop_
_pdbx_validate_rmsd_angle.id 
_pdbx_validate_rmsd_angle.PDB_model_num 
_pdbx_validate_rmsd_angle.auth_atom_id_1 
_pdbx_validate_rmsd_angle.auth_asym_id_1 
_pdbx_validate_rmsd_angle.auth_comp_id_1 
_pdbx_validate_rmsd_angle.auth_seq_id_1 
_pdbx_validate_rmsd_angle.PDB_ins_code_1 
_pdbx_validate_rmsd_angle.label_alt_id_1 
_pdbx_validate_rmsd_angle.auth_atom_id_2 
_pdbx_validate_rmsd_angle.auth_asym_id_2 
_pdbx_validate_rmsd_angle.auth_comp_id_2 
_pdbx_validate_rmsd_angle.auth_seq_id_2 
_pdbx_validate_rmsd_angle.PDB_ins_code_2 
_pdbx_validate_rmsd_angle.label_alt_id_2 
_pdbx_validate_rmsd_angle.auth_atom_id_3 
_pdbx_validate_rmsd_angle.auth_asym_id_3 
_pdbx_validate_rmsd_angle.auth_comp_id_3 
_pdbx_validate_rmsd_angle.auth_seq_id_3 
_pdbx_validate_rmsd_angle.PDB_ins_code_3 
_pdbx_validate_rmsd_angle.label_alt_id_3 
_pdbx_validate_rmsd_angle.angle_value 
_pdbx_validate_rmsd_angle.angle_target_value 
_pdbx_validate_rmsd_angle.angle_deviation 
_pdbx_validate_rmsd_angle.angle_standard_deviation 
_pdbx_validate_rmsd_angle.linker_flag 
1 1 CD A ARG 138 ? ? NE A ARG 138 ? ? CZ  A ARG 138 ? ? 132.67 123.60 9.07  1.40 N 
2 1 CB A LEU 141 ? ? CG A LEU 141 ? ? CD2 A LEU 141 ? ? 122.87 111.00 11.87 1.70 N 
# 
_pdbx_validate_main_chain_plane.id                       1 
_pdbx_validate_main_chain_plane.PDB_model_num            1 
_pdbx_validate_main_chain_plane.auth_comp_id             LEU 
_pdbx_validate_main_chain_plane.auth_asym_id             A 
_pdbx_validate_main_chain_plane.auth_seq_id              141 
_pdbx_validate_main_chain_plane.PDB_ins_code             ? 
_pdbx_validate_main_chain_plane.label_alt_id             ? 
_pdbx_validate_main_chain_plane.improper_torsion_angle   -10.10 
# 
loop_
_pdbx_distant_solvent_atoms.id 
_pdbx_distant_solvent_atoms.PDB_model_num 
_pdbx_distant_solvent_atoms.auth_atom_id 
_pdbx_distant_solvent_atoms.label_alt_id 
_pdbx_distant_solvent_atoms.auth_asym_id 
_pdbx_distant_solvent_atoms.auth_comp_id 
_pdbx_distant_solvent_atoms.auth_seq_id 
_pdbx_distant_solvent_atoms.PDB_ins_code 
_pdbx_distant_solvent_atoms.neighbor_macromolecule_distance 
_pdbx_distant_solvent_atoms.neighbor_ligand_distance 
1 1 O ? A HOH 533 ? 6.21 .    
2 1 O ? A HOH 534 ? .    7.00 
# 
loop_
_pdbx_unobs_or_zero_occ_residues.id 
_pdbx_unobs_or_zero_occ_residues.PDB_model_num 
_pdbx_unobs_or_zero_occ_residues.polymer_flag 
_pdbx_unobs_or_zero_occ_residues.occupancy_flag 
_pdbx_unobs_or_zero_occ_residues.auth_asym_id 
_pdbx_unobs_or_zero_occ_residues.auth_comp_id 
_pdbx_unobs_or_zero_occ_residues.auth_seq_id 
_pdbx_unobs_or_zero_occ_residues.PDB_ins_code 
_pdbx_unobs_or_zero_occ_residues.label_asym_id 
_pdbx_unobs_or_zero_occ_residues.label_comp_id 
_pdbx_unobs_or_zero_occ_residues.label_seq_id 
1  1 Y 1 A GLN 1   ? A GLN 1   
2  1 Y 1 A GLU 2   ? A GLU 2   
3  1 Y 1 A GLN 3   ? A GLN 3   
4  1 Y 1 A THR 4   ? A THR 4   
5  1 Y 1 A GLY 5   ? A GLY 5   
6  1 Y 1 A GLY 6   ? A GLY 6   
7  1 Y 1 A ALA 147 ? A ALA 147 
8  1 Y 1 A MET 148 ? A MET 148 
9  1 Y 1 A GLU 149 ? A GLU 149 
10 1 Y 1 A GLN 150 ? A GLN 150 
# 
loop_
_chem_comp_atom.comp_id 
_chem_comp_atom.atom_id 
_chem_comp_atom.type_symbol 
_chem_comp_atom.pdbx_aromatic_flag 
_chem_comp_atom.pdbx_stereo_config 
_chem_comp_atom.pdbx_ordinal 
ALA N    N  N N 1   
ALA CA   C  N S 2   
ALA C    C  N N 3   
ALA O    O  N N 4   
ALA CB   C  N N 5   
ALA OXT  O  N N 6   
ALA H    H  N N 7   
ALA H2   H  N N 8   
ALA HA   H  N N 9   
ALA HB1  H  N N 10  
ALA HB2  H  N N 11  
ALA HB3  H  N N 12  
ALA HXT  H  N N 13  
ARG N    N  N N 14  
ARG CA   C  N S 15  
ARG C    C  N N 16  
ARG O    O  N N 17  
ARG CB   C  N N 18  
ARG CG   C  N N 19  
ARG CD   C  N N 20  
ARG NE   N  N N 21  
ARG CZ   C  N N 22  
ARG NH1  N  N N 23  
ARG NH2  N  N N 24  
ARG OXT  O  N N 25  
ARG H    H  N N 26  
ARG H2   H  N N 27  
ARG HA   H  N N 28  
ARG HB2  H  N N 29  
ARG HB3  H  N N 30  
ARG HG2  H  N N 31  
ARG HG3  H  N N 32  
ARG HD2  H  N N 33  
ARG HD3  H  N N 34  
ARG HE   H  N N 35  
ARG HH11 H  N N 36  
ARG HH12 H  N N 37  
ARG HH21 H  N N 38  
ARG HH22 H  N N 39  
ARG HXT  H  N N 40  
ASN N    N  N N 41  
ASN CA   C  N S 42  
ASN C    C  N N 43  
ASN O    O  N N 44  
ASN CB   C  N N 45  
ASN CG   C  N N 46  
ASN OD1  O  N N 47  
ASN ND2  N  N N 48  
ASN OXT  O  N N 49  
ASN H    H  N N 50  
ASN H2   H  N N 51  
ASN HA   H  N N 52  
ASN HB2  H  N N 53  
ASN HB3  H  N N 54  
ASN HD21 H  N N 55  
ASN HD22 H  N N 56  
ASN HXT  H  N N 57  
ASP N    N  N N 58  
ASP CA   C  N S 59  
ASP C    C  N N 60  
ASP O    O  N N 61  
ASP CB   C  N N 62  
ASP CG   C  N N 63  
ASP OD1  O  N N 64  
ASP OD2  O  N N 65  
ASP OXT  O  N N 66  
ASP H    H  N N 67  
ASP H2   H  N N 68  
ASP HA   H  N N 69  
ASP HB2  H  N N 70  
ASP HB3  H  N N 71  
ASP HD2  H  N N 72  
ASP HXT  H  N N 73  
CYS N    N  N N 74  
CYS CA   C  N R 75  
CYS C    C  N N 76  
CYS O    O  N N 77  
CYS CB   C  N N 78  
CYS SG   S  N N 79  
CYS OXT  O  N N 80  
CYS H    H  N N 81  
CYS H2   H  N N 82  
CYS HA   H  N N 83  
CYS HB2  H  N N 84  
CYS HB3  H  N N 85  
CYS HG   H  N N 86  
CYS HXT  H  N N 87  
DMS S    S  N N 88  
DMS O    O  N N 89  
DMS C1   C  N N 90  
DMS C2   C  N N 91  
DMS H11  H  N N 92  
DMS H12  H  N N 93  
DMS H13  H  N N 94  
DMS H21  H  N N 95  
DMS H22  H  N N 96  
DMS H23  H  N N 97  
GLN N    N  N N 98  
GLN CA   C  N S 99  
GLN C    C  N N 100 
GLN O    O  N N 101 
GLN CB   C  N N 102 
GLN CG   C  N N 103 
GLN CD   C  N N 104 
GLN OE1  O  N N 105 
GLN NE2  N  N N 106 
GLN OXT  O  N N 107 
GLN H    H  N N 108 
GLN H2   H  N N 109 
GLN HA   H  N N 110 
GLN HB2  H  N N 111 
GLN HB3  H  N N 112 
GLN HG2  H  N N 113 
GLN HG3  H  N N 114 
GLN HE21 H  N N 115 
GLN HE22 H  N N 116 
GLN HXT  H  N N 117 
GLU N    N  N N 118 
GLU CA   C  N S 119 
GLU C    C  N N 120 
GLU O    O  N N 121 
GLU CB   C  N N 122 
GLU CG   C  N N 123 
GLU CD   C  N N 124 
GLU OE1  O  N N 125 
GLU OE2  O  N N 126 
GLU OXT  O  N N 127 
GLU H    H  N N 128 
GLU H2   H  N N 129 
GLU HA   H  N N 130 
GLU HB2  H  N N 131 
GLU HB3  H  N N 132 
GLU HG2  H  N N 133 
GLU HG3  H  N N 134 
GLU HE2  H  N N 135 
GLU HXT  H  N N 136 
GLY N    N  N N 137 
GLY CA   C  N N 138 
GLY C    C  N N 139 
GLY O    O  N N 140 
GLY OXT  O  N N 141 
GLY H    H  N N 142 
GLY H2   H  N N 143 
GLY HA2  H  N N 144 
GLY HA3  H  N N 145 
GLY HXT  H  N N 146 
HIS N    N  N N 147 
HIS CA   C  N S 148 
HIS C    C  N N 149 
HIS O    O  N N 150 
HIS CB   C  N N 151 
HIS CG   C  Y N 152 
HIS ND1  N  Y N 153 
HIS CD2  C  Y N 154 
HIS CE1  C  Y N 155 
HIS NE2  N  Y N 156 
HIS OXT  O  N N 157 
HIS H    H  N N 158 
HIS H2   H  N N 159 
HIS HA   H  N N 160 
HIS HB2  H  N N 161 
HIS HB3  H  N N 162 
HIS HD1  H  N N 163 
HIS HD2  H  N N 164 
HIS HE1  H  N N 165 
HIS HE2  H  N N 166 
HIS HXT  H  N N 167 
HOH O    O  N N 168 
HOH H1   H  N N 169 
HOH H2   H  N N 170 
ILE N    N  N N 171 
ILE CA   C  N S 172 
ILE C    C  N N 173 
ILE O    O  N N 174 
ILE CB   C  N S 175 
ILE CG1  C  N N 176 
ILE CG2  C  N N 177 
ILE CD1  C  N N 178 
ILE OXT  O  N N 179 
ILE H    H  N N 180 
ILE H2   H  N N 181 
ILE HA   H  N N 182 
ILE HB   H  N N 183 
ILE HG12 H  N N 184 
ILE HG13 H  N N 185 
ILE HG21 H  N N 186 
ILE HG22 H  N N 187 
ILE HG23 H  N N 188 
ILE HD11 H  N N 189 
ILE HD12 H  N N 190 
ILE HD13 H  N N 191 
ILE HXT  H  N N 192 
LEU N    N  N N 193 
LEU CA   C  N S 194 
LEU C    C  N N 195 
LEU O    O  N N 196 
LEU CB   C  N N 197 
LEU CG   C  N N 198 
LEU CD1  C  N N 199 
LEU CD2  C  N N 200 
LEU OXT  O  N N 201 
LEU H    H  N N 202 
LEU H2   H  N N 203 
LEU HA   H  N N 204 
LEU HB2  H  N N 205 
LEU HB3  H  N N 206 
LEU HG   H  N N 207 
LEU HD11 H  N N 208 
LEU HD12 H  N N 209 
LEU HD13 H  N N 210 
LEU HD21 H  N N 211 
LEU HD22 H  N N 212 
LEU HD23 H  N N 213 
LEU HXT  H  N N 214 
LYS N    N  N N 215 
LYS CA   C  N S 216 
LYS C    C  N N 217 
LYS O    O  N N 218 
LYS CB   C  N N 219 
LYS CG   C  N N 220 
LYS CD   C  N N 221 
LYS CE   C  N N 222 
LYS NZ   N  N N 223 
LYS OXT  O  N N 224 
LYS H    H  N N 225 
LYS H2   H  N N 226 
LYS HA   H  N N 227 
LYS HB2  H  N N 228 
LYS HB3  H  N N 229 
LYS HG2  H  N N 230 
LYS HG3  H  N N 231 
LYS HD2  H  N N 232 
LYS HD3  H  N N 233 
LYS HE2  H  N N 234 
LYS HE3  H  N N 235 
LYS HZ1  H  N N 236 
LYS HZ2  H  N N 237 
LYS HZ3  H  N N 238 
LYS HXT  H  N N 239 
MET N    N  N N 240 
MET CA   C  N S 241 
MET C    C  N N 242 
MET O    O  N N 243 
MET CB   C  N N 244 
MET CG   C  N N 245 
MET SD   S  N N 246 
MET CE   C  N N 247 
MET OXT  O  N N 248 
MET H    H  N N 249 
MET H2   H  N N 250 
MET HA   H  N N 251 
MET HB2  H  N N 252 
MET HB3  H  N N 253 
MET HG2  H  N N 254 
MET HG3  H  N N 255 
MET HE1  H  N N 256 
MET HE2  H  N N 257 
MET HE3  H  N N 258 
MET HXT  H  N N 259 
PHE N    N  N N 260 
PHE CA   C  N S 261 
PHE C    C  N N 262 
PHE O    O  N N 263 
PHE CB   C  N N 264 
PHE CG   C  Y N 265 
PHE CD1  C  Y N 266 
PHE CD2  C  Y N 267 
PHE CE1  C  Y N 268 
PHE CE2  C  Y N 269 
PHE CZ   C  Y N 270 
PHE OXT  O  N N 271 
PHE H    H  N N 272 
PHE H2   H  N N 273 
PHE HA   H  N N 274 
PHE HB2  H  N N 275 
PHE HB3  H  N N 276 
PHE HD1  H  N N 277 
PHE HD2  H  N N 278 
PHE HE1  H  N N 279 
PHE HE2  H  N N 280 
PHE HZ   H  N N 281 
PHE HXT  H  N N 282 
PK4 C1   C  N N 283 
PK4 C11  C  N N 284 
PK4 C12  C  Y N 285 
PK4 C10  C  Y N 286 
PK4 C6   C  Y N 287 
PK4 C7   C  Y N 288 
PK4 C8   C  Y N 289 
PK4 C9   C  Y N 290 
PK4 F13  F  N N 291 
PK4 N2   N  N N 292 
PK4 O4   O  N N 293 
PK4 O5   O  N N 294 
PK4 S3   S  N N 295 
PK4 H1   H  N N 296 
PK4 H2   H  N N 297 
PK4 H3   H  N N 298 
PK4 H4   H  N N 299 
PK4 H5   H  N N 300 
PK4 H6   H  N N 301 
PK4 H7   H  N N 302 
PK4 H8   H  N N 303 
PK4 H9   H  N N 304 
PK4 H10  H  N N 305 
PRO N    N  N N 306 
PRO CA   C  N S 307 
PRO C    C  N N 308 
PRO O    O  N N 309 
PRO CB   C  N N 310 
PRO CG   C  N N 311 
PRO CD   C  N N 312 
PRO OXT  O  N N 313 
PRO H    H  N N 314 
PRO HA   H  N N 315 
PRO HB2  H  N N 316 
PRO HB3  H  N N 317 
PRO HG2  H  N N 318 
PRO HG3  H  N N 319 
PRO HD2  H  N N 320 
PRO HD3  H  N N 321 
PRO HXT  H  N N 322 
SER N    N  N N 323 
SER CA   C  N S 324 
SER C    C  N N 325 
SER O    O  N N 326 
SER CB   C  N N 327 
SER OG   O  N N 328 
SER OXT  O  N N 329 
SER H    H  N N 330 
SER H2   H  N N 331 
SER HA   H  N N 332 
SER HB2  H  N N 333 
SER HB3  H  N N 334 
SER HG   H  N N 335 
SER HXT  H  N N 336 
SO4 S    S  N N 337 
SO4 O1   O  N N 338 
SO4 O2   O  N N 339 
SO4 O3   O  N N 340 
SO4 O4   O  N N 341 
THR N    N  N N 342 
THR CA   C  N S 343 
THR C    C  N N 344 
THR O    O  N N 345 
THR CB   C  N R 346 
THR OG1  O  N N 347 
THR CG2  C  N N 348 
THR OXT  O  N N 349 
THR H    H  N N 350 
THR H2   H  N N 351 
THR HA   H  N N 352 
THR HB   H  N N 353 
THR HG1  H  N N 354 
THR HG21 H  N N 355 
THR HG22 H  N N 356 
THR HG23 H  N N 357 
THR HXT  H  N N 358 
TRP N    N  N N 359 
TRP CA   C  N S 360 
TRP C    C  N N 361 
TRP O    O  N N 362 
TRP CB   C  N N 363 
TRP CG   C  Y N 364 
TRP CD1  C  Y N 365 
TRP CD2  C  Y N 366 
TRP NE1  N  Y N 367 
TRP CE2  C  Y N 368 
TRP CE3  C  Y N 369 
TRP CZ2  C  Y N 370 
TRP CZ3  C  Y N 371 
TRP CH2  C  Y N 372 
TRP OXT  O  N N 373 
TRP H    H  N N 374 
TRP H2   H  N N 375 
TRP HA   H  N N 376 
TRP HB2  H  N N 377 
TRP HB3  H  N N 378 
TRP HD1  H  N N 379 
TRP HE1  H  N N 380 
TRP HE3  H  N N 381 
TRP HZ2  H  N N 382 
TRP HZ3  H  N N 383 
TRP HH2  H  N N 384 
TRP HXT  H  N N 385 
TYR N    N  N N 386 
TYR CA   C  N S 387 
TYR C    C  N N 388 
TYR O    O  N N 389 
TYR CB   C  N N 390 
TYR CG   C  Y N 391 
TYR CD1  C  Y N 392 
TYR CD2  C  Y N 393 
TYR CE1  C  Y N 394 
TYR CE2  C  Y N 395 
TYR CZ   C  Y N 396 
TYR OH   O  N N 397 
TYR OXT  O  N N 398 
TYR H    H  N N 399 
TYR H2   H  N N 400 
TYR HA   H  N N 401 
TYR HB2  H  N N 402 
TYR HB3  H  N N 403 
TYR HD1  H  N N 404 
TYR HD2  H  N N 405 
TYR HE1  H  N N 406 
TYR HE2  H  N N 407 
TYR HH   H  N N 408 
TYR HXT  H  N N 409 
VAL N    N  N N 410 
VAL CA   C  N S 411 
VAL C    C  N N 412 
VAL O    O  N N 413 
VAL CB   C  N N 414 
VAL CG1  C  N N 415 
VAL CG2  C  N N 416 
VAL OXT  O  N N 417 
VAL H    H  N N 418 
VAL H2   H  N N 419 
VAL HA   H  N N 420 
VAL HB   H  N N 421 
VAL HG11 H  N N 422 
VAL HG12 H  N N 423 
VAL HG13 H  N N 424 
VAL HG21 H  N N 425 
VAL HG22 H  N N 426 
VAL HG23 H  N N 427 
VAL HXT  H  N N 428 
ZN  ZN   ZN N N 429 
# 
loop_
_chem_comp_bond.comp_id 
_chem_comp_bond.atom_id_1 
_chem_comp_bond.atom_id_2 
_chem_comp_bond.value_order 
_chem_comp_bond.pdbx_aromatic_flag 
_chem_comp_bond.pdbx_stereo_config 
_chem_comp_bond.pdbx_ordinal 
ALA N   CA   sing N N 1   
ALA N   H    sing N N 2   
ALA N   H2   sing N N 3   
ALA CA  C    sing N N 4   
ALA CA  CB   sing N N 5   
ALA CA  HA   sing N N 6   
ALA C   O    doub N N 7   
ALA C   OXT  sing N N 8   
ALA CB  HB1  sing N N 9   
ALA CB  HB2  sing N N 10  
ALA CB  HB3  sing N N 11  
ALA OXT HXT  sing N N 12  
ARG N   CA   sing N N 13  
ARG N   H    sing N N 14  
ARG N   H2   sing N N 15  
ARG CA  C    sing N N 16  
ARG CA  CB   sing N N 17  
ARG CA  HA   sing N N 18  
ARG C   O    doub N N 19  
ARG C   OXT  sing N N 20  
ARG CB  CG   sing N N 21  
ARG CB  HB2  sing N N 22  
ARG CB  HB3  sing N N 23  
ARG CG  CD   sing N N 24  
ARG CG  HG2  sing N N 25  
ARG CG  HG3  sing N N 26  
ARG CD  NE   sing N N 27  
ARG CD  HD2  sing N N 28  
ARG CD  HD3  sing N N 29  
ARG NE  CZ   sing N N 30  
ARG NE  HE   sing N N 31  
ARG CZ  NH1  sing N N 32  
ARG CZ  NH2  doub N N 33  
ARG NH1 HH11 sing N N 34  
ARG NH1 HH12 sing N N 35  
ARG NH2 HH21 sing N N 36  
ARG NH2 HH22 sing N N 37  
ARG OXT HXT  sing N N 38  
ASN N   CA   sing N N 39  
ASN N   H    sing N N 40  
ASN N   H2   sing N N 41  
ASN CA  C    sing N N 42  
ASN CA  CB   sing N N 43  
ASN CA  HA   sing N N 44  
ASN C   O    doub N N 45  
ASN C   OXT  sing N N 46  
ASN CB  CG   sing N N 47  
ASN CB  HB2  sing N N 48  
ASN CB  HB3  sing N N 49  
ASN CG  OD1  doub N N 50  
ASN CG  ND2  sing N N 51  
ASN ND2 HD21 sing N N 52  
ASN ND2 HD22 sing N N 53  
ASN OXT HXT  sing N N 54  
ASP N   CA   sing N N 55  
ASP N   H    sing N N 56  
ASP N   H2   sing N N 57  
ASP CA  C    sing N N 58  
ASP CA  CB   sing N N 59  
ASP CA  HA   sing N N 60  
ASP C   O    doub N N 61  
ASP C   OXT  sing N N 62  
ASP CB  CG   sing N N 63  
ASP CB  HB2  sing N N 64  
ASP CB  HB3  sing N N 65  
ASP CG  OD1  doub N N 66  
ASP CG  OD2  sing N N 67  
ASP OD2 HD2  sing N N 68  
ASP OXT HXT  sing N N 69  
CYS N   CA   sing N N 70  
CYS N   H    sing N N 71  
CYS N   H2   sing N N 72  
CYS CA  C    sing N N 73  
CYS CA  CB   sing N N 74  
CYS CA  HA   sing N N 75  
CYS C   O    doub N N 76  
CYS C   OXT  sing N N 77  
CYS CB  SG   sing N N 78  
CYS CB  HB2  sing N N 79  
CYS CB  HB3  sing N N 80  
CYS SG  HG   sing N N 81  
CYS OXT HXT  sing N N 82  
DMS S   O    doub N N 83  
DMS S   C1   sing N N 84  
DMS S   C2   sing N N 85  
DMS C1  H11  sing N N 86  
DMS C1  H12  sing N N 87  
DMS C1  H13  sing N N 88  
DMS C2  H21  sing N N 89  
DMS C2  H22  sing N N 90  
DMS C2  H23  sing N N 91  
GLN N   CA   sing N N 92  
GLN N   H    sing N N 93  
GLN N   H2   sing N N 94  
GLN CA  C    sing N N 95  
GLN CA  CB   sing N N 96  
GLN CA  HA   sing N N 97  
GLN C   O    doub N N 98  
GLN C   OXT  sing N N 99  
GLN CB  CG   sing N N 100 
GLN CB  HB2  sing N N 101 
GLN CB  HB3  sing N N 102 
GLN CG  CD   sing N N 103 
GLN CG  HG2  sing N N 104 
GLN CG  HG3  sing N N 105 
GLN CD  OE1  doub N N 106 
GLN CD  NE2  sing N N 107 
GLN NE2 HE21 sing N N 108 
GLN NE2 HE22 sing N N 109 
GLN OXT HXT  sing N N 110 
GLU N   CA   sing N N 111 
GLU N   H    sing N N 112 
GLU N   H2   sing N N 113 
GLU CA  C    sing N N 114 
GLU CA  CB   sing N N 115 
GLU CA  HA   sing N N 116 
GLU C   O    doub N N 117 
GLU C   OXT  sing N N 118 
GLU CB  CG   sing N N 119 
GLU CB  HB2  sing N N 120 
GLU CB  HB3  sing N N 121 
GLU CG  CD   sing N N 122 
GLU CG  HG2  sing N N 123 
GLU CG  HG3  sing N N 124 
GLU CD  OE1  doub N N 125 
GLU CD  OE2  sing N N 126 
GLU OE2 HE2  sing N N 127 
GLU OXT HXT  sing N N 128 
GLY N   CA   sing N N 129 
GLY N   H    sing N N 130 
GLY N   H2   sing N N 131 
GLY CA  C    sing N N 132 
GLY CA  HA2  sing N N 133 
GLY CA  HA3  sing N N 134 
GLY C   O    doub N N 135 
GLY C   OXT  sing N N 136 
GLY OXT HXT  sing N N 137 
HIS N   CA   sing N N 138 
HIS N   H    sing N N 139 
HIS N   H2   sing N N 140 
HIS CA  C    sing N N 141 
HIS CA  CB   sing N N 142 
HIS CA  HA   sing N N 143 
HIS C   O    doub N N 144 
HIS C   OXT  sing N N 145 
HIS CB  CG   sing N N 146 
HIS CB  HB2  sing N N 147 
HIS CB  HB3  sing N N 148 
HIS CG  ND1  sing Y N 149 
HIS CG  CD2  doub Y N 150 
HIS ND1 CE1  doub Y N 151 
HIS ND1 HD1  sing N N 152 
HIS CD2 NE2  sing Y N 153 
HIS CD2 HD2  sing N N 154 
HIS CE1 NE2  sing Y N 155 
HIS CE1 HE1  sing N N 156 
HIS NE2 HE2  sing N N 157 
HIS OXT HXT  sing N N 158 
HOH O   H1   sing N N 159 
HOH O   H2   sing N N 160 
ILE N   CA   sing N N 161 
ILE N   H    sing N N 162 
ILE N   H2   sing N N 163 
ILE CA  C    sing N N 164 
ILE CA  CB   sing N N 165 
ILE CA  HA   sing N N 166 
ILE C   O    doub N N 167 
ILE C   OXT  sing N N 168 
ILE CB  CG1  sing N N 169 
ILE CB  CG2  sing N N 170 
ILE CB  HB   sing N N 171 
ILE CG1 CD1  sing N N 172 
ILE CG1 HG12 sing N N 173 
ILE CG1 HG13 sing N N 174 
ILE CG2 HG21 sing N N 175 
ILE CG2 HG22 sing N N 176 
ILE CG2 HG23 sing N N 177 
ILE CD1 HD11 sing N N 178 
ILE CD1 HD12 sing N N 179 
ILE CD1 HD13 sing N N 180 
ILE OXT HXT  sing N N 181 
LEU N   CA   sing N N 182 
LEU N   H    sing N N 183 
LEU N   H2   sing N N 184 
LEU CA  C    sing N N 185 
LEU CA  CB   sing N N 186 
LEU CA  HA   sing N N 187 
LEU C   O    doub N N 188 
LEU C   OXT  sing N N 189 
LEU CB  CG   sing N N 190 
LEU CB  HB2  sing N N 191 
LEU CB  HB3  sing N N 192 
LEU CG  CD1  sing N N 193 
LEU CG  CD2  sing N N 194 
LEU CG  HG   sing N N 195 
LEU CD1 HD11 sing N N 196 
LEU CD1 HD12 sing N N 197 
LEU CD1 HD13 sing N N 198 
LEU CD2 HD21 sing N N 199 
LEU CD2 HD22 sing N N 200 
LEU CD2 HD23 sing N N 201 
LEU OXT HXT  sing N N 202 
LYS N   CA   sing N N 203 
LYS N   H    sing N N 204 
LYS N   H2   sing N N 205 
LYS CA  C    sing N N 206 
LYS CA  CB   sing N N 207 
LYS CA  HA   sing N N 208 
LYS C   O    doub N N 209 
LYS C   OXT  sing N N 210 
LYS CB  CG   sing N N 211 
LYS CB  HB2  sing N N 212 
LYS CB  HB3  sing N N 213 
LYS CG  CD   sing N N 214 
LYS CG  HG2  sing N N 215 
LYS CG  HG3  sing N N 216 
LYS CD  CE   sing N N 217 
LYS CD  HD2  sing N N 218 
LYS CD  HD3  sing N N 219 
LYS CE  NZ   sing N N 220 
LYS CE  HE2  sing N N 221 
LYS CE  HE3  sing N N 222 
LYS NZ  HZ1  sing N N 223 
LYS NZ  HZ2  sing N N 224 
LYS NZ  HZ3  sing N N 225 
LYS OXT HXT  sing N N 226 
MET N   CA   sing N N 227 
MET N   H    sing N N 228 
MET N   H2   sing N N 229 
MET CA  C    sing N N 230 
MET CA  CB   sing N N 231 
MET CA  HA   sing N N 232 
MET C   O    doub N N 233 
MET C   OXT  sing N N 234 
MET CB  CG   sing N N 235 
MET CB  HB2  sing N N 236 
MET CB  HB3  sing N N 237 
MET CG  SD   sing N N 238 
MET CG  HG2  sing N N 239 
MET CG  HG3  sing N N 240 
MET SD  CE   sing N N 241 
MET CE  HE1  sing N N 242 
MET CE  HE2  sing N N 243 
MET CE  HE3  sing N N 244 
MET OXT HXT  sing N N 245 
PHE N   CA   sing N N 246 
PHE N   H    sing N N 247 
PHE N   H2   sing N N 248 
PHE CA  C    sing N N 249 
PHE CA  CB   sing N N 250 
PHE CA  HA   sing N N 251 
PHE C   O    doub N N 252 
PHE C   OXT  sing N N 253 
PHE CB  CG   sing N N 254 
PHE CB  HB2  sing N N 255 
PHE CB  HB3  sing N N 256 
PHE CG  CD1  doub Y N 257 
PHE CG  CD2  sing Y N 258 
PHE CD1 CE1  sing Y N 259 
PHE CD1 HD1  sing N N 260 
PHE CD2 CE2  doub Y N 261 
PHE CD2 HD2  sing N N 262 
PHE CE1 CZ   doub Y N 263 
PHE CE1 HE1  sing N N 264 
PHE CE2 CZ   sing Y N 265 
PHE CE2 HE2  sing N N 266 
PHE CZ  HZ   sing N N 267 
PHE OXT HXT  sing N N 268 
PK4 C1  N2   sing N N 269 
PK4 N2  S3   sing N N 270 
PK4 F13 C12  sing N N 271 
PK4 C11 C10  sing N N 272 
PK4 O4  S3   doub N N 273 
PK4 C12 C10  doub Y N 274 
PK4 C12 C6   sing Y N 275 
PK4 C10 C9   sing Y N 276 
PK4 S3  C6   sing N N 277 
PK4 S3  O5   doub N N 278 
PK4 C6  C7   doub Y N 279 
PK4 C9  C8   doub Y N 280 
PK4 C7  C8   sing Y N 281 
PK4 C1  H1   sing N N 282 
PK4 C1  H2   sing N N 283 
PK4 C1  H3   sing N N 284 
PK4 C11 H4   sing N N 285 
PK4 C11 H5   sing N N 286 
PK4 C11 H6   sing N N 287 
PK4 C7  H7   sing N N 288 
PK4 C8  H8   sing N N 289 
PK4 C9  H9   sing N N 290 
PK4 N2  H10  sing N N 291 
PRO N   CA   sing N N 292 
PRO N   CD   sing N N 293 
PRO N   H    sing N N 294 
PRO CA  C    sing N N 295 
PRO CA  CB   sing N N 296 
PRO CA  HA   sing N N 297 
PRO C   O    doub N N 298 
PRO C   OXT  sing N N 299 
PRO CB  CG   sing N N 300 
PRO CB  HB2  sing N N 301 
PRO CB  HB3  sing N N 302 
PRO CG  CD   sing N N 303 
PRO CG  HG2  sing N N 304 
PRO CG  HG3  sing N N 305 
PRO CD  HD2  sing N N 306 
PRO CD  HD3  sing N N 307 
PRO OXT HXT  sing N N 308 
SER N   CA   sing N N 309 
SER N   H    sing N N 310 
SER N   H2   sing N N 311 
SER CA  C    sing N N 312 
SER CA  CB   sing N N 313 
SER CA  HA   sing N N 314 
SER C   O    doub N N 315 
SER C   OXT  sing N N 316 
SER CB  OG   sing N N 317 
SER CB  HB2  sing N N 318 
SER CB  HB3  sing N N 319 
SER OG  HG   sing N N 320 
SER OXT HXT  sing N N 321 
SO4 S   O1   doub N N 322 
SO4 S   O2   doub N N 323 
SO4 S   O3   sing N N 324 
SO4 S   O4   sing N N 325 
THR N   CA   sing N N 326 
THR N   H    sing N N 327 
THR N   H2   sing N N 328 
THR CA  C    sing N N 329 
THR CA  CB   sing N N 330 
THR CA  HA   sing N N 331 
THR C   O    doub N N 332 
THR C   OXT  sing N N 333 
THR CB  OG1  sing N N 334 
THR CB  CG2  sing N N 335 
THR CB  HB   sing N N 336 
THR OG1 HG1  sing N N 337 
THR CG2 HG21 sing N N 338 
THR CG2 HG22 sing N N 339 
THR CG2 HG23 sing N N 340 
THR OXT HXT  sing N N 341 
TRP N   CA   sing N N 342 
TRP N   H    sing N N 343 
TRP N   H2   sing N N 344 
TRP CA  C    sing N N 345 
TRP CA  CB   sing N N 346 
TRP CA  HA   sing N N 347 
TRP C   O    doub N N 348 
TRP C   OXT  sing N N 349 
TRP CB  CG   sing N N 350 
TRP CB  HB2  sing N N 351 
TRP CB  HB3  sing N N 352 
TRP CG  CD1  doub Y N 353 
TRP CG  CD2  sing Y N 354 
TRP CD1 NE1  sing Y N 355 
TRP CD1 HD1  sing N N 356 
TRP CD2 CE2  doub Y N 357 
TRP CD2 CE3  sing Y N 358 
TRP NE1 CE2  sing Y N 359 
TRP NE1 HE1  sing N N 360 
TRP CE2 CZ2  sing Y N 361 
TRP CE3 CZ3  doub Y N 362 
TRP CE3 HE3  sing N N 363 
TRP CZ2 CH2  doub Y N 364 
TRP CZ2 HZ2  sing N N 365 
TRP CZ3 CH2  sing Y N 366 
TRP CZ3 HZ3  sing N N 367 
TRP CH2 HH2  sing N N 368 
TRP OXT HXT  sing N N 369 
TYR N   CA   sing N N 370 
TYR N   H    sing N N 371 
TYR N   H2   sing N N 372 
TYR CA  C    sing N N 373 
TYR CA  CB   sing N N 374 
TYR CA  HA   sing N N 375 
TYR C   O    doub N N 376 
TYR C   OXT  sing N N 377 
TYR CB  CG   sing N N 378 
TYR CB  HB2  sing N N 379 
TYR CB  HB3  sing N N 380 
TYR CG  CD1  doub Y N 381 
TYR CG  CD2  sing Y N 382 
TYR CD1 CE1  sing Y N 383 
TYR CD1 HD1  sing N N 384 
TYR CD2 CE2  doub Y N 385 
TYR CD2 HD2  sing N N 386 
TYR CE1 CZ   doub Y N 387 
TYR CE1 HE1  sing N N 388 
TYR CE2 CZ   sing Y N 389 
TYR CE2 HE2  sing N N 390 
TYR CZ  OH   sing N N 391 
TYR OH  HH   sing N N 392 
TYR OXT HXT  sing N N 393 
VAL N   CA   sing N N 394 
VAL N   H    sing N N 395 
VAL N   H2   sing N N 396 
VAL CA  C    sing N N 397 
VAL CA  CB   sing N N 398 
VAL CA  HA   sing N N 399 
VAL C   O    doub N N 400 
VAL C   OXT  sing N N 401 
VAL CB  CG1  sing N N 402 
VAL CB  CG2  sing N N 403 
VAL CB  HB   sing N N 404 
VAL CG1 HG11 sing N N 405 
VAL CG1 HG12 sing N N 406 
VAL CG1 HG13 sing N N 407 
VAL CG2 HG21 sing N N 408 
VAL CG2 HG22 sing N N 409 
VAL CG2 HG23 sing N N 410 
VAL OXT HXT  sing N N 411 
# 
_pdbx_audit_support.funding_organization   
'National Institutes of Health/National Institute Of Allergy and Infectious Diseases (NIH/NIAID)' 
_pdbx_audit_support.country                'United States' 
_pdbx_audit_support.grant_number           U19AI171399 
_pdbx_audit_support.ordinal                1 
# 
_pdbx_deposit_group.group_id            G_1002288 
_pdbx_deposit_group.group_description   'Crystallographic fragment screening of Coxsackievirus A16 (G-10) 2A protease' 
_pdbx_deposit_group.group_title         
'Group deposition for crystallographic fragment screening of Coxsackievirus A16 (G-10) 2A protease' 
_pdbx_deposit_group.group_type          'changed state' 
# 
_atom_sites.entry_id                    7H34 
_atom_sites.fract_transf_matrix[1][1]   -0.00810417 
_atom_sites.fract_transf_matrix[1][2]   -0.00466860 
_atom_sites.fract_transf_matrix[1][3]   -0.00699313 
_atom_sites.fract_transf_matrix[2][1]   -0.00912390 
_atom_sites.fract_transf_matrix[2][2]   -0.00549255 
_atom_sites.fract_transf_matrix[2][3]   0.01424029 
_atom_sites.fract_transf_matrix[3][1]   -0.01748191 
_atom_sites.fract_transf_matrix[3][2]   0.02555544 
_atom_sites.fract_transf_matrix[3][3]   -0.00134397 
_atom_sites.fract_transf_vector[1]      0.185967 
_atom_sites.fract_transf_vector[2]      0.123841 
_atom_sites.fract_transf_vector[3]      0.450085 
# 
loop_
_atom_type.symbol 
C  
F  
N  
O  
S  
ZN 
# 
loop_
_atom_site.group_PDB 
_atom_site.id 
_atom_site.type_symbol 
_atom_site.label_atom_id 
_atom_site.label_alt_id 
_atom_site.label_comp_id 
_atom_site.label_asym_id 
_atom_site.label_entity_id 
_atom_site.label_seq_id 
_atom_site.pdbx_PDB_ins_code 
_atom_site.Cartn_x 
_atom_site.Cartn_y 
_atom_site.Cartn_z 
_atom_site.occupancy 
_atom_site.B_iso_or_equiv 
_atom_site.pdbx_formal_charge 
_atom_site.auth_seq_id 
_atom_site.auth_comp_id 
_atom_site.auth_asym_id 
_atom_site.auth_atom_id 
_atom_site.pdbx_PDB_model_num 
ATOM   1    N  N   . SER A 1 7   ? -7.734  6.912   -2.820  1.00 18.16 ? 7   SER A N   1 
ATOM   2    C  CA  . SER A 1 7   ? -8.096  5.649   -3.453  1.00 17.94 ? 7   SER A CA  1 
ATOM   3    C  C   . SER A 1 7   ? -6.963  5.156   -4.355  1.00 18.28 ? 7   SER A C   1 
ATOM   4    O  O   . SER A 1 7   ? -6.055  5.949   -4.718  1.00 21.27 ? 7   SER A O   1 
ATOM   5    C  CB  . SER A 1 7   ? -9.370  5.809   -4.254  1.00 19.53 ? 7   SER A CB  1 
ATOM   6    O  OG  . SER A 1 7   ? -9.140  6.781   -5.244  1.00 23.38 ? 7   SER A OG  1 
ATOM   7    N  N   . GLY A 1 8   ? -7.005  3.878   -4.668  1.00 16.77 ? 8   GLY A N   1 
ATOM   8    C  CA  . GLY A 1 8   ? -6.065  3.252   -5.583  1.00 16.48 ? 8   GLY A CA  1 
ATOM   9    C  C   . GLY A 1 8   ? -5.818  1.806   -5.246  1.00 14.66 ? 8   GLY A C   1 
ATOM   10   O  O   . GLY A 1 8   ? -6.075  1.370   -4.124  1.00 16.67 ? 8   GLY A O   1 
ATOM   11   N  N   . ALA A 1 9   ? -5.412  1.057   -6.247  1.00 14.31 ? 9   ALA A N   1 
ATOM   12   C  CA  . ALA A 1 9   ? -5.140  -0.379  -6.117  1.00 15.23 ? 9   ALA A CA  1 
ATOM   13   C  C   . ALA A 1 9   ? -3.916  -0.754  -6.926  1.00 14.60 ? 9   ALA A C   1 
ATOM   14   O  O   . ALA A 1 9   ? -3.514  0.003   -7.836  1.00 15.35 ? 9   ALA A O   1 
ATOM   15   C  CB  . ALA A 1 9   ? -6.313  -1.204  -6.564  1.00 15.92 ? 9   ALA A CB  1 
ATOM   16   N  N   . ILE A 1 10  ? -3.373  -1.910  -6.587  1.00 15.13 ? 10  ILE A N   1 
ATOM   17   C  CA  . ILE A 1 10  ? -2.362  -2.606  -7.422  1.00 16.46 ? 10  ILE A CA  1 
ATOM   18   C  C   . ILE A 1 10  ? -3.094  -3.703  -8.169  1.00 18.01 ? 10  ILE A C   1 
ATOM   19   O  O   . ILE A 1 10  ? -3.839  -4.485  -7.517  1.00 18.29 ? 10  ILE A O   1 
ATOM   20   C  CB  . ILE A 1 10  ? -1.200  -3.189  -6.596  1.00 15.17 ? 10  ILE A CB  1 
ATOM   21   C  CG1 . ILE A 1 10  ? -0.644  -2.187  -5.582  1.00 15.79 ? 10  ILE A CG1 1 
ATOM   22   C  CG2 . ILE A 1 10  ? -0.106  -3.712  -7.518  1.00 15.77 ? 10  ILE A CG2 1 
ATOM   23   C  CD1 . ILE A 1 10  ? 0.260   -2.833  -4.555  1.00 13.59 ? 10  ILE A CD1 1 
ATOM   24   N  N   . TYR A 1 11  ? -2.785  -3.840  -9.463  1.00 17.77 ? 11  TYR A N   1 
ATOM   25   C  CA  . TYR A 1 11  ? -3.399  -4.840  -10.364 1.00 18.82 ? 11  TYR A CA  1 
ATOM   26   C  C   . TYR A 1 11  ? -2.249  -5.663  -10.914 1.00 20.06 ? 11  TYR A C   1 
ATOM   27   O  O   . TYR A 1 11  ? -1.551  -5.201  -11.860 1.00 19.72 ? 11  TYR A O   1 
ATOM   28   C  CB  . TYR A 1 11  ? -4.234  -4.179  -11.468 1.00 20.55 ? 11  TYR A CB  1 
ATOM   29   C  CG  . TYR A 1 11  ? -5.448  -3.472  -10.931 1.00 19.23 ? 11  TYR A CG  1 
ATOM   30   C  CD1 . TYR A 1 11  ? -6.588  -4.187  -10.590 1.00 22.59 ? 11  TYR A CD1 1 
ATOM   31   C  CD2 . TYR A 1 11  ? -5.446  -2.117  -10.729 1.00 21.11 ? 11  TYR A CD2 1 
ATOM   32   C  CE1 . TYR A 1 11  ? -7.702  -3.554  -10.063 1.00 19.56 ? 11  TYR A CE1 1 
ATOM   33   C  CE2 . TYR A 1 11  ? -6.553  -1.460  -10.210 1.00 20.46 ? 11  TYR A CE2 1 
ATOM   34   C  CZ  . TYR A 1 11  ? -7.683  -2.189  -9.857  1.00 20.15 ? 11  TYR A CZ  1 
ATOM   35   O  OH  . TYR A 1 11  ? -8.773  -1.526  -9.363  1.00 20.59 ? 11  TYR A OH  1 
ATOM   36   N  N   . VAL A 1 12  ? -2.056  -6.800  -10.276 1.00 18.38 ? 12  VAL A N   1 
ATOM   37   C  CA  . VAL A 1 12  ? -0.955  -7.754  -10.591 1.00 19.67 ? 12  VAL A CA  1 
ATOM   38   C  C   . VAL A 1 12  ? -1.563  -9.114  -10.909 1.00 22.00 ? 12  VAL A C   1 
ATOM   39   O  O   . VAL A 1 12  ? -2.269  -9.679  -10.083 1.00 23.96 ? 12  VAL A O   1 
ATOM   40   C  CB  . VAL A 1 12  ? 0.113   -7.840  -9.480  1.00 19.71 ? 12  VAL A CB  1 
ATOM   41   C  CG1 . VAL A 1 12  ? -0.407  -8.252  -8.116  1.00 18.73 ? 12  VAL A CG1 1 
ATOM   42   C  CG2 . VAL A 1 12  ? 1.241   -8.772  -9.896  1.00 20.97 ? 12  VAL A CG2 1 
ATOM   43   N  N   . GLY A 1 13  ? -1.264  -9.664  -12.090 1.00 22.70 ? 13  GLY A N   1 
ATOM   44   C  CA  . GLY A 1 13  ? -1.940  -10.890 -12.532 1.00 22.58 ? 13  GLY A CA  1 
ATOM   45   C  C   . GLY A 1 13  ? -3.446  -10.742 -12.411 1.00 20.61 ? 13  GLY A C   1 
ATOM   46   O  O   . GLY A 1 13  ? -3.978  -9.764  -12.952 1.00 22.40 ? 13  GLY A O   1 
ATOM   47   N  N   . ASN A 1 14  ? -4.090  -11.677 -11.725 1.00 22.35 ? 14  ASN A N   1 
ATOM   48   C  CA  . ASN A 1 14  ? -5.566  -11.684 -11.526 1.00 24.57 ? 14  ASN A CA  1 
ATOM   49   C  C   . ASN A 1 14  ? -5.890  -11.261 -10.091 1.00 23.78 ? 14  ASN A C   1 
ATOM   50   O  O   . ASN A 1 14  ? -6.882  -11.747 -9.531  1.00 23.82 ? 14  ASN A O   1 
ATOM   51   C  CB  . ASN A 1 14  ? -6.195  -13.024 -11.915 1.00 26.85 ? 14  ASN A CB  1 
ATOM   52   C  CG  . ASN A 1 14  ? -6.269  -13.179 -13.426 1.00 27.95 ? 14  ASN A CG  1 
ATOM   53   O  OD1 . ASN A 1 14  ? -7.279  -12.846 -14.048 1.00 31.84 ? 14  ASN A OD1 1 
ATOM   54   N  ND2 . ASN A 1 14  ? -5.176  -13.618 -14.025 1.00 25.93 ? 14  ASN A ND2 1 
ATOM   55   N  N   . TYR A 1 15  ? -5.059  -10.387 -9.512  1.00 23.18 ? 15  TYR A N   1 
ATOM   56   C  CA  . TYR A 1 15  ? -5.209  -9.907  -8.118  1.00 19.62 ? 15  TYR A CA  1 
ATOM   57   C  C   . TYR A 1 15  ? -5.355  -8.384  -8.151  1.00 18.72 ? 15  TYR A C   1 
ATOM   58   O  O   . TYR A 1 15  ? -4.778  -7.634  -9.002  1.00 18.18 ? 15  TYR A O   1 
ATOM   59   C  CB  . TYR A 1 15  ? -4.016  -10.302 -7.239  1.00 20.46 ? 15  TYR A CB  1 
ATOM   60   C  CG  . TYR A 1 15  ? -3.746  -11.779 -7.075  1.00 21.41 ? 15  TYR A CG  1 
ATOM   61   C  CD1 . TYR A 1 15  ? -4.707  -12.630 -6.562  1.00 23.83 ? 15  TYR A CD1 1 
ATOM   62   C  CD2 . TYR A 1 15  ? -2.516  -12.336 -7.414  1.00 22.45 ? 15  TYR A CD2 1 
ATOM   63   C  CE1 . TYR A 1 15  ? -4.477  -13.980 -6.377  1.00 25.64 ? 15  TYR A CE1 1 
ATOM   64   C  CE2 . TYR A 1 15  ? -2.262  -13.688 -7.228  1.00 22.51 ? 15  TYR A CE2 1 
ATOM   65   C  CZ  . TYR A 1 15  ? -3.242  -14.514 -6.702  1.00 25.27 ? 15  TYR A CZ  1 
ATOM   66   O  OH  . TYR A 1 15  ? -3.030  -15.843 -6.507  1.00 28.20 ? 15  TYR A OH  1 
ATOM   67   N  N   . ARG A 1 16  ? -6.165  -7.912  -7.210  1.00 16.96 ? 16  ARG A N   1 
ATOM   68   C  CA  . ARG A 1 16  ? -6.387  -6.494  -6.926  1.00 16.85 ? 16  ARG A CA  1 
ATOM   69   C  C   . ARG A 1 16  ? -5.986  -6.285  -5.474  1.00 16.12 ? 16  ARG A C   1 
ATOM   70   O  O   . ARG A 1 16  ? -6.542  -6.985  -4.610  1.00 16.95 ? 16  ARG A O   1 
ATOM   71   C  CB  . ARG A 1 16  ? -7.866  -6.148  -7.116  1.00 17.30 ? 16  ARG A CB  1 
ATOM   72   C  CG  . ARG A 1 16  ? -8.289  -4.791  -6.574  1.00 18.03 ? 16  ARG A CG  1 
ATOM   73   C  CD  . ARG A 1 16  ? -9.718  -4.487  -7.012  1.00 19.34 ? 16  ARG A CD  1 
ATOM   74   N  NE  . ARG A 1 16  ? -10.470 -3.747  -6.020  1.00 17.10 ? 16  ARG A NE  1 
ATOM   75   C  CZ  . ARG A 1 16  ? -10.542 -2.445  -5.897  1.00 18.19 ? 16  ARG A CZ  1 
ATOM   76   N  NH1 . ARG A 1 16  ? -9.918  -1.623  -6.748  1.00 20.00 ? 16  ARG A NH1 1 
ATOM   77   N  NH2 . ARG A 1 16  ? -11.286 -1.963  -4.923  1.00 18.35 ? 16  ARG A NH2 1 
ATOM   78   N  N   . VAL A 1 17  ? -4.974  -5.451  -5.231  1.00 14.24 ? 17  VAL A N   1 
ATOM   79   C  CA  . VAL A 1 17  ? -4.468  -5.175  -3.863  1.00 12.42 ? 17  VAL A CA  1 
ATOM   80   C  C   . VAL A 1 17  ? -4.960  -3.786  -3.474  1.00 12.25 ? 17  VAL A C   1 
ATOM   81   O  O   . VAL A 1 17  ? -4.594  -2.818  -4.152  1.00 12.81 ? 17  VAL A O   1 
ATOM   82   C  CB  . VAL A 1 17  ? -2.933  -5.269  -3.780  1.00 12.21 ? 17  VAL A CB  1 
ATOM   83   C  CG1 . VAL A 1 17  ? -2.531  -5.164  -2.299  1.00 12.60 ? 17  VAL A CG1 1 
ATOM   84   C  CG2 . VAL A 1 17  ? -2.411  -6.527  -4.458  1.00 12.41 ? 17  VAL A CG2 1 
ATOM   85   N  N   . VAL A 1 18  ? -5.728  -3.711  -2.388  1.00 11.35 ? 18  VAL A N   1 
ATOM   86   C  CA  . VAL A 1 18  ? -6.316  -2.453  -1.894  1.00 12.33 ? 18  VAL A CA  1 
ATOM   87   C  C   . VAL A 1 18  ? -6.043  -2.298  -0.422  1.00 11.62 ? 18  VAL A C   1 
ATOM   88   O  O   . VAL A 1 18  ? -5.787  -3.269  0.241   1.00 12.39 ? 18  VAL A O   1 
ATOM   89   C  CB  . VAL A 1 18  ? -7.824  -2.367  -2.154  1.00 12.73 ? 18  VAL A CB  1 
ATOM   90   C  CG1 . VAL A 1 18  ? -8.061  -2.152  -3.630  1.00 14.94 ? 18  VAL A CG1 1 
ATOM   91   C  CG2 . VAL A 1 18  ? -8.597  -3.556  -1.594  1.00 12.31 ? 18  VAL A CG2 1 
ATOM   92   N  N   . ASN A 1 19  ? -6.158  -1.074  0.053   1.00 11.73 ? 19  ASN A N   1 
ATOM   93   C  CA  . ASN A 1 19  ? -6.209  -0.861  1.516   1.00 11.70 ? 19  ASN A CA  1 
ATOM   94   C  C   . ASN A 1 19  ? -7.416  -1.616  2.066   1.00 12.12 ? 19  ASN A C   1 
ATOM   95   O  O   . ASN A 1 19  ? -8.515  -1.450  1.504   1.00 12.28 ? 19  ASN A O   1 
ATOM   96   C  CB  . ASN A 1 19  ? -6.415  0.617   1.844   1.00 11.43 ? 19  ASN A CB  1 
ATOM   97   C  CG  . ASN A 1 19  ? -5.272  1.466   1.340   1.00 11.16 ? 19  ASN A CG  1 
ATOM   98   O  OD1 . ASN A 1 19  ? -5.305  2.025   0.257   1.00 12.75 ? 19  ASN A OD1 1 
ATOM   99   N  ND2 . ASN A 1 19  ? -4.233  1.567   2.155   1.00 11.78 ? 19  ASN A ND2 1 
ATOM   100  N  N   . ARG A 1 20  ? -7.214  -2.434  3.076   1.00 11.93 ? 20  ARG A N   1 
ATOM   101  C  CA  . ARG A 1 20  ? -8.326  -3.185  3.695   1.00 12.49 ? 20  ARG A CA  1 
ATOM   102  C  C   . ARG A 1 20  ? -9.483  -2.242  4.062   1.00 13.32 ? 20  ARG A C   1 
ATOM   103  O  O   . ARG A 1 20  ? -10.682 -2.618  3.821   1.00 13.21 ? 20  ARG A O   1 
ATOM   104  C  CB  . ARG A 1 20  ? -7.870  -3.928  4.934   1.00 12.93 ? 20  ARG A CB  1 
ATOM   105  C  CG  . ARG A 1 20  ? -8.903  -4.906  5.489   1.00 13.78 ? 20  ARG A CG  1 
ATOM   106  C  CD  . ARG A 1 20  ? -8.352  -5.557  6.735   1.00 14.66 ? 20  ARG A CD  1 
ATOM   107  N  NE  . ARG A 1 20  ? -9.227  -6.533  7.390   1.00 16.00 ? 20  ARG A NE  1 
ATOM   108  C  CZ  . ARG A 1 20  ? -10.273 -6.250  8.177   1.00 16.72 ? 20  ARG A CZ  1 
ATOM   109  N  NH1 . ARG A 1 20  ? -10.679 -5.010  8.405   1.00 18.90 ? 20  ARG A NH1 1 
ATOM   110  N  NH2 . ARG A 1 20  ? -10.945 -7.250  8.755   1.00 19.54 ? 20  ARG A NH2 1 
ATOM   111  N  N   . HIS A 1 21  ? -9.186  -1.020  4.513   1.00 13.91 ? 21  HIS A N   1 
ATOM   112  C  CA  . HIS A 1 21  ? -10.247 -0.092  4.980   1.00 15.49 ? 21  HIS A CA  1 
ATOM   113  C  C   . HIS A 1 21  ? -11.012 0.478   3.802   1.00 15.59 ? 21  HIS A C   1 
ATOM   114  O  O   . HIS A 1 21  ? -12.063 1.093   4.061   1.00 16.88 ? 21  HIS A O   1 
ATOM   115  C  CB  . HIS A 1 21  ? -9.714  0.999   5.920   1.00 15.26 ? 21  HIS A CB  1 
ATOM   116  C  CG  . HIS A 1 21  ? -8.888  2.060   5.279   1.00 16.54 ? 21  HIS A CG  1 
ATOM   117  N  ND1 . HIS A 1 21  ? -7.542  1.906   5.070   1.00 13.88 ? 21  HIS A ND1 1 
ATOM   118  C  CD2 . HIS A 1 21  ? -9.205  3.296   4.832   1.00 17.33 ? 21  HIS A CD2 1 
ATOM   119  C  CE1 . HIS A 1 21  ? -7.078  3.003   4.509   1.00 17.39 ? 21  HIS A CE1 1 
ATOM   120  N  NE2 . HIS A 1 21  ? -8.057  3.870   4.366   1.00 16.28 ? 21  HIS A NE2 1 
ATOM   121  N  N   . LEU A 1 22  ? -10.520 0.334   2.572   1.00 13.15 ? 22  LEU A N   1 
ATOM   122  C  CA  . LEU A 1 22  ? -11.234 0.795   1.372   1.00 14.50 ? 22  LEU A CA  1 
ATOM   123  C  C   . LEU A 1 22  ? -11.771 -0.370  0.549   1.00 13.94 ? 22  LEU A C   1 
ATOM   124  O  O   . LEU A 1 22  ? -12.414 -0.070  -0.498  1.00 14.38 ? 22  LEU A O   1 
ATOM   125  C  CB  . LEU A 1 22  ? -10.310 1.685   0.532   1.00 15.52 ? 22  LEU A CB  1 
ATOM   126  C  CG  . LEU A 1 22  ? -9.844  2.961   1.227   1.00 15.45 ? 22  LEU A CG  1 
ATOM   127  C  CD1 . LEU A 1 22  ? -8.960  3.780   0.299   1.00 16.31 ? 22  LEU A CD1 1 
ATOM   128  C  CD2 . LEU A 1 22  ? -11.055 3.799   1.726   1.00 15.83 ? 22  LEU A CD2 1 
ATOM   129  N  N   . ALA A 1 23  ? -11.643 -1.621  1.004   1.00 12.78 ? 23  ALA A N   1 
ATOM   130  C  CA  . ALA A 1 23  ? -12.173 -2.764  0.241   1.00 13.38 ? 23  ALA A CA  1 
ATOM   131  C  C   . ALA A 1 23  ? -13.702 -2.624  0.086   1.00 14.55 ? 23  ALA A C   1 
ATOM   132  O  O   . ALA A 1 23  ? -14.359 -2.185  1.023   1.00 14.71 ? 23  ALA A O   1 
ATOM   133  C  CB  . ALA A 1 23  ? -11.749 -4.065  0.886   1.00 13.88 ? 23  ALA A CB  1 
ATOM   134  N  N   . THR A 1 24  ? -14.212 -2.997  -1.074  1.00 14.96 ? 24  THR A N   1 
ATOM   135  C  CA  . THR A 1 24  ? -15.657 -2.910  -1.392  1.00 16.30 ? 24  THR A CA  1 
ATOM   136  C  C   . THR A 1 24  ? -16.329 -4.219  -0.999  1.00 17.26 ? 24  THR A C   1 
ATOM   137  O  O   . THR A 1 24  ? -15.657 -5.264  -0.727  1.00 15.20 ? 24  THR A O   1 
ATOM   138  C  CB  . THR A 1 24  ? -15.816 -2.621  -2.891  1.00 16.34 ? 24  THR A CB  1 
ATOM   139  O  OG1 . THR A 1 24  ? -15.309 -3.740  -3.612  1.00 16.00 ? 24  THR A OG1 1 
ATOM   140  C  CG2 . THR A 1 24  ? -15.138 -1.331  -3.313  1.00 16.24 ? 24  THR A CG2 1 
ATOM   141  N  N   . HIS A 1 25  ? -17.654 -4.250  -1.081  1.00 16.41 ? 25  HIS A N   1 
ATOM   142  C  CA  . HIS A 1 25  ? -18.330 -5.555  -0.898  1.00 18.28 ? 25  HIS A CA  1 
ATOM   143  C  C   . HIS A 1 25  ? -17.827 -6.553  -1.942  1.00 15.62 ? 25  HIS A C   1 
ATOM   144  O  O   . HIS A 1 25  ? -17.649 -7.710  -1.590  1.00 16.19 ? 25  HIS A O   1 
ATOM   145  C  CB  . HIS A 1 25  ? -19.840 -5.407  -0.979  1.00 19.40 ? 25  HIS A CB  1 
ATOM   146  C  CG  . HIS A 1 25  ? -20.513 -6.714  -1.229  1.00 20.62 ? 25  HIS A CG  1 
ATOM   147  N  ND1 . HIS A 1 25  ? -20.854 -7.567  -0.207  1.00 20.57 ? 25  HIS A ND1 1 
ATOM   148  C  CD2 . HIS A 1 25  ? -20.868 -7.336  -2.382  1.00 21.97 ? 25  HIS A CD2 1 
ATOM   149  C  CE1 . HIS A 1 25  ? -21.475 -8.603  -0.690  1.00 20.91 ? 25  HIS A CE1 1 
ATOM   150  N  NE2 . HIS A 1 25  ? -21.477 -8.508  -2.028  1.00 23.31 ? 25  HIS A NE2 1 
ATOM   151  N  N   . ASN A 1 26  ? -17.672 -6.143  -3.212  1.00 15.38 ? 26  ASN A N   1 
ATOM   152  C  CA  . ASN A 1 26  ? -17.199 -7.062  -4.271  1.00 18.37 ? 26  ASN A CA  1 
ATOM   153  C  C   . ASN A 1 26  ? -15.808 -7.591  -3.878  1.00 17.45 ? 26  ASN A C   1 
ATOM   154  O  O   . ASN A 1 26  ? -15.525 -8.810  -4.035  1.00 16.29 ? 26  ASN A O   1 
ATOM   155  C  CB  . ASN A 1 26  ? -17.162 -6.396  -5.646  1.00 20.36 ? 26  ASN A CB  1 
ATOM   156  C  CG  . ASN A 1 26  ? -16.719 -7.387  -6.713  1.00 25.92 ? 26  ASN A CG  1 
ATOM   157  O  OD1 . ASN A 1 26  ? -17.501 -8.233  -7.147  1.00 29.84 ? 26  ASN A OD1 1 
ATOM   158  N  ND2 . ASN A 1 26  ? -15.454 -7.341  -7.098  1.00 29.52 ? 26  ASN A ND2 1 
ATOM   159  N  N   . ASP A 1 27  ? -14.937 -6.741  -3.328  1.00 16.97 ? 27  ASP A N   1 
ATOM   160  C  CA  . ASP A 1 27  ? -13.612 -7.256  -2.859  1.00 14.87 ? 27  ASP A CA  1 
ATOM   161  C  C   . ASP A 1 27  ? -13.807 -8.391  -1.836  1.00 14.41 ? 27  ASP A C   1 
ATOM   162  O  O   . ASP A 1 27  ? -13.119 -9.463  -1.913  1.00 14.64 ? 27  ASP A O   1 
ATOM   163  C  CB  . ASP A 1 27  ? -12.706 -6.157  -2.288  1.00 15.18 ? 27  ASP A CB  1 
ATOM   164  C  CG  . ASP A 1 27  ? -12.197 -5.153  -3.317  1.00 14.61 ? 27  ASP A CG  1 
ATOM   165  O  OD1 . ASP A 1 27  ? -11.811 -5.590  -4.414  1.00 16.35 ? 27  ASP A OD1 1 
ATOM   166  O  OD2 . ASP A 1 27  ? -12.192 -3.944  -3.027  1.00 14.45 ? 27  ASP A OD2 1 
ATOM   167  N  N   . TRP A 1 28  ? -14.619 -8.160  -0.810  1.00 14.16 ? 28  TRP A N   1 
ATOM   168  C  CA  . TRP A 1 28  ? -14.847 -9.149  0.268   1.00 13.43 ? 28  TRP A CA  1 
ATOM   169  C  C   . TRP A 1 28  ? -15.534 -10.398 -0.302  1.00 14.19 ? 28  TRP A C   1 
ATOM   170  O  O   . TRP A 1 28  ? -15.221 -11.498 0.154   1.00 14.65 ? 28  TRP A O   1 
ATOM   171  C  CB  . TRP A 1 28  ? -15.652 -8.549  1.421   1.00 13.63 ? 28  TRP A CB  1 
ATOM   172  C  CG  . TRP A 1 28  ? -14.844 -7.676  2.331   1.00 12.49 ? 28  TRP A CG  1 
ATOM   173  C  CD1 . TRP A 1 28  ? -14.844 -6.314  2.405   1.00 13.06 ? 28  TRP A CD1 1 
ATOM   174  C  CD2 . TRP A 1 28  ? -14.023 -8.133  3.401   1.00 12.34 ? 28  TRP A CD2 1 
ATOM   175  N  NE1 . TRP A 1 28  ? -14.010 -5.891  3.408   1.00 11.97 ? 28  TRP A NE1 1 
ATOM   176  C  CE2 . TRP A 1 28  ? -13.476 -6.999  4.031   1.00 12.72 ? 28  TRP A CE2 1 
ATOM   177  C  CE3 . TRP A 1 28  ? -13.651 -9.416  3.842   1.00 12.06 ? 28  TRP A CE3 1 
ATOM   178  C  CZ2 . TRP A 1 28  ? -12.575 -7.126  5.094   1.00 12.38 ? 28  TRP A CZ2 1 
ATOM   179  C  CZ3 . TRP A 1 28  ? -12.770 -9.521  4.885   1.00 12.37 ? 28  TRP A CZ3 1 
ATOM   180  C  CH2 . TRP A 1 28  ? -12.237 -8.393  5.506   1.00 12.66 ? 28  TRP A CH2 1 
ATOM   181  N  N   . ALA A 1 29  ? -16.363 -10.234 -1.335  1.00 15.47 ? 29  ALA A N   1 
ATOM   182  C  CA  . ALA A 1 29  ? -17.104 -11.361 -1.949  1.00 17.08 ? 29  ALA A CA  1 
ATOM   183  C  C   . ALA A 1 29  ? -16.180 -12.198 -2.835  1.00 19.50 ? 29  ALA A C   1 
ATOM   184  O  O   . ALA A 1 29  ? -16.550 -13.361 -3.163  1.00 20.03 ? 29  ALA A O   1 
ATOM   185  C  CB  . ALA A 1 29  ? -18.285 -10.852 -2.733  1.00 15.38 ? 29  ALA A CB  1 
ATOM   186  N  N   . ASN A 1 30  ? -15.006 -11.647 -3.198  1.00 21.74 ? 30  ASN A N   1 
ATOM   187  C  CA  . ASN A 1 30  ? -14.010 -12.292 -4.096  1.00 20.64 ? 30  ASN A CA  1 
ATOM   188  C  C   . ASN A 1 30  ? -12.656 -12.261 -3.399  1.00 20.81 ? 30  ASN A C   1 
ATOM   189  O  O   . ASN A 1 30  ? -11.620 -12.024 -4.071  1.00 20.45 ? 30  ASN A O   1 
ATOM   190  C  CB  . ASN A 1 30  ? -13.999 -11.586 -5.454  1.00 21.24 ? 30  ASN A CB  1 
ATOM   191  C  CG  . ASN A 1 30  ? -15.330 -11.758 -6.172  1.00 22.12 ? 30  ASN A CG  1 
ATOM   192  O  OD1 . ASN A 1 30  ? -15.561 -12.819 -6.730  1.00 26.51 ? 30  ASN A OD1 1 
ATOM   193  N  ND2 . ASN A 1 30  ? -16.215 -10.780 -6.100  1.00 22.96 ? 30  ASN A ND2 1 
ATOM   194  N  N   . LEU A 1 31  ? -12.665 -12.521 -2.093  1.00 20.45 ? 31  LEU A N   1 
ATOM   195  C  CA  . LEU A 1 31  ? -11.494 -12.342 -1.209  1.00 18.56 ? 31  LEU A CA  1 
ATOM   196  C  C   . LEU A 1 31  ? -10.460 -13.412 -1.534  1.00 20.71 ? 31  LEU A C   1 
ATOM   197  O  O   . LEU A 1 31  ? -10.811 -14.617 -1.577  1.00 21.12 ? 31  LEU A O   1 
ATOM   198  C  CB  . LEU A 1 31  ? -11.923 -12.467 0.253   1.00 17.46 ? 31  LEU A CB  1 
ATOM   199  C  CG  . LEU A 1 31  ? -10.788 -12.267 1.264   1.00 16.46 ? 31  LEU A CG  1 
ATOM   200  C  CD1 . LEU A 1 31  ? -10.280 -10.832 1.178   1.00 17.63 ? 31  LEU A CD1 1 
ATOM   201  C  CD2 . LEU A 1 31  ? -11.228 -12.563 2.677   1.00 16.81 ? 31  LEU A CD2 1 
ATOM   202  N  N   . VAL A 1 32  ? -9.192  -13.002 -1.627  1.00 20.20 ? 32  VAL A N   1 
ATOM   203  C  CA  . VAL A 1 32  ? -8.031  -13.926 -1.658  1.00 19.72 ? 32  VAL A CA  1 
ATOM   204  C  C   . VAL A 1 32  ? -7.344  -13.934 -0.284  1.00 19.72 ? 32  VAL A C   1 
ATOM   205  O  O   . VAL A 1 32  ? -7.023  -15.006 0.252   1.00 20.16 ? 32  VAL A O   1 
ATOM   206  C  CB  . VAL A 1 32  ? -7.083  -13.519 -2.801  1.00 18.99 ? 32  VAL A CB  1 
ATOM   207  C  CG1 . VAL A 1 32  ? -5.818  -14.347 -2.756  1.00 19.80 ? 32  VAL A CG1 1 
ATOM   208  C  CG2 . VAL A 1 32  ? -7.781  -13.571 -4.148  1.00 21.11 ? 32  VAL A CG2 1 
ATOM   209  N  N   . TRP A 1 33  ? -7.108  -12.761 0.314   1.00 16.97 ? 33  TRP A N   1 
ATOM   210  C  CA  . TRP A 1 33  ? -6.308  -12.655 1.558   1.00 18.94 ? 33  TRP A CA  1 
ATOM   211  C  C   . TRP A 1 33  ? -6.540  -11.270 2.154   1.00 16.34 ? 33  TRP A C   1 
ATOM   212  O  O   . TRP A 1 33  ? -6.669  -10.347 1.369   1.00 15.90 ? 33  TRP A O   1 
ATOM   213  C  CB  . TRP A 1 33  ? -4.820  -12.939 1.282   1.00 19.44 ? 33  TRP A CB  1 
ATOM   214  C  CG  . TRP A 1 33  ? -3.862  -12.610 2.381   1.00 19.35 ? 33  TRP A CG  1 
ATOM   215  C  CD1 . TRP A 1 33  ? -3.494  -13.406 3.425   1.00 21.89 ? 33  TRP A CD1 1 
ATOM   216  C  CD2 . TRP A 1 33  ? -3.098  -11.396 2.523   1.00 19.91 ? 33  TRP A CD2 1 
ATOM   217  N  NE1 . TRP A 1 33  ? -2.572  -12.773 4.225   1.00 23.06 ? 33  TRP A NE1 1 
ATOM   218  C  CE2 . TRP A 1 33  ? -2.325  -11.531 3.701   1.00 21.91 ? 33  TRP A CE2 1 
ATOM   219  C  CE3 . TRP A 1 33  ? -3.058  -10.185 1.830   1.00 18.43 ? 33  TRP A CE3 1 
ATOM   220  C  CZ2 . TRP A 1 33  ? -1.444  -10.539 4.134   1.00 21.93 ? 33  TRP A CZ2 1 
ATOM   221  C  CZ3 . TRP A 1 33  ? -2.185  -9.201  2.268   1.00 19.30 ? 33  TRP A CZ3 1 
ATOM   222  C  CH2 . TRP A 1 33  ? -1.391  -9.382  3.394   1.00 19.09 ? 33  TRP A CH2 1 
ATOM   223  N  N   . GLU A 1 34  ? -6.604  -11.170 3.470   1.00 15.69 ? 34  GLU A N   1 
ATOM   224  C  CA  . GLU A 1 34  ? -6.697  -9.850  4.137   1.00 16.12 ? 34  GLU A CA  1 
ATOM   225  C  C   . GLU A 1 34  ? -5.956  -9.924  5.460   1.00 16.38 ? 34  GLU A C   1 
ATOM   226  O  O   . GLU A 1 34  ? -5.830  -11.045 6.054   1.00 19.22 ? 34  GLU A O   1 
ATOM   227  C  CB  . GLU A 1 34  ? -8.135  -9.342  4.310   1.00 17.47 ? 34  GLU A CB  1 
ATOM   228  C  CG  . GLU A 1 34  ? -9.058  -10.289 5.073   1.00 17.79 ? 34  GLU A CG  1 
ATOM   229  C  CD  . GLU A 1 34  ? -8.976  -10.287 6.597   1.00 19.05 ? 34  GLU A CD  1 
ATOM   230  O  OE1 . GLU A 1 34  ? -9.295  -11.337 7.208   1.00 20.20 ? 34  GLU A OE1 1 
ATOM   231  O  OE2 . GLU A 1 34  ? -8.578  -9.255  7.162   1.00 18.31 ? 34  GLU A OE2 1 
ATOM   232  N  N   . ASP A 1 35  ? -5.394  -8.789  5.863   1.00 16.90 ? 35  ASP A N   1 
ATOM   233  C  CA  . ASP A 1 35  ? -4.651  -8.645  7.145   1.00 16.67 ? 35  ASP A CA  1 
ATOM   234  C  C   . ASP A 1 35  ? -4.918  -7.246  7.702   1.00 17.97 ? 35  ASP A C   1 
ATOM   235  O  O   . ASP A 1 35  ? -4.489  -6.286  7.090   1.00 15.60 ? 35  ASP A O   1 
ATOM   236  C  CB  . ASP A 1 35  ? -3.168  -8.932  6.899   1.00 16.76 ? 35  ASP A CB  1 
ATOM   237  C  CG  . ASP A 1 35  ? -2.317  -8.928  8.140   1.00 17.57 ? 35  ASP A CG  1 
ATOM   238  O  OD1 . ASP A 1 35  ? -2.480  -8.028  8.994   1.00 22.42 ? 35  ASP A OD1 1 
ATOM   239  O  OD2 . ASP A 1 35  ? -1.433  -9.806  8.192   1.00 23.10 ? 35  ASP A OD2 1 
ATOM   240  N  N   A SER A 1 36  ? -5.675  -7.121  8.803   0.13 17.41 ? 36  SER A N   1 
ATOM   241  N  N   B SER A 1 36  ? -5.675  -7.121  8.803   0.13 17.41 ? 36  SER A N   1 
ATOM   242  C  CA  A SER A 1 36  ? -6.030  -5.814  9.411   0.13 17.54 ? 36  SER A CA  1 
ATOM   243  C  CA  B SER A 1 36  ? -6.030  -5.803  9.391   0.13 19.22 ? 36  SER A CA  1 
ATOM   244  C  C   A SER A 1 36  ? -4.771  -5.110  9.914   0.13 17.50 ? 36  SER A C   1 
ATOM   245  C  C   B SER A 1 36  ? -4.771  -5.110  9.914   0.13 17.50 ? 36  SER A C   1 
ATOM   246  O  O   A SER A 1 36  ? -4.697  -3.900  9.811   0.13 18.51 ? 36  SER A O   1 
ATOM   247  O  O   B SER A 1 36  ? -4.697  -3.900  9.811   0.13 18.51 ? 36  SER A O   1 
ATOM   248  C  CB  A SER A 1 36  ? -6.993  -5.961  10.561  0.13 16.61 ? 36  SER A CB  1 
ATOM   249  C  CB  B SER A 1 36  ? -7.044  -5.946  10.494  0.13 20.27 ? 36  SER A CB  1 
ATOM   250  O  OG  A SER A 1 36  ? -7.190  -4.699  11.170  0.13 14.87 ? 36  SER A OG  1 
ATOM   251  O  OG  B SER A 1 36  ? -6.920  -7.218  11.094  0.13 23.11 ? 36  SER A OG  1 
ATOM   252  N  N   . SER A 1 37  ? -3.857  -5.879  10.481  1.00 17.90 ? 37  SER A N   1 
ATOM   253  C  CA  . SER A 1 37  ? -2.626  -5.299  11.075  1.00 19.30 ? 37  SER A CA  1 
ATOM   254  C  C   . SER A 1 37  ? -1.818  -4.615  9.968   1.00 18.40 ? 37  SER A C   1 
ATOM   255  O  O   . SER A 1 37  ? -1.122  -3.656  10.299  1.00 19.00 ? 37  SER A O   1 
ATOM   256  C  CB  . SER A 1 37  ? -1.793  -6.333  11.773  1.00 21.18 ? 37  SER A CB  1 
ATOM   257  O  OG  . SER A 1 37  ? -1.160  -7.189  10.841  1.00 26.16 ? 37  SER A OG  1 
ATOM   258  N  N   . ARG A 1 38  ? -2.020  -5.083  8.744   0.26 15.84 ? 38  ARG A N   1 
ATOM   259  C  CA  . ARG A 1 38  ? -1.233  -4.518  7.599   0.26 15.45 ? 38  ARG A CA  1 
ATOM   260  C  C   . ARG A 1 38  ? -2.044  -3.526  6.727   0.26 15.92 ? 38  ARG A C   1 
ATOM   261  O  O   . ARG A 1 38  ? -1.515  -2.938  5.788   0.26 15.48 ? 38  ARG A O   1 
ATOM   262  C  CB  . ARG A 1 38  ? -0.599  -5.561  6.656   0.26 16.40 ? 38  ARG A CB  1 
ATOM   263  C  CG  . ARG A 1 38  ? 0.110   -6.739  7.305   0.26 16.22 ? 38  ARG A CG  1 
ATOM   264  C  CD  . ARG A 1 38  ? 0.680   -7.767  6.417   0.26 15.29 ? 38  ARG A CD  1 
ATOM   265  N  NE  . ARG A 1 38  ? 1.380   -7.078  5.283   0.26 14.24 ? 38  ARG A NE  1 
ATOM   266  C  CZ  . ARG A 1 38  ? 2.373   -7.669  4.579   0.26 14.99 ? 38  ARG A CZ  1 
ATOM   267  N  NH1 . ARG A 1 38  ? 2.696   -8.911  4.895   0.26 15.63 ? 38  ARG A NH1 1 
ATOM   268  N  NH2 . ARG A 1 38  ? 3.005   -7.049  3.583   0.26 16.07 ? 38  ARG A NH2 1 
ATOM   269  N  N   . ASP A 1 39  ? -3.309  -3.353  7.062   1.00 15.30 ? 39  ASP A N   1 
ATOM   270  C  CA  . ASP A 1 39  ? -4.237  -2.560  6.240   1.00 13.91 ? 39  ASP A CA  1 
ATOM   271  C  C   . ASP A 1 39  ? -4.235  -3.065  4.803   1.00 12.53 ? 39  ASP A C   1 
ATOM   272  O  O   . ASP A 1 39  ? -4.360  -2.227  3.931   1.00 12.58 ? 39  ASP A O   1 
ATOM   273  C  CB  . ASP A 1 39  ? -3.948  -1.050  6.333   1.00 14.15 ? 39  ASP A CB  1 
ATOM   274  C  CG  . ASP A 1 39  ? -4.986  -0.183  5.635   1.00 15.15 ? 39  ASP A CG  1 
ATOM   275  O  OD1 . ASP A 1 39  ? -6.183  -0.556  5.656   1.00 14.39 ? 39  ASP A OD1 1 
ATOM   276  O  OD2 . ASP A 1 39  ? -4.592  0.821   5.003   1.00 14.53 ? 39  ASP A OD2 1 
ATOM   277  N  N   . LEU A 1 40  ? -4.177  -4.384  4.541   1.00 12.40 ? 40  LEU A N   1 
ATOM   278  C  CA  . LEU A 1 40  ? -4.193  -4.873  3.148   1.00 12.59 ? 40  LEU A CA  1 
ATOM   279  C  C   . LEU A 1 40  ? -5.332  -5.860  2.951   1.00 12.59 ? 40  LEU A C   1 
ATOM   280  O  O   . LEU A 1 40  ? -5.620  -6.668  3.849   1.00 13.39 ? 40  LEU A O   1 
ATOM   281  C  CB  . LEU A 1 40  ? -2.860  -5.546  2.791   1.00 12.70 ? 40  LEU A CB  1 
ATOM   282  C  CG  . LEU A 1 40  ? -1.664  -4.632  2.542   1.00 13.48 ? 40  LEU A CG  1 
ATOM   283  C  CD1 . LEU A 1 40  ? -0.460  -5.489  2.189   1.00 12.67 ? 40  LEU A CD1 1 
ATOM   284  C  CD2 . LEU A 1 40  ? -1.916  -3.629  1.427   1.00 13.01 ? 40  LEU A CD2 1 
ATOM   285  N  N   . LEU A 1 41  ? -5.903  -5.790  1.762   1.00 12.56 ? 41  LEU A N   1 
ATOM   286  C  CA  . LEU A 1 41  ? -6.844  -6.813  1.271   1.00 12.74 ? 41  LEU A CA  1 
ATOM   287  C  C   . LEU A 1 41  ? -6.547  -7.103  -0.208  1.00 13.21 ? 41  LEU A C   1 
ATOM   288  O  O   . LEU A 1 41  ? -6.230  -6.175  -0.999  1.00 13.34 ? 41  LEU A O   1 
ATOM   289  C  CB  . LEU A 1 41  ? -8.284  -6.362  1.536   1.00 12.91 ? 41  LEU A CB  1 
ATOM   290  C  CG  . LEU A 1 41  ? -9.364  -7.391  1.185   1.00 13.16 ? 41  LEU A CG  1 
ATOM   291  C  CD1 . LEU A 1 41  ? -10.553 -7.319  2.121   1.00 12.86 ? 41  LEU A CD1 1 
ATOM   292  C  CD2 . LEU A 1 41  ? -9.807  -7.211  -0.253  1.00 13.24 ? 41  LEU A CD2 1 
ATOM   293  N  N   . VAL A 1 42  ? -6.607  -8.390  -0.558  1.00 13.52 ? 42  VAL A N   1 
ATOM   294  C  CA  . VAL A 1 42  ? -6.421  -8.826  -1.965  1.00 14.40 ? 42  VAL A CA  1 
ATOM   295  C  C   . VAL A 1 42  ? -7.674  -9.586  -2.387  1.00 15.06 ? 42  VAL A C   1 
ATOM   296  O  O   . VAL A 1 42  ? -8.065  -10.485 -1.633  1.00 17.14 ? 42  VAL A O   1 
ATOM   297  C  CB  . VAL A 1 42  ? -5.166  -9.681  -2.142  1.00 14.41 ? 42  VAL A CB  1 
ATOM   298  C  CG1 . VAL A 1 42  ? -5.028  -10.076 -3.601  1.00 16.17 ? 42  VAL A CG1 1 
ATOM   299  C  CG2 . VAL A 1 42  ? -3.938  -8.931  -1.635  1.00 13.58 ? 42  VAL A CG2 1 
ATOM   300  N  N   . SER A 1 43  ? -8.222  -9.199  -3.526  1.00 15.46 ? 43  SER A N   1 
ATOM   301  C  CA  . SER A 1 43  ? -9.396  -9.840  -4.182  1.00 16.13 ? 43  SER A CA  1 
ATOM   302  C  C   . SER A 1 43  ? -9.003  -10.341 -5.583  1.00 19.52 ? 43  SER A C   1 
ATOM   303  O  O   . SER A 1 43  ? -7.943  -9.885  -6.158  1.00 18.86 ? 43  SER A O   1 
ATOM   304  C  CB  . SER A 1 43  ? -10.564 -8.863  -4.190  1.00 16.53 ? 43  SER A CB  1 
ATOM   305  O  OG  . SER A 1 43  ? -10.327 -7.729  -5.019  1.00 17.03 ? 43  SER A OG  1 
ATOM   306  N  N   . SER A 1 44  ? -9.827  -11.233 -6.150  1.00 19.05 ? 44  SER A N   1 
ATOM   307  C  CA  . SER A 1 44  ? -9.624  -11.781 -7.527  1.00 22.28 ? 44  SER A CA  1 
ATOM   308  C  C   . SER A 1 44  ? -10.190 -10.834 -8.591  1.00 23.00 ? 44  SER A C   1 
ATOM   309  O  O   . SER A 1 44  ? -11.208 -10.187 -8.308  1.00 23.97 ? 44  SER A O   1 
ATOM   310  C  CB  . SER A 1 44  ? -10.210 -13.137 -7.638  1.00 24.35 ? 44  SER A CB  1 
ATOM   311  O  OG  . SER A 1 44  ? -11.586 -13.095 -7.320  1.00 25.34 ? 44  SER A OG  1 
ATOM   312  N  N   . THR A 1 45  ? -9.588  -10.804 -9.790  1.00 25.08 ? 45  THR A N   1 
ATOM   313  C  CA  . THR A 1 45  ? -9.991  -9.947  -10.946 1.00 25.20 ? 45  THR A CA  1 
ATOM   314  C  C   . THR A 1 45  ? -10.254 -10.800 -12.198 1.00 27.88 ? 45  THR A C   1 
ATOM   315  O  O   . THR A 1 45  ? -9.689  -11.898 -12.308 1.00 26.21 ? 45  THR A O   1 
ATOM   316  C  CB  . THR A 1 45  ? -8.949  -8.875  -11.285 1.00 27.35 ? 45  THR A CB  1 
ATOM   317  O  OG1 . THR A 1 45  ? -7.827  -9.512  -11.888 1.00 26.58 ? 45  THR A OG1 1 
ATOM   318  C  CG2 . THR A 1 45  ? -8.503  -8.073  -10.081 1.00 29.10 ? 45  THR A CG2 1 
ATOM   319  N  N   . THR A 1 46  ? -11.089 -10.323 -13.114 1.00 29.87 ? 46  THR A N   1 
ATOM   320  C  CA  . THR A 1 46  ? -11.403 -11.105 -14.337 1.00 33.91 ? 46  THR A CA  1 
ATOM   321  C  C   . THR A 1 46  ? -10.300 -10.805 -15.365 1.00 33.61 ? 46  THR A C   1 
ATOM   322  O  O   . THR A 1 46  ? -9.679  -11.766 -15.842 1.00 39.24 ? 46  THR A O   1 
ATOM   323  C  CB  . THR A 1 46  ? -12.862 -10.872 -14.745 1.00 32.46 ? 46  THR A CB  1 
ATOM   324  O  OG1 . THR A 1 46  ? -13.064 -9.484  -15.008 1.00 37.03 ? 46  THR A OG1 1 
ATOM   325  C  CG2 . THR A 1 46  ? -13.836 -11.305 -13.671 1.00 32.01 ? 46  THR A CG2 1 
ATOM   326  N  N   . ALA A 1 47  ? -10.038 -9.524  -15.641 1.00 33.14 ? 47  ALA A N   1 
ATOM   327  C  CA  . ALA A 1 47  ? -8.943  -9.052  -16.519 1.00 31.98 ? 47  ALA A CA  1 
ATOM   328  C  C   . ALA A 1 47  ? -7.603  -9.078  -15.755 1.00 30.92 ? 47  ALA A C   1 
ATOM   329  O  O   . ALA A 1 47  ? -7.598  -8.808  -14.521 1.00 31.02 ? 47  ALA A O   1 
ATOM   330  C  CB  . ALA A 1 47  ? -9.269  -7.674  -17.036 1.00 32.63 ? 47  ALA A CB  1 
ATOM   331  N  N   . GLN A 1 48  ? -6.506  -9.425  -16.440 1.00 29.65 ? 48  GLN A N   1 
ATOM   332  C  CA  . GLN A 1 48  ? -5.123  -9.388  -15.887 1.00 28.17 ? 48  GLN A CA  1 
ATOM   333  C  C   . GLN A 1 48  ? -4.631  -7.947  -15.781 1.00 24.38 ? 48  GLN A C   1 
ATOM   334  O  O   . GLN A 1 48  ? -5.035  -7.110  -16.608 1.00 26.98 ? 48  GLN A O   1 
ATOM   335  C  CB  . GLN A 1 48  ? -4.160  -10.193 -16.754 1.00 30.72 ? 48  GLN A CB  1 
ATOM   336  C  CG  . GLN A 1 48  ? -4.153  -11.690 -16.482 1.00 34.98 ? 48  GLN A CG  1 
ATOM   337  C  CD  . GLN A 1 48  ? -3.121  -12.348 -17.362 1.00 42.14 ? 48  GLN A CD  1 
ATOM   338  O  OE1 . GLN A 1 48  ? -3.229  -12.326 -18.586 1.00 47.78 ? 48  GLN A OE1 1 
ATOM   339  N  NE2 . GLN A 1 48  ? -2.069  -12.873 -16.753 1.00 47.34 ? 48  GLN A NE2 1 
ATOM   340  N  N   . GLY A 1 49  ? -3.727  -7.675  -14.832 1.00 25.55 ? 49  GLY A N   1 
ATOM   341  C  CA  . GLY A 1 49  ? -3.337  -6.298  -14.466 1.00 25.23 ? 49  GLY A CA  1 
ATOM   342  C  C   . GLY A 1 49  ? -1.981  -5.898  -15.018 1.00 25.29 ? 49  GLY A C   1 
ATOM   343  O  O   . GLY A 1 49  ? -1.218  -6.810  -15.421 1.00 25.61 ? 49  GLY A O   1 
ATOM   344  N  N   . CYS A 1 50  ? -1.714  -4.584  -15.035 1.00 24.83 ? 50  CYS A N   1 
ATOM   345  C  CA  . CYS A 1 50  ? -0.569  -3.938  -15.737 1.00 23.15 ? 50  CYS A CA  1 
ATOM   346  C  C   . CYS A 1 50  ? 0.634   -3.821  -14.783 1.00 24.19 ? 50  CYS A C   1 
ATOM   347  O  O   . CYS A 1 50  ? 1.714   -3.486  -15.291 1.00 22.85 ? 50  CYS A O   1 
ATOM   348  C  CB  . CYS A 1 50  ? -0.895  -2.536  -16.276 1.00 24.77 ? 50  CYS A CB  1 
ATOM   349  S  SG  . CYS A 1 50  ? -2.071  -2.452  -17.665 1.00 28.14 ? 50  CYS A SG  1 
ATOM   350  N  N   . ASP A 1 51  ? 0.486   -4.105  -13.476 1.00 21.95 ? 51  ASP A N   1 
ATOM   351  C  CA  . ASP A 1 51  ? 1.569   -3.829  -12.483 1.00 21.24 ? 51  ASP A CA  1 
ATOM   352  C  C   . ASP A 1 51  ? 2.491   -5.042  -12.264 1.00 19.27 ? 51  ASP A C   1 
ATOM   353  O  O   . ASP A 1 51  ? 2.063   -6.172  -12.343 1.00 20.92 ? 51  ASP A O   1 
ATOM   354  C  CB  . ASP A 1 51  ? 1.009   -3.294  -11.160 1.00 21.05 ? 51  ASP A CB  1 
ATOM   355  C  CG  . ASP A 1 51  ? 0.210   -2.013  -11.279 1.00 23.65 ? 51  ASP A CG  1 
ATOM   356  O  OD1 . ASP A 1 51  ? 0.650   -1.059  -11.980 1.00 26.60 ? 51  ASP A OD1 1 
ATOM   357  O  OD2 . ASP A 1 51  ? -0.838  -1.947  -10.640 1.00 21.37 ? 51  ASP A OD2 1 
ATOM   358  N  N   . THR A 1 52  ? 3.768   -4.746  -11.981 1.00 17.39 ? 52  THR A N   1 
ATOM   359  C  CA  . THR A 1 52  ? 4.840   -5.675  -11.572 1.00 17.68 ? 52  THR A CA  1 
ATOM   360  C  C   . THR A 1 52  ? 5.205   -5.343  -10.129 1.00 14.84 ? 52  THR A C   1 
ATOM   361  O  O   . THR A 1 52  ? 5.340   -4.133  -9.821  1.00 14.72 ? 52  THR A O   1 
ATOM   362  C  CB  . THR A 1 52  ? 6.096   -5.527  -12.443 1.00 18.96 ? 52  THR A CB  1 
ATOM   363  O  OG1 . THR A 1 52  ? 5.761   -5.919  -13.778 1.00 22.48 ? 52  THR A OG1 1 
ATOM   364  C  CG2 . THR A 1 52  ? 7.233   -6.379  -11.935 1.00 19.79 ? 52  THR A CG2 1 
ATOM   365  N  N   . ILE A 1 53  ? 5.324   -6.361  -9.287  1.00 14.26 ? 53  ILE A N   1 
ATOM   366  C  CA  . ILE A 1 53  ? 5.674   -6.130  -7.860  1.00 13.04 ? 53  ILE A CA  1 
ATOM   367  C  C   . ILE A 1 53  ? 7.192   -6.152  -7.734  1.00 13.49 ? 53  ILE A C   1 
ATOM   368  O  O   . ILE A 1 53  ? 7.833   -7.091  -8.252  1.00 14.15 ? 53  ILE A O   1 
ATOM   369  C  CB  . ILE A 1 53  ? 5.020   -7.166  -6.939  1.00 13.98 ? 53  ILE A CB  1 
ATOM   370  C  CG1 . ILE A 1 53  ? 3.510   -7.291  -7.203  1.00 13.75 ? 53  ILE A CG1 1 
ATOM   371  C  CG2 . ILE A 1 53  ? 5.346   -6.881  -5.495  1.00 12.73 ? 53  ILE A CG2 1 
ATOM   372  C  CD1 . ILE A 1 53  ? 2.777   -5.995  -7.043  1.00 12.99 ? 53  ILE A CD1 1 
ATOM   373  N  N   . ALA A 1 54  ? 7.755   -5.176  -7.042  1.00 12.68 ? 54  ALA A N   1 
ATOM   374  C  CA  . ALA A 1 54  ? 9.191   -5.112  -6.715  1.00 13.17 ? 54  ALA A CA  1 
ATOM   375  C  C   . ALA A 1 54  ? 9.550   -6.280  -5.810  1.00 12.13 ? 54  ALA A C   1 
ATOM   376  O  O   . ALA A 1 54  ? 8.795   -6.597  -4.886  1.00 12.13 ? 54  ALA A O   1 
ATOM   377  C  CB  . ALA A 1 54  ? 9.456   -3.808  -6.012  1.00 12.66 ? 54  ALA A CB  1 
ATOM   378  N  N   . ARG A 1 55  ? 10.688  -6.917  -6.066  1.00 12.58 ? 55  ARG A N   1 
ATOM   379  C  CA  . ARG A 1 55  ? 11.236  -7.911  -5.144  1.00 12.21 ? 55  ARG A CA  1 
ATOM   380  C  C   . ARG A 1 55  ? 12.648  -7.480  -4.820  1.00 12.79 ? 55  ARG A C   1 
ATOM   381  O  O   . ARG A 1 55  ? 13.538  -7.712  -5.623  1.00 14.86 ? 55  ARG A O   1 
ATOM   382  C  CB  . ARG A 1 55  ? 11.184  -9.310  -5.740  1.00 13.71 ? 55  ARG A CB  1 
ATOM   383  C  CG  . ARG A 1 55  ? 9.810   -9.786  -6.188  1.00 14.78 ? 55  ARG A CG  1 
ATOM   384  C  CD  . ARG A 1 55  ? 8.822   -9.974  -5.059  1.00 15.27 ? 55  ARG A CD  1 
ATOM   385  N  NE  . ARG A 1 55  ? 7.500   -10.291 -5.615  1.00 15.79 ? 55  ARG A NE  1 
ATOM   386  C  CZ  . ARG A 1 55  ? 6.374   -10.224 -4.919  1.00 16.27 ? 55  ARG A CZ  1 
ATOM   387  N  NH1 . ARG A 1 55  ? 6.406   -9.891  -3.656  1.00 16.03 ? 55  ARG A NH1 1 
ATOM   388  N  NH2 . ARG A 1 55  ? 5.208   -10.503 -5.482  1.00 18.67 ? 55  ARG A NH2 1 
ATOM   389  N  N   . CYS A 1 56  ? 12.804  -6.800  -3.700  1.00 13.83 ? 56  CYS A N   1 
ATOM   390  C  CA  . CYS A 1 56  ? 14.023  -6.006  -3.423  1.00 12.89 ? 56  CYS A CA  1 
ATOM   391  C  C   . CYS A 1 56  ? 13.959  -5.416  -2.024  1.00 14.00 ? 56  CYS A C   1 
ATOM   392  O  O   . CYS A 1 56  ? 12.903  -5.540  -1.311  1.00 12.85 ? 56  CYS A O   1 
ATOM   393  C  CB  . CYS A 1 56  ? 14.090  -4.878  -4.445  1.00 11.10 ? 56  CYS A CB  1 
ATOM   394  S  SG  . CYS A 1 56  ? 12.840  -3.613  -4.105  1.00 12.02 ? 56  CYS A SG  1 
ATOM   395  N  N   A ASP A 1 57  ? 15.057  -4.821  -1.554  0.13 14.18 ? 57  ASP A N   1 
ATOM   396  N  N   B ASP A 1 57  ? 15.075  -4.771  -1.687  0.13 14.98 ? 57  ASP A N   1 
ATOM   397  C  CA  A ASP A 1 57  ? 15.056  -4.042  -0.288  0.13 14.46 ? 57  ASP A CA  1 
ATOM   398  C  CA  B ASP A 1 57  ? 15.373  -4.114  -0.398  0.13 15.65 ? 57  ASP A CA  1 
ATOM   399  C  C   A ASP A 1 57  ? 15.396  -2.567  -0.581  0.13 13.55 ? 57  ASP A C   1 
ATOM   400  C  C   B ASP A 1 57  ? 15.415  -2.581  -0.582  0.13 14.38 ? 57  ASP A C   1 
ATOM   401  O  O   A ASP A 1 57  ? 16.081  -1.936  0.218   0.13 14.07 ? 57  ASP A O   1 
ATOM   402  O  O   B ASP A 1 57  ? 15.902  -1.903  0.321   0.13 14.96 ? 57  ASP A O   1 
ATOM   403  C  CB  A ASP A 1 57  ? 15.986  -4.652  0.762   0.13 14.53 ? 57  ASP A CB  1 
ATOM   404  C  CB  B ASP A 1 57  ? 16.698  -4.663  0.136   0.13 17.61 ? 57  ASP A CB  1 
ATOM   405  C  CG  A ASP A 1 57  ? 17.459  -4.514  0.430   0.13 15.22 ? 57  ASP A CG  1 
ATOM   406  C  CG  B ASP A 1 57  ? 16.884  -4.476  1.626   0.13 19.05 ? 57  ASP A CG  1 
ATOM   407  O  OD1 A ASP A 1 57  ? 17.750  -4.096  -0.681  0.13 14.51 ? 57  ASP A OD1 1 
ATOM   408  O  OD1 B ASP A 1 57  ? 15.848  -4.459  2.337   0.13 21.34 ? 57  ASP A OD1 1 
ATOM   409  O  OD2 A ASP A 1 57  ? 18.283  -4.830  1.301   0.13 17.36 ? 57  ASP A OD2 1 
ATOM   410  O  OD2 B ASP A 1 57  ? 18.056  -4.296  2.048   0.13 20.54 ? 57  ASP A OD2 1 
ATOM   411  N  N   . CYS A 1 58  ? 14.975  -2.031  -1.719  1.00 14.91 ? 58  CYS A N   1 
ATOM   412  C  CA  . CYS A 1 58  ? 15.089  -0.561  -1.955  1.00 12.34 ? 58  CYS A CA  1 
ATOM   413  C  C   . CYS A 1 58  ? 14.473  0.238   -0.811  1.00 12.38 ? 58  CYS A C   1 
ATOM   414  O  O   . CYS A 1 58  ? 13.460  -0.178  -0.225  1.00 12.20 ? 58  CYS A O   1 
ATOM   415  C  CB  . CYS A 1 58  ? 14.416  -0.092  -3.244  1.00 13.50 ? 58  CYS A CB  1 
ATOM   416  S  SG  . CYS A 1 58  ? 15.212  -0.733  -4.738  1.00 13.12 ? 58  CYS A SG  1 
ATOM   417  N  N   . GLN A 1 59  ? 15.093  1.389   -0.543  1.00 13.44 ? 59  GLN A N   1 
ATOM   418  C  CA  . GLN A 1 59  ? 14.554  2.421   0.375   1.00 11.87 ? 59  GLN A CA  1 
ATOM   419  C  C   . GLN A 1 59  ? 14.536  3.744   -0.359  1.00 12.23 ? 59  GLN A C   1 
ATOM   420  O  O   . GLN A 1 59  ? 14.382  4.760   0.330   1.00 11.86 ? 59  GLN A O   1 
ATOM   421  C  CB  . GLN A 1 59  ? 15.386  2.604   1.640   1.00 13.78 ? 59  GLN A CB  1 
ATOM   422  C  CG  . GLN A 1 59  ? 15.380  1.398   2.534   1.00 14.15 ? 59  GLN A CG  1 
ATOM   423  C  CD  . GLN A 1 59  ? 16.183  1.646   3.794   1.00 15.96 ? 59  GLN A CD  1 
ATOM   424  O  OE1 . GLN A 1 59  ? 17.256  1.064   4.000   1.00 17.82 ? 59  GLN A OE1 1 
ATOM   425  N  NE2 . GLN A 1 59  ? 15.728  2.565   4.629   1.00 15.72 ? 59  GLN A NE2 1 
ATOM   426  N  N   . THR A 1 60  ? 14.576  3.750   -1.695  1.00 13.41 ? 60  THR A N   1 
ATOM   427  C  CA  . THR A 1 60  ? 14.295  4.986   -2.463  1.00 14.41 ? 60  THR A CA  1 
ATOM   428  C  C   . THR A 1 60  ? 13.302  4.653   -3.584  1.00 12.15 ? 60  THR A C   1 
ATOM   429  O  O   . THR A 1 60  ? 13.322  3.508   -4.108  1.00 13.33 ? 60  THR A O   1 
ATOM   430  C  CB  . THR A 1 60  ? 15.526  5.700   -2.991  1.00 15.97 ? 60  THR A CB  1 
ATOM   431  O  OG1 . THR A 1 60  ? 16.112  4.831   -3.941  1.00 21.06 ? 60  THR A OG1 1 
ATOM   432  C  CG2 . THR A 1 60  ? 16.475  6.100   -1.888  1.00 15.71 ? 60  THR A CG2 1 
ATOM   433  N  N   . GLY A 1 61  ? 12.383  5.558   -3.810  1.00 11.14 ? 61  GLY A N   1 
ATOM   434  C  CA  . GLY A 1 61  ? 11.370  5.356   -4.834  1.00 9.77  ? 61  GLY A CA  1 
ATOM   435  C  C   . GLY A 1 61  ? 10.543  6.609   -5.004  1.00 9.84  ? 61  GLY A C   1 
ATOM   436  O  O   . GLY A 1 61  ? 11.001  7.670   -4.651  1.00 11.07 ? 61  GLY A O   1 
ATOM   437  N  N   . VAL A 1 62  ? 9.370   6.451   -5.585  1.00 8.51  ? 62  VAL A N   1 
ATOM   438  C  CA  . VAL A 1 62  ? 8.473   7.583   -5.920  1.00 9.53  ? 62  VAL A CA  1 
ATOM   439  C  C   . VAL A 1 62  ? 7.068   7.178   -5.584  1.00 10.26 ? 62  VAL A C   1 
ATOM   440  O  O   . VAL A 1 62  ? 6.667   6.094   -5.958  1.00 13.42 ? 62  VAL A O   1 
ATOM   441  C  CB  . VAL A 1 62  ? 8.616   7.931   -7.418  1.00 10.60 ? 62  VAL A CB  1 
ATOM   442  C  CG1 . VAL A 1 62  ? 7.595   8.967   -7.802  1.00 11.18 ? 62  VAL A CG1 1 
ATOM   443  C  CG2 . VAL A 1 62  ? 9.998   8.409   -7.781  1.00 10.81 ? 62  VAL A CG2 1 
ATOM   444  N  N   . TYR A 1 63  ? 6.286   8.066   -4.959  1.00 11.15 ? 63  TYR A N   1 
ATOM   445  C  CA  . TYR A 1 63  ? 4.885   7.737   -4.635  1.00 10.62 ? 63  TYR A CA  1 
ATOM   446  C  C   . TYR A 1 63  ? 3.962   8.785   -5.243  1.00 12.28 ? 63  TYR A C   1 
ATOM   447  O  O   . TYR A 1 63  ? 4.350   9.945   -5.421  1.00 13.54 ? 63  TYR A O   1 
ATOM   448  C  CB  . TYR A 1 63  ? 4.647   7.600   -3.129  1.00 10.99 ? 63  TYR A CB  1 
ATOM   449  C  CG  . TYR A 1 63  ? 4.410   8.897   -2.385  1.00 11.13 ? 63  TYR A CG  1 
ATOM   450  C  CD1 . TYR A 1 63  ? 5.471   9.742   -2.079  1.00 11.87 ? 63  TYR A CD1 1 
ATOM   451  C  CD2 . TYR A 1 63  ? 3.153   9.220   -1.908  1.00 13.08 ? 63  TYR A CD2 1 
ATOM   452  C  CE1 . TYR A 1 63  ? 5.299   10.896  -1.333  1.00 13.78 ? 63  TYR A CE1 1 
ATOM   453  C  CE2 . TYR A 1 63  ? 2.950   10.384  -1.193  1.00 13.42 ? 63  TYR A CE2 1 
ATOM   454  C  CZ  . TYR A 1 63  ? 4.031   11.197  -0.882  1.00 13.20 ? 63  TYR A CZ  1 
ATOM   455  O  OH  . TYR A 1 63  ? 3.809   12.373  -0.210  1.00 15.89 ? 63  TYR A OH  1 
ATOM   456  N  N   . TYR A 1 64  ? 2.721   8.377   -5.468  1.00 12.29 ? 64  TYR A N   1 
ATOM   457  C  CA  . TYR A 1 64  ? 1.686   9.271   -5.989  1.00 12.73 ? 64  TYR A CA  1 
ATOM   458  C  C   . TYR A 1 64  ? 0.886   9.775   -4.811  1.00 11.65 ? 64  TYR A C   1 
ATOM   459  O  O   . TYR A 1 64  ? 0.353   9.006   -4.004  1.00 11.24 ? 64  TYR A O   1 
ATOM   460  C  CB  . TYR A 1 64  ? 0.761   8.570   -6.970  1.00 13.24 ? 64  TYR A CB  1 
ATOM   461  C  CG  . TYR A 1 64  ? -0.283  9.515   -7.460  1.00 14.71 ? 64  TYR A CG  1 
ATOM   462  C  CD1 . TYR A 1 64  ? 0.101   10.649  -8.174  1.00 16.63 ? 64  TYR A CD1 1 
ATOM   463  C  CD2 . TYR A 1 64  ? -1.619  9.276   -7.224  1.00 13.97 ? 64  TYR A CD2 1 
ATOM   464  C  CE1 . TYR A 1 64  ? -0.832  11.534  -8.652  1.00 17.18 ? 64  TYR A CE1 1 
ATOM   465  C  CE2 . TYR A 1 64  ? -2.571  10.192  -7.660  1.00 17.96 ? 64  TYR A CE2 1 
ATOM   466  C  CZ  . TYR A 1 64  ? -2.172  11.298  -8.386  1.00 19.38 ? 64  TYR A CZ  1 
ATOM   467  O  OH  . TYR A 1 64  ? -3.079  12.198  -8.841  1.00 20.62 ? 64  TYR A OH  1 
ATOM   468  N  N   . CYS A 1 65  ? 0.777   11.093  -4.773  1.00 12.97 ? 65  CYS A N   1 
ATOM   469  C  CA  . CYS A 1 65  ? -0.021  11.856  -3.801  1.00 13.74 ? 65  CYS A CA  1 
ATOM   470  C  C   . CYS A 1 65  ? -1.226  12.506  -4.490  1.00 14.02 ? 65  CYS A C   1 
ATOM   471  O  O   . CYS A 1 65  ? -1.102  13.632  -5.064  1.00 13.91 ? 65  CYS A O   1 
ATOM   472  C  CB  . CYS A 1 65  ? 0.863   12.897  -3.155  1.00 13.95 ? 65  CYS A CB  1 
ATOM   473  S  SG  . CYS A 1 65  ? 0.054   13.893  -1.901  1.00 14.38 ? 65  CYS A SG  1 
ATOM   474  N  N   . SER A 1 66  ? -2.407  11.895  -4.362  1.00 15.38 ? 66  SER A N   1 
ATOM   475  C  CA  . SER A 1 66  ? -3.628  12.396  -5.022  1.00 15.21 ? 66  SER A CA  1 
ATOM   476  C  C   . SER A 1 66  ? -3.965  13.799  -4.498  1.00 14.17 ? 66  SER A C   1 
ATOM   477  O  O   . SER A 1 66  ? -4.474  14.593  -5.294  1.00 16.71 ? 66  SER A O   1 
ATOM   478  C  CB  . SER A 1 66  ? -4.797  11.453  -4.885  1.00 16.71 ? 66  SER A CB  1 
ATOM   479  O  OG  . SER A 1 66  ? -5.340  11.445  -3.567  1.00 21.87 ? 66  SER A OG  1 
ATOM   480  N  N   . SER A 1 67  ? -3.683  14.111  -3.231  1.00 13.45 ? 67  SER A N   1 
ATOM   481  C  CA  . SER A 1 67  ? -4.086  15.408  -2.613  1.00 14.30 ? 67  SER A CA  1 
ATOM   482  C  C   . SER A 1 67  ? -3.143  16.520  -3.078  1.00 14.19 ? 67  SER A C   1 
ATOM   483  O  O   . SER A 1 67  ? -3.365  17.701  -2.659  1.00 14.54 ? 67  SER A O   1 
ATOM   484  C  CB  . SER A 1 67  ? -4.181  15.329  -1.137  1.00 14.21 ? 67  SER A CB  1 
ATOM   485  O  OG  . SER A 1 67  ? -2.908  15.178  -0.516  1.00 14.98 ? 67  SER A OG  1 
ATOM   486  N  N   . ARG A 1 68  ? -2.159  16.201  -3.926  1.00 13.52 ? 68  ARG A N   1 
ATOM   487  C  CA  . ARG A 1 68  ? -1.290  17.193  -4.624  1.00 13.64 ? 68  ARG A CA  1 
ATOM   488  C  C   . ARG A 1 68  ? -1.295  16.999  -6.129  1.00 14.74 ? 68  ARG A C   1 
ATOM   489  O  O   . ARG A 1 68  ? -0.640  17.809  -6.799  1.00 16.77 ? 68  ARG A O   1 
ATOM   490  C  CB  . ARG A 1 68  ? 0.139   17.234  -4.102  1.00 13.03 ? 68  ARG A CB  1 
ATOM   491  C  CG  . ARG A 1 68  ? 0.266   17.523  -2.620  1.00 13.65 ? 68  ARG A CG  1 
ATOM   492  C  CD  . ARG A 1 68  ? 0.072   19.022  -2.420  1.00 13.37 ? 68  ARG A CD  1 
ATOM   493  N  NE  . ARG A 1 68  ? 0.202   19.387  -1.032  1.00 14.66 ? 68  ARG A NE  1 
ATOM   494  C  CZ  . ARG A 1 68  ? -0.773  19.390  -0.142  1.00 13.69 ? 68  ARG A CZ  1 
ATOM   495  N  NH1 . ARG A 1 68  ? -2.012  19.109  -0.512  1.00 15.43 ? 68  ARG A NH1 1 
ATOM   496  N  NH2 . ARG A 1 68  ? -0.500  19.716  1.105   1.00 15.00 ? 68  ARG A NH2 1 
ATOM   497  N  N   . ARG A 1 69  ? -1.948  15.961  -6.648  1.00 16.23 ? 69  ARG A N   1 
ATOM   498  C  CA  . ARG A 1 69  ? -1.846  15.546  -8.062  1.00 17.12 ? 69  ARG A CA  1 
ATOM   499  C  C   . ARG A 1 69  ? -0.369  15.473  -8.449  1.00 17.35 ? 69  ARG A C   1 
ATOM   500  O  O   . ARG A 1 69  ? -0.049  15.981  -9.524  1.00 17.97 ? 69  ARG A O   1 
ATOM   501  C  CB  . ARG A 1 69  ? -2.591  16.532  -8.980  1.00 17.54 ? 69  ARG A CB  1 
ATOM   502  C  CG  . ARG A 1 69  ? -4.098  16.579  -8.776  1.00 19.02 ? 69  ARG A CG  1 
ATOM   503  C  CD  . ARG A 1 69  ? -4.859  17.326  -9.862  1.00 19.00 ? 69  ARG A CD  1 
ATOM   504  N  NE  . ARG A 1 69  ? -6.327  17.352  -9.652  1.00 20.42 ? 69  ARG A NE  1 
ATOM   505  C  CZ  . ARG A 1 69  ? -7.041  18.419  -9.286  1.00 21.39 ? 69  ARG A CZ  1 
ATOM   506  N  NH1 . ARG A 1 69  ? -6.458  19.576  -8.992  1.00 20.69 ? 69  ARG A NH1 1 
ATOM   507  N  NH2 . ARG A 1 69  ? -8.360  18.319  -9.191  1.00 22.73 ? 69  ARG A NH2 1 
ATOM   508  N  N   . LYS A 1 70  ? 0.482   14.850  -7.615  1.00 17.54 ? 70  LYS A N   1 
ATOM   509  C  CA  . LYS A 1 70  ? 1.952   14.895  -7.831  1.00 17.78 ? 70  LYS A CA  1 
ATOM   510  C  C   . LYS A 1 70  ? 2.558   13.564  -7.427  1.00 16.53 ? 70  LYS A C   1 
ATOM   511  O  O   . LYS A 1 70  ? 2.105   12.994  -6.432  1.00 16.85 ? 70  LYS A O   1 
ATOM   512  C  CB  . LYS A 1 70  ? 2.601   16.047  -7.059  1.00 21.01 ? 70  LYS A CB  1 
ATOM   513  C  CG  . LYS A 1 70  ? 2.508   17.377  -7.793  1.00 25.61 ? 70  LYS A CG  1 
ATOM   514  C  CD  . LYS A 1 70  ? 3.516   18.394  -7.298  1.00 29.66 ? 70  LYS A CD  1 
ATOM   515  C  CE  . LYS A 1 70  ? 3.279   19.794  -7.838  1.00 33.67 ? 70  LYS A CE  1 
ATOM   516  N  NZ  . LYS A 1 70  ? 1.844   20.085  -8.071  1.00 36.92 ? 70  LYS A NZ  1 
ATOM   517  N  N   . HIS A 1 71  ? 3.605   13.178  -8.143  1.00 14.04 ? 71  HIS A N   1 
ATOM   518  C  CA  . HIS A 1 71  ? 4.492   12.058  -7.756  1.00 15.12 ? 71  HIS A CA  1 
ATOM   519  C  C   . HIS A 1 71  ? 5.716   12.675  -7.095  1.00 15.67 ? 71  HIS A C   1 
ATOM   520  O  O   . HIS A 1 71  ? 6.243   13.683  -7.643  1.00 18.67 ? 71  HIS A O   1 
ATOM   521  C  CB  . HIS A 1 71  ? 4.874   11.190  -8.934  1.00 14.11 ? 71  HIS A CB  1 
ATOM   522  C  CG  . HIS A 1 71  ? 3.746   10.463  -9.578  1.00 15.15 ? 71  HIS A CG  1 
ATOM   523  N  ND1 . HIS A 1 71  ? 3.511   9.104   -9.415  1.00 14.06 ? 71  HIS A ND1 1 
ATOM   524  C  CD2 . HIS A 1 71  ? 2.804   10.906  -10.425 1.00 14.16 ? 71  HIS A CD2 1 
ATOM   525  C  CE1 . HIS A 1 71  ? 2.477   8.760   -10.127 1.00 13.20 ? 71  HIS A CE1 1 
ATOM   526  N  NE2 . HIS A 1 71  ? 2.052   9.822   -10.790 1.00 18.26 ? 71  HIS A NE2 1 
ATOM   527  N  N   . TYR A 1 72  ? 6.069   12.222  -5.899  1.00 13.07 ? 72  TYR A N   1 
ATOM   528  C  CA  . TYR A 1 72  ? 7.235   12.740  -5.156  1.00 13.57 ? 72  TYR A CA  1 
ATOM   529  C  C   . TYR A 1 72  ? 8.262   11.634  -4.988  1.00 13.19 ? 72  TYR A C   1 
ATOM   530  O  O   . TYR A 1 72  ? 7.926   10.547  -4.551  1.00 14.44 ? 72  TYR A O   1 
ATOM   531  C  CB  . TYR A 1 72  ? 6.835   13.194  -3.764  1.00 15.35 ? 72  TYR A CB  1 
ATOM   532  C  CG  . TYR A 1 72  ? 5.922   14.391  -3.748  1.00 16.08 ? 72  TYR A CG  1 
ATOM   533  C  CD1 . TYR A 1 72  ? 6.425   15.669  -3.916  1.00 17.41 ? 72  TYR A CD1 1 
ATOM   534  C  CD2 . TYR A 1 72  ? 4.555   14.245  -3.545  1.00 15.34 ? 72  TYR A CD2 1 
ATOM   535  C  CE1 . TYR A 1 72  ? 5.599   16.779  -3.845  1.00 17.27 ? 72  TYR A CE1 1 
ATOM   536  C  CE2 . TYR A 1 72  ? 3.708   15.346  -3.460  1.00 15.98 ? 72  TYR A CE2 1 
ATOM   537  C  CZ  . TYR A 1 72  ? 4.249   16.603  -3.615  1.00 17.01 ? 72  TYR A CZ  1 
ATOM   538  O  OH  . TYR A 1 72  ? 3.451   17.701  -3.575  1.00 16.75 ? 72  TYR A OH  1 
ATOM   539  N  N   . PRO A 1 73  ? 9.554   11.951  -5.206  1.00 13.89 ? 73  PRO A N   1 
ATOM   540  C  CA  . PRO A 1 73  ? 10.629  11.028  -4.881  1.00 13.64 ? 73  PRO A CA  1 
ATOM   541  C  C   . PRO A 1 73  ? 10.831  11.030  -3.367  1.00 14.90 ? 73  PRO A C   1 
ATOM   542  O  O   . PRO A 1 73  ? 10.828  12.105  -2.773  1.00 15.66 ? 73  PRO A O   1 
ATOM   543  C  CB  . PRO A 1 73  ? 11.846  11.593  -5.648  1.00 12.83 ? 73  PRO A CB  1 
ATOM   544  C  CG  . PRO A 1 73  ? 11.531  13.063  -5.778  1.00 14.71 ? 73  PRO A CG  1 
ATOM   545  C  CD  . PRO A 1 73  ? 10.019  13.180  -5.853  1.00 14.61 ? 73  PRO A CD  1 
ATOM   546  N  N   . VAL A 1 74  ? 10.950  9.840   -2.768  1.00 12.78 ? 74  VAL A N   1 
ATOM   547  C  CA  . VAL A 1 74  ? 11.166  9.722   -1.304  1.00 12.93 ? 74  VAL A CA  1 
ATOM   548  C  C   . VAL A 1 74  ? 12.197  8.649   -0.983  1.00 12.50 ? 74  VAL A C   1 
ATOM   549  O  O   . VAL A 1 74  ? 12.377  7.670   -1.733  1.00 11.95 ? 74  VAL A O   1 
ATOM   550  C  CB  . VAL A 1 74  ? 9.856   9.410   -0.555  1.00 13.98 ? 74  VAL A CB  1 
ATOM   551  C  CG1 . VAL A 1 74  ? 8.910   10.595  -0.545  1.00 15.14 ? 74  VAL A CG1 1 
ATOM   552  C  CG2 . VAL A 1 74  ? 9.162   8.181   -1.097  1.00 15.15 ? 74  VAL A CG2 1 
ATOM   553  N  N   . SER A 1 75  ? 12.843  8.818   0.167   1.00 12.41 ? 75  SER A N   1 
ATOM   554  C  CA  . SER A 1 75  ? 13.509  7.748   0.935   1.00 13.75 ? 75  SER A CA  1 
ATOM   555  C  C   . SER A 1 75  ? 12.514  7.244   1.992   1.00 12.52 ? 75  SER A C   1 
ATOM   556  O  O   . SER A 1 75  ? 11.740  8.028   2.488   1.00 12.46 ? 75  SER A O   1 
ATOM   557  C  CB  . SER A 1 75  ? 14.757  8.247   1.589   1.00 15.75 ? 75  SER A CB  1 
ATOM   558  O  OG  . SER A 1 75  ? 15.543  8.901   0.622   1.00 20.08 ? 75  SER A OG  1 
ATOM   559  N  N   . PHE A 1 76  ? 12.500  5.944   2.215   1.00 11.86 ? 76  PHE A N   1 
ATOM   560  C  CA  . PHE A 1 76  ? 11.537  5.294   3.115   1.00 11.65 ? 76  PHE A CA  1 
ATOM   561  C  C   . PHE A 1 76  ? 12.251  4.261   3.951   1.00 11.84 ? 76  PHE A C   1 
ATOM   562  O  O   . PHE A 1 76  ? 13.233  3.609   3.485   1.00 12.93 ? 76  PHE A O   1 
ATOM   563  C  CB  . PHE A 1 76  ? 10.294  4.810   2.356   1.00 11.18 ? 76  PHE A CB  1 
ATOM   564  C  CG  . PHE A 1 76  ? 10.548  3.839   1.223   1.00 10.45 ? 76  PHE A CG  1 
ATOM   565  C  CD1 . PHE A 1 76  ? 10.817  4.319   -0.039  1.00 10.96 ? 76  PHE A CD1 1 
ATOM   566  C  CD2 . PHE A 1 76  ? 10.636  2.465   1.435   1.00 10.92 ? 76  PHE A CD2 1 
ATOM   567  C  CE1 . PHE A 1 76  ? 11.069  3.474   -1.104  1.00 11.27 ? 76  PHE A CE1 1 
ATOM   568  C  CE2 . PHE A 1 76  ? 10.862  1.618   0.362   1.00 10.45 ? 76  PHE A CE2 1 
ATOM   569  C  CZ  . PHE A 1 76  ? 11.062  2.125   -0.896  1.00 10.00 ? 76  PHE A CZ  1 
ATOM   570  N  N   . SER A 1 77  ? 11.691  4.066   5.139   1.00 12.54 ? 77  SER A N   1 
ATOM   571  C  CA  . SER A 1 77  ? 12.207  3.034   6.073   1.00 13.84 ? 77  SER A CA  1 
ATOM   572  C  C   . SER A 1 77  ? 11.848  1.629   5.574   1.00 13.55 ? 77  SER A C   1 
ATOM   573  O  O   . SER A 1 77  ? 10.919  1.459   4.831   1.00 13.97 ? 77  SER A O   1 
ATOM   574  C  CB  . SER A 1 77  ? 11.694  3.304   7.465   1.00 15.41 ? 77  SER A CB  1 
ATOM   575  O  OG  . SER A 1 77  ? 10.274  3.223   7.534   1.00 15.93 ? 77  SER A OG  1 
ATOM   576  N  N   . LYS A 1 78  ? 12.565  0.571   5.977   0.26 14.70 ? 78  LYS A N   1 
ATOM   577  C  CA  . LYS A 1 78  ? 12.217  -0.821  5.603   0.26 15.87 ? 78  LYS A CA  1 
ATOM   578  C  C   . LYS A 1 78  ? 10.920  -1.199  6.318   0.26 14.27 ? 78  LYS A C   1 
ATOM   579  O  O   . LYS A 1 78  ? 10.519  -0.485  7.225   0.26 15.90 ? 78  LYS A O   1 
ATOM   580  C  CB  . LYS A 1 78  ? 13.271  -1.866  6.051   0.26 17.86 ? 78  LYS A CB  1 
ATOM   581  C  CG  . LYS A 1 78  ? 14.630  -1.678  5.342   0.26 17.93 ? 78  LYS A CG  1 
ATOM   582  C  CD  . LYS A 1 78  ? 15.809  -2.632  5.441   0.26 20.37 ? 78  LYS A CD  1 
ATOM   583  C  CE  . LYS A 1 78  ? 16.772  -2.471  4.261   0.26 23.50 ? 78  LYS A CE  1 
ATOM   584  N  NZ  . LYS A 1 78  ? 17.947  -3.319  4.594   0.26 26.95 ? 78  LYS A NZ  1 
ATOM   585  N  N   . PRO A 1 79  ? 10.191  -2.248  5.871   0.26 14.78 ? 79  PRO A N   1 
ATOM   586  C  CA  . PRO A 1 79  ? 8.915   -2.650  6.509   0.26 15.47 ? 79  PRO A CA  1 
ATOM   587  C  C   . PRO A 1 79  ? 9.134   -2.954  8.021   0.26 16.17 ? 79  PRO A C   1 
ATOM   588  O  O   . PRO A 1 79  ? 10.116  -3.655  8.248   0.26 17.85 ? 79  PRO A O   1 
ATOM   589  C  CB  . PRO A 1 79  ? 8.407   -3.823  5.675   0.26 15.34 ? 79  PRO A CB  1 
ATOM   590  C  CG  . PRO A 1 79  ? 9.093   -3.558  4.432   0.26 15.55 ? 79  PRO A CG  1 
ATOM   591  C  CD  . PRO A 1 79  ? 10.491  -3.215  4.903   0.26 15.62 ? 79  PRO A CD  1 
ATOM   592  N  N   . SER A 1 80  ? 8.318   -2.279  8.852   0.26 17.05 ? 80  SER A N   1 
ATOM   593  C  CA  . SER A 1 80  ? 8.467   -2.127  10.320  0.26 18.79 ? 80  SER A CA  1 
ATOM   594  C  C   . SER A 1 80  ? 7.131   -2.204  11.094  0.26 19.05 ? 80  SER A C   1 
ATOM   595  O  O   . SER A 1 80  ? 6.061   -2.213  10.382  0.26 17.81 ? 80  SER A O   1 
ATOM   596  C  CB  . SER A 1 80  ? 9.259   -0.892  10.658  0.26 20.45 ? 80  SER A CB  1 
ATOM   597  O  OG  . SER A 1 80  ? 10.537  -0.879  10.012  0.26 22.56 ? 80  SER A OG  1 
ATOM   598  N  N   . LEU A 1 81  ? 7.212   -2.546  12.412  0.26 17.57 ? 81  LEU A N   1 
ATOM   599  C  CA  . LEU A 1 81  ? 6.036   -2.497  13.287  0.26 20.32 ? 81  LEU A CA  1 
ATOM   600  C  C   . LEU A 1 81  ? 5.986   -1.095  13.868  0.26 21.00 ? 81  LEU A C   1 
ATOM   601  O  O   . LEU A 1 81  ? 6.892   -0.799  14.664  0.26 21.03 ? 81  LEU A O   1 
ATOM   602  C  CB  . LEU A 1 81  ? 6.095   -3.486  14.456  0.26 21.61 ? 81  LEU A CB  1 
ATOM   603  C  CG  . LEU A 1 81  ? 4.833   -3.660  15.296  0.26 23.02 ? 81  LEU A CG  1 
ATOM   604  C  CD1 . LEU A 1 81  ? 3.741   -4.235  14.454  0.26 24.84 ? 81  LEU A CD1 1 
ATOM   605  C  CD2 . LEU A 1 81  ? 5.010   -4.648  16.489  0.26 24.42 ? 81  LEU A CD2 1 
ATOM   606  N  N   . ILE A 1 82  ? 4.958   -0.328  13.513  0.26 18.68 ? 82  ILE A N   1 
ATOM   607  C  CA  . ILE A 1 82  ? 4.836   1.055   14.013  0.26 19.22 ? 82  ILE A CA  1 
ATOM   608  C  C   . ILE A 1 82  ? 3.517   1.141   14.752  0.26 21.42 ? 82  ILE A C   1 
ATOM   609  O  O   . ILE A 1 82  ? 2.568   0.457   14.404  0.26 20.26 ? 82  ILE A O   1 
ATOM   610  C  CB  . ILE A 1 82  ? 4.899   2.113   12.862  0.26 21.49 ? 82  ILE A CB  1 
ATOM   611  C  CG1 . ILE A 1 82  ? 6.018   1.687   11.928  0.26 23.12 ? 82  ILE A CG1 1 
ATOM   612  C  CG2 . ILE A 1 82  ? 5.298   3.469   13.386  0.26 24.08 ? 82  ILE A CG2 1 
ATOM   613  C  CD1 . ILE A 1 82  ? 7.263   1.837   12.757  0.26 27.00 ? 82  ILE A CD1 1 
ATOM   614  N  N   . PHE A 1 83  ? 3.555   2.067   15.698  0.26 19.86 ? 83  PHE A N   1 
ATOM   615  C  CA  . PHE A 1 83  ? 2.343   2.656   16.305  0.26 20.89 ? 83  PHE A CA  1 
ATOM   616  C  C   . PHE A 1 83  ? 2.018   3.868   15.419  0.26 21.18 ? 83  PHE A C   1 
ATOM   617  O  O   . PHE A 1 83  ? 2.963   4.555   15.218  0.26 21.98 ? 83  PHE A O   1 
ATOM   618  C  CB  . PHE A 1 83  ? 2.636   2.917   17.798  0.26 21.98 ? 83  PHE A CB  1 
ATOM   619  C  CG  . PHE A 1 83  ? 1.476   3.505   18.528  0.26 21.20 ? 83  PHE A CG  1 
ATOM   620  C  CD1 . PHE A 1 83  ? 0.550   2.662   19.079  0.26 23.01 ? 83  PHE A CD1 1 
ATOM   621  C  CD2 . PHE A 1 83  ? 1.209   4.866   18.542  0.26 21.79 ? 83  PHE A CD2 1 
ATOM   622  C  CE1 . PHE A 1 83  ? -0.521  3.197   19.752  0.26 21.42 ? 83  PHE A CE1 1 
ATOM   623  C  CE2 . PHE A 1 83  ? 0.119   5.398   19.204  0.26 22.09 ? 83  PHE A CE2 1 
ATOM   624  C  CZ  . PHE A 1 83  ? -0.764  4.547   19.803  0.26 22.33 ? 83  PHE A CZ  1 
ATOM   625  N  N   . VAL A 1 84  ? 0.769   4.076   14.925  1.00 19.92 ? 84  VAL A N   1 
ATOM   626  C  CA  . VAL A 1 84  ? 0.129   5.077   14.037  1.00 19.61 ? 84  VAL A CA  1 
ATOM   627  C  C   . VAL A 1 84  ? -0.892  5.855   14.866  1.00 19.29 ? 84  VAL A C   1 
ATOM   628  O  O   . VAL A 1 84  ? -1.767  5.225   15.414  1.00 23.94 ? 84  VAL A O   1 
ATOM   629  C  CB  . VAL A 1 84  ? -0.495  4.358   12.818  1.00 19.14 ? 84  VAL A CB  1 
ATOM   630  C  CG1 . VAL A 1 84  ? -1.156  5.346   11.884  1.00 18.16 ? 84  VAL A CG1 1 
ATOM   631  C  CG2 . VAL A 1 84  ? 0.564   3.506   12.111  1.00 18.54 ? 84  VAL A CG2 1 
ATOM   632  N  N   . GLU A 1 85  ? -0.844  7.176   14.891  1.00 20.39 ? 85  GLU A N   1 
ATOM   633  C  CA  . GLU A 1 85  ? -1.875  7.994   15.584  1.00 21.34 ? 85  GLU A CA  1 
ATOM   634  C  C   . GLU A 1 85  ? -3.239  7.868   14.890  1.00 22.70 ? 85  GLU A C   1 
ATOM   635  O  O   . GLU A 1 85  ? -3.300  7.398   13.703  1.00 23.00 ? 85  GLU A O   1 
ATOM   636  C  CB  . GLU A 1 85  ? -1.446  9.457   15.593  1.00 23.65 ? 85  GLU A CB  1 
ATOM   637  C  CG  . GLU A 1 85  ? -0.222  9.695   16.435  1.00 24.56 ? 85  GLU A CG  1 
ATOM   638  C  CD  . GLU A 1 85  ? -0.329  9.258   17.888  1.00 26.09 ? 85  GLU A CD  1 
ATOM   639  O  OE1 . GLU A 1 85  ? -1.462  9.117   18.431  1.00 28.02 ? 85  GLU A OE1 1 
ATOM   640  O  OE2 . GLU A 1 85  ? 0.732   9.056   18.482  1.00 27.84 ? 85  GLU A OE2 1 
ATOM   641  N  N   . ALA A 1 86  ? -4.308  8.303   15.567  1.00 22.85 ? 86  ALA A N   1 
ATOM   642  C  CA  . ALA A 1 86  ? -5.685  8.112   15.060  1.00 23.64 ? 86  ALA A CA  1 
ATOM   643  C  C   . ALA A 1 86  ? -5.818  8.840   13.728  1.00 24.69 ? 86  ALA A C   1 
ATOM   644  O  O   . ALA A 1 86  ? -5.297  9.978   13.619  1.00 24.93 ? 86  ALA A O   1 
ATOM   645  C  CB  . ALA A 1 86  ? -6.691  8.609   16.078  1.00 26.74 ? 86  ALA A CB  1 
ATOM   646  N  N   . SER A 1 87  ? -6.532  8.240   12.762  1.00 25.75 ? 87  SER A N   1 
ATOM   647  C  CA  . SER A 1 87  ? -6.879  8.860   11.457  1.00 25.71 ? 87  SER A CA  1 
ATOM   648  C  C   . SER A 1 87  ? -8.401  8.835   11.304  1.00 27.09 ? 87  SER A C   1 
ATOM   649  O  O   . SER A 1 87  ? -9.097  8.262   12.175  1.00 27.45 ? 87  SER A O   1 
ATOM   650  C  CB  . SER A 1 87  ? -6.226  8.118   10.322  1.00 27.39 ? 87  SER A CB  1 
ATOM   651  O  OG  . SER A 1 87  ? -6.743  6.786   10.243  1.00 26.52 ? 87  SER A OG  1 
ATOM   652  N  N   . GLU A 1 88  ? -8.908  9.324   10.179  1.00 28.95 ? 88  GLU A N   1 
ATOM   653  C  CA  . GLU A 1 88  ? -10.375 9.333   9.951   1.00 29.55 ? 88  GLU A CA  1 
ATOM   654  C  C   . GLU A 1 88  ? -10.895 7.892   9.806   1.00 29.71 ? 88  GLU A C   1 
ATOM   655  O  O   . GLU A 1 88  ? -12.074 7.687   10.101  1.00 27.17 ? 88  GLU A O   1 
ATOM   656  C  CB  . GLU A 1 88  ? -10.727 10.236  8.762   1.00 27.93 ? 88  GLU A CB  1 
ATOM   657  C  CG  . GLU A 1 88  ? -10.722 9.525   7.439   1.00 32.46 ? 88  GLU A CG  1 
ATOM   658  C  CD  . GLU A 1 88  ? -11.283 10.328  6.286   1.00 36.67 ? 88  GLU A CD  1 
ATOM   659  O  OE1 . GLU A 1 88  ? -11.391 11.567  6.435   1.00 38.27 ? 88  GLU A OE1 1 
ATOM   660  O  OE2 . GLU A 1 88  ? -11.594 9.701   5.239   1.00 39.71 ? 88  GLU A OE2 1 
ATOM   661  N  N   . TYR A 1 89  ? -10.048 6.926   9.431   1.00 26.29 ? 89  TYR A N   1 
ATOM   662  C  CA  . TYR A 1 89  ? -10.461 5.534   9.096   1.00 26.09 ? 89  TYR A CA  1 
ATOM   663  C  C   . TYR A 1 89  ? -9.922  4.496   10.098  1.00 25.47 ? 89  TYR A C   1 
ATOM   664  O  O   . TYR A 1 89  ? -10.344 3.282   10.043  1.00 24.51 ? 89  TYR A O   1 
ATOM   665  C  CB  . TYR A 1 89  ? -10.074 5.203   7.654   1.00 27.35 ? 89  TYR A CB  1 
ATOM   666  C  CG  . TYR A 1 89  ? -8.641  5.526   7.311   1.00 26.95 ? 89  TYR A CG  1 
ATOM   667  C  CD1 . TYR A 1 89  ? -8.273  6.811   6.957   1.00 25.22 ? 89  TYR A CD1 1 
ATOM   668  C  CD2 . TYR A 1 89  ? -7.649  4.558   7.389   1.00 26.13 ? 89  TYR A CD2 1 
ATOM   669  C  CE1 . TYR A 1 89  ? -6.953  7.124   6.695   1.00 25.42 ? 89  TYR A CE1 1 
ATOM   670  C  CE2 . TYR A 1 89  ? -6.328  4.858   7.129   1.00 24.43 ? 89  TYR A CE2 1 
ATOM   671  C  CZ  . TYR A 1 89  ? -5.981  6.137   6.749   1.00 26.25 ? 89  TYR A CZ  1 
ATOM   672  O  OH  . TYR A 1 89  ? -4.679  6.435   6.475   1.00 23.06 ? 89  TYR A OH  1 
ATOM   673  N  N   . TYR A 1 90  ? -9.028  4.870   11.016  1.00 24.82 ? 90  TYR A N   1 
ATOM   674  C  CA  . TYR A 1 90  ? -8.499  3.902   12.008  1.00 24.11 ? 90  TYR A CA  1 
ATOM   675  C  C   . TYR A 1 90  ? -8.209  4.587   13.340  1.00 24.46 ? 90  TYR A C   1 
ATOM   676  O  O   . TYR A 1 90  ? -7.813  5.746   13.381  1.00 26.36 ? 90  TYR A O   1 
ATOM   677  C  CB  . TYR A 1 90  ? -7.200  3.229   11.532  1.00 25.14 ? 90  TYR A CB  1 
ATOM   678  C  CG  . TYR A 1 90  ? -7.301  2.077   10.556  1.00 24.35 ? 90  TYR A CG  1 
ATOM   679  C  CD1 . TYR A 1 90  ? -8.210  1.037   10.693  1.00 23.65 ? 90  TYR A CD1 1 
ATOM   680  C  CD2 . TYR A 1 90  ? -6.373  1.956   9.537   1.00 22.30 ? 90  TYR A CD2 1 
ATOM   681  C  CE1 . TYR A 1 90  ? -8.247  -0.028  9.799   1.00 24.47 ? 90  TYR A CE1 1 
ATOM   682  C  CE2 . TYR A 1 90  ? -6.392  0.894   8.642   1.00 21.80 ? 90  TYR A CE2 1 
ATOM   683  C  CZ  . TYR A 1 90  ? -7.347  -0.092  8.746   1.00 21.80 ? 90  TYR A CZ  1 
ATOM   684  O  OH  . TYR A 1 90  ? -7.356  -1.159  7.872   1.00 22.41 ? 90  TYR A OH  1 
ATOM   685  N  N   . PRO A 1 91  ? -8.309  3.844   14.473  1.00 23.66 ? 91  PRO A N   1 
ATOM   686  C  CA  . PRO A 1 91  ? -7.909  4.376   15.775  1.00 23.63 ? 91  PRO A CA  1 
ATOM   687  C  C   . PRO A 1 91  ? -6.382  4.511   15.776  1.00 23.75 ? 91  PRO A C   1 
ATOM   688  O  O   . PRO A 1 91  ? -5.766  4.021   14.868  1.00 21.95 ? 91  PRO A O   1 
ATOM   689  C  CB  . PRO A 1 91  ? -8.322  3.271   16.748  1.00 22.55 ? 91  PRO A CB  1 
ATOM   690  C  CG  . PRO A 1 91  ? -8.159  2.011   15.918  1.00 22.09 ? 91  PRO A CG  1 
ATOM   691  C  CD  . PRO A 1 91  ? -8.646  2.407   14.544  1.00 22.62 ? 91  PRO A CD  1 
ATOM   692  N  N   . ALA A 1 92  ? -5.809  5.161   16.786  1.00 24.96 ? 92  ALA A N   1 
ATOM   693  C  CA  . ALA A 1 92  ? -4.381  5.009   17.099  1.00 24.18 ? 92  ALA A CA  1 
ATOM   694  C  C   . ALA A 1 92  ? -4.138  3.513   17.337  1.00 23.88 ? 92  ALA A C   1 
ATOM   695  O  O   . ALA A 1 92  ? -4.938  2.884   18.072  1.00 26.40 ? 92  ALA A O   1 
ATOM   696  C  CB  . ALA A 1 92  ? -4.010  5.851   18.288  1.00 23.67 ? 92  ALA A CB  1 
ATOM   697  N  N   . ARG A 1 93  ? -3.155  2.918   16.660  1.00 23.57 ? 93  ARG A N   1 
ATOM   698  C  CA  . ARG A 1 93  ? -2.883  1.466   16.768  1.00 23.69 ? 93  ARG A CA  1 
ATOM   699  C  C   . ARG A 1 93  ? -1.507  1.150   16.171  1.00 24.47 ? 93  ARG A C   1 
ATOM   700  O  O   . ARG A 1 93  ? -0.928  2.036   15.468  1.00 21.79 ? 93  ARG A O   1 
ATOM   701  C  CB  . ARG A 1 93  ? -4.013  0.713   16.055  1.00 23.70 ? 93  ARG A CB  1 
ATOM   702  C  CG  . ARG A 1 93  ? -3.950  0.862   14.546  1.00 23.81 ? 93  ARG A CG  1 
ATOM   703  C  CD  . ARG A 1 93  ? -5.007  0.104   13.785  1.00 27.32 ? 93  ARG A CD  1 
ATOM   704  N  NE  . ARG A 1 93  ? -4.501  0.033   12.421  1.00 26.71 ? 93  ARG A NE  1 
ATOM   705  C  CZ  . ARG A 1 93  ? -4.657  -0.995  11.595  1.00 29.20 ? 93  ARG A CZ  1 
ATOM   706  N  NH1 . ARG A 1 93  ? -5.336  -2.076  11.967  1.00 28.35 ? 93  ARG A NH1 1 
ATOM   707  N  NH2 . ARG A 1 93  ? -4.118  -0.918  10.392  1.00 27.78 ? 93  ARG A NH2 1 
ATOM   708  N  N   . TYR A 1 94  ? -0.995  -0.048  16.458  1.00 21.51 ? 94  TYR A N   1 
ATOM   709  C  CA  . TYR A 1 94  ? 0.184   -0.624  15.784  1.00 22.35 ? 94  TYR A CA  1 
ATOM   710  C  C   . TYR A 1 94  ? -0.269  -1.140  14.426  1.00 21.89 ? 94  TYR A C   1 
ATOM   711  O  O   . TYR A 1 94  ? -1.375  -1.734  14.299  1.00 22.18 ? 94  TYR A O   1 
ATOM   712  C  CB  . TYR A 1 94  ? 0.846   -1.691  16.655  1.00 24.77 ? 94  TYR A CB  1 
ATOM   713  C  CG  . TYR A 1 94  ? 1.744   -1.063  17.691  1.00 26.15 ? 94  TYR A CG  1 
ATOM   714  C  CD1 . TYR A 1 94  ? 3.030   -0.676  17.359  1.00 27.17 ? 94  TYR A CD1 1 
ATOM   715  C  CD2 . TYR A 1 94  ? 1.271   -0.742  18.951  1.00 32.19 ? 94  TYR A CD2 1 
ATOM   716  C  CE1 . TYR A 1 94  ? 3.863   -0.062  18.279  1.00 26.93 ? 94  TYR A CE1 1 
ATOM   717  C  CE2 . TYR A 1 94  ? 2.099   -0.144  19.897  1.00 32.66 ? 94  TYR A CE2 1 
ATOM   718  C  CZ  . TYR A 1 94  ? 3.400   0.203   19.554  1.00 31.68 ? 94  TYR A CZ  1 
ATOM   719  O  OH  . TYR A 1 94  ? 4.240   0.809   20.443  1.00 32.57 ? 94  TYR A OH  1 
ATOM   720  N  N   . GLN A 1 95  ? 0.559   -0.868  13.420  1.00 18.41 ? 95  GLN A N   1 
ATOM   721  C  CA  . GLN A 1 95  ? 0.380   -1.371  12.038  1.00 17.75 ? 95  GLN A CA  1 
ATOM   722  C  C   . GLN A 1 95  ? 1.692   -2.036  11.640  1.00 17.01 ? 95  GLN A C   1 
ATOM   723  O  O   . GLN A 1 95  ? 2.782   -1.418  11.918  1.00 17.59 ? 95  GLN A O   1 
ATOM   724  C  CB  . GLN A 1 95  ? -0.003  -0.237  11.087  1.00 17.27 ? 95  GLN A CB  1 
ATOM   725  C  CG  . GLN A 1 95  ? -0.157  -0.678  9.638   1.00 18.84 ? 95  GLN A CG  1 
ATOM   726  C  CD  . GLN A 1 95  ? -1.015  0.248   8.803   1.00 19.04 ? 95  GLN A CD  1 
ATOM   727  O  OE1 . GLN A 1 95  ? -1.920  0.896   9.304   1.00 17.96 ? 95  GLN A OE1 1 
ATOM   728  N  NE2 . GLN A 1 95  ? -0.715  0.325   7.520   1.00 19.56 ? 95  GLN A NE2 1 
ATOM   729  N  N   . SER A 1 96  ? 1.633   -3.248  11.099  1.00 15.13 ? 96  SER A N   1 
ATOM   730  C  CA  . SER A 1 96  ? 2.801   -4.061  10.700  1.00 16.21 ? 96  SER A CA  1 
ATOM   731  C  C   . SER A 1 96  ? 3.162   -3.834  9.221   1.00 16.88 ? 96  SER A C   1 
ATOM   732  O  O   . SER A 1 96  ? 2.300   -3.342  8.457   1.00 14.83 ? 96  SER A O   1 
ATOM   733  C  CB  . SER A 1 96  ? 2.575   -5.521  10.957  1.00 17.04 ? 96  SER A CB  1 
ATOM   734  O  OG  . SER A 1 96  ? 1.488   -5.990  10.168  1.00 18.47 ? 96  SER A OG  1 
ATOM   735  N  N   . HIS A 1 97  ? 4.373   -4.227  8.824   1.00 14.28 ? 97  HIS A N   1 
ATOM   736  C  CA  . HIS A 1 97  ? 4.842   -4.139  7.417   1.00 14.19 ? 97  HIS A CA  1 
ATOM   737  C  C   . HIS A 1 97  ? 4.641   -2.710  6.867   1.00 13.53 ? 97  HIS A C   1 
ATOM   738  O  O   . HIS A 1 97  ? 4.333   -2.575  5.695   1.00 13.59 ? 97  HIS A O   1 
ATOM   739  C  CB  . HIS A 1 97  ? 4.133   -5.219  6.618   1.00 15.41 ? 97  HIS A CB  1 
ATOM   740  C  CG  . HIS A 1 97  ? 4.395   -6.594  7.105   1.00 15.47 ? 97  HIS A CG  1 
ATOM   741  N  ND1 . HIS A 1 97  ? 5.342   -7.418  6.519   1.00 15.50 ? 97  HIS A ND1 1 
ATOM   742  C  CD2 . HIS A 1 97  ? 3.797   -7.314  8.087   1.00 16.76 ? 97  HIS A CD2 1 
ATOM   743  C  CE1 . HIS A 1 97  ? 5.298   -8.594  7.114   1.00 17.70 ? 97  HIS A CE1 1 
ATOM   744  N  NE2 . HIS A 1 97  ? 4.399   -8.550  8.095   1.00 17.21 ? 97  HIS A NE2 1 
ATOM   745  N  N   . LEU A 1 98  ? 4.911   -1.721  7.685   1.00 12.93 ? 98  LEU A N   1 
ATOM   746  C  CA  . LEU A 1 98  ? 4.687   -0.315  7.332   1.00 13.26 ? 98  LEU A CA  1 
ATOM   747  C  C   . LEU A 1 98  ? 6.053   0.357   7.136   1.00 13.46 ? 98  LEU A C   1 
ATOM   748  O  O   . LEU A 1 98  ? 6.978   0.124   7.932   1.00 14.34 ? 98  LEU A O   1 
ATOM   749  C  CB  . LEU A 1 98  ? 3.891   0.393   8.418   1.00 14.30 ? 98  LEU A CB  1 
ATOM   750  C  CG  . LEU A 1 98  ? 3.551   1.846   8.120   1.00 15.07 ? 98  LEU A CG  1 
ATOM   751  C  CD1 . LEU A 1 98  ? 2.548   1.939   7.009   1.00 13.33 ? 98  LEU A CD1 1 
ATOM   752  C  CD2 . LEU A 1 98  ? 3.037   2.597   9.332   1.00 16.46 ? 98  LEU A CD2 1 
ATOM   753  N  N   . MET A 1 99  ? 6.144   1.166   6.080   1.00 12.15 ? 99  MET A N   1 
ATOM   754  C  CA  . MET A 1 99  ? 7.344   1.957   5.709   1.00 11.65 ? 99  MET A CA  1 
ATOM   755  C  C   . MET A 1 99  ? 6.975   3.418   5.844   1.00 12.46 ? 99  MET A C   1 
ATOM   756  O  O   . MET A 1 99  ? 5.891   3.789   5.407   1.00 13.65 ? 99  MET A O   1 
ATOM   757  C  CB  . MET A 1 99  ? 7.776   1.652   4.276   1.00 10.95 ? 99  MET A CB  1 
ATOM   758  C  CG  . MET A 1 99  ? 8.206   0.209   4.078   1.00 12.83 ? 99  MET A CG  1 
ATOM   759  S  SD  . MET A 1 99  ? 8.306   -0.292  2.398   1.00 14.37 ? 99  MET A SD  1 
ATOM   760  C  CE  . MET A 1 99  ? 6.618   -0.225  1.797   1.00 13.16 ? 99  MET A CE  1 
ATOM   761  N  N   . LEU A 1 100 ? 7.873   4.233   6.389   1.00 11.42 ? 100 LEU A N   1 
ATOM   762  C  CA  . LEU A 1 100 ? 7.572   5.662   6.551   1.00 11.44 ? 100 LEU A CA  1 
ATOM   763  C  C   . LEU A 1 100 ? 8.511   6.498   5.690   1.00 11.61 ? 100 LEU A C   1 
ATOM   764  O  O   . LEU A 1 100 ? 9.696   6.133   5.522   1.00 12.86 ? 100 LEU A O   1 
ATOM   765  C  CB  . LEU A 1 100 ? 7.772   6.110   8.001   1.00 13.98 ? 100 LEU A CB  1 
ATOM   766  C  CG  . LEU A 1 100 ? 6.756   5.573   8.995   1.00 15.48 ? 100 LEU A CG  1 
ATOM   767  C  CD1 . LEU A 1 100 ? 7.102   5.991   10.422  1.00 17.61 ? 100 LEU A CD1 1 
ATOM   768  C  CD2 . LEU A 1 100 ? 5.333   5.956   8.606   1.00 17.09 ? 100 LEU A CD2 1 
ATOM   769  N  N   . ALA A 1 101 ? 7.976   7.604   5.186   1.00 10.91 ? 101 ALA A N   1 
ATOM   770  C  CA  . ALA A 1 101 ? 8.773   8.622   4.486   1.00 10.89 ? 101 ALA A CA  1 
ATOM   771  C  C   . ALA A 1 101 ? 8.292   9.989   4.941   1.00 11.84 ? 101 ALA A C   1 
ATOM   772  O  O   . ALA A 1 101 ? 7.183   10.106  5.418   1.00 12.56 ? 101 ALA A O   1 
ATOM   773  C  CB  . ALA A 1 101 ? 8.668   8.534   2.982   1.00 11.86 ? 101 ALA A CB  1 
ATOM   774  N  N   . VAL A 1 102 ? 9.104   10.990  4.668   1.00 11.88 ? 102 VAL A N   1 
ATOM   775  C  CA  . VAL A 1 102 ? 8.714   12.392  4.924   1.00 11.82 ? 102 VAL A CA  1 
ATOM   776  C  C   . VAL A 1 102 ? 7.990   12.821  3.666   1.00 12.15 ? 102 VAL A C   1 
ATOM   777  O  O   . VAL A 1 102 ? 8.597   12.855  2.561   1.00 12.77 ? 102 VAL A O   1 
ATOM   778  C  CB  . VAL A 1 102 ? 9.932   13.284  5.217   1.00 12.76 ? 102 VAL A CB  1 
ATOM   779  C  CG1 . VAL A 1 102 ? 9.556   14.750  5.348   1.00 12.86 ? 102 VAL A CG1 1 
ATOM   780  C  CG2 . VAL A 1 102 ? 10.636  12.812  6.459   1.00 12.39 ? 102 VAL A CG2 1 
ATOM   781  N  N   . GLY A 1 103 ? 6.728   13.204  3.826   1.00 12.75 ? 103 GLY A N   1 
ATOM   782  C  CA  . GLY A 1 103 ? 5.941   13.675  2.682   1.00 12.51 ? 103 GLY A CA  1 
ATOM   783  C  C   . GLY A 1 103 ? 4.499   13.865  3.093   1.00 13.10 ? 103 GLY A C   1 
ATOM   784  O  O   . GLY A 1 103 ? 4.144   13.598  4.262   1.00 13.87 ? 103 GLY A O   1 
ATOM   785  N  N   . HIS A 1 104 ? 3.706   14.341  2.156   1.00 14.28 ? 104 HIS A N   1 
ATOM   786  C  CA  . HIS A 1 104 ? 2.299   14.696  2.408   1.00 15.90 ? 104 HIS A CA  1 
ATOM   787  C  C   . HIS A 1 104 ? 1.420   13.468  2.175   1.00 15.36 ? 104 HIS A C   1 
ATOM   788  O  O   . HIS A 1 104 ? 1.528   12.827  1.104   1.00 15.88 ? 104 HIS A O   1 
ATOM   789  C  CB  . HIS A 1 104 ? 1.893   15.882  1.518   1.00 16.02 ? 104 HIS A CB  1 
ATOM   790  C  CG  . HIS A 1 104 ? 0.515   16.309  1.846   1.00 17.03 ? 104 HIS A CG  1 
ATOM   791  N  ND1 . HIS A 1 104 ? 0.251   16.913  3.044   1.00 17.01 ? 104 HIS A ND1 1 
ATOM   792  C  CD2 . HIS A 1 104 ? -0.659  16.181  1.183   1.00 16.55 ? 104 HIS A CD2 1 
ATOM   793  C  CE1 . HIS A 1 104 ? -1.063  17.158  3.103   1.00 17.69 ? 104 HIS A CE1 1 
ATOM   794  N  NE2 . HIS A 1 104 ? -1.624  16.755  1.969   1.00 17.20 ? 104 HIS A NE2 1 
ATOM   795  N  N   . SER A 1 105 ? 0.516   13.217  3.116   1.00 15.30 ? 105 SER A N   1 
ATOM   796  C  CA  . SER A 1 105 ? -0.512  12.154  3.042   1.00 16.78 ? 105 SER A CA  1 
ATOM   797  C  C   . SER A 1 105 ? -1.738  12.571  3.853   1.00 17.39 ? 105 SER A C   1 
ATOM   798  O  O   . SER A 1 105 ? -1.611  12.746  5.082   1.00 22.27 ? 105 SER A O   1 
ATOM   799  C  CB  . SER A 1 105 ? 0.026   10.854  3.557   1.00 16.77 ? 105 SER A CB  1 
ATOM   800  O  OG  . SER A 1 105 ? -0.966  9.828   3.397   1.00 18.28 ? 105 SER A OG  1 
ATOM   801  N  N   . GLU A 1 106 ? -2.862  12.640  3.175   1.00 17.03 ? 106 GLU A N   1 
ATOM   802  C  CA  . GLU A 1 106 ? -4.221  12.765  3.745   1.00 20.50 ? 106 GLU A CA  1 
ATOM   803  C  C   . GLU A 1 106 ? -4.960  11.456  3.522   1.00 20.79 ? 106 GLU A C   1 
ATOM   804  O  O   . GLU A 1 106 ? -4.553  10.598  2.719   1.00 18.85 ? 106 GLU A O   1 
ATOM   805  C  CB  . GLU A 1 106 ? -4.952  13.915  3.065   1.00 22.27 ? 106 GLU A CB  1 
ATOM   806  C  CG  . GLU A 1 106 ? -4.288  15.259  3.292   1.00 23.79 ? 106 GLU A CG  1 
ATOM   807  C  CD  . GLU A 1 106 ? -4.888  16.410  2.492   1.00 21.34 ? 106 GLU A CD  1 
ATOM   808  O  OE1 . GLU A 1 106 ? -6.073  16.348  2.163   1.00 23.45 ? 106 GLU A OE1 1 
ATOM   809  O  OE2 . GLU A 1 106 ? -4.153  17.317  2.125   1.00 24.58 ? 106 GLU A OE2 1 
ATOM   810  N  N   . PRO A 1 107 ? -6.091  11.237  4.236   1.00 21.67 ? 107 PRO A N   1 
ATOM   811  C  CA  . PRO A 1 107 ? -6.805  9.967   4.132   1.00 20.34 ? 107 PRO A CA  1 
ATOM   812  C  C   . PRO A 1 107 ? -7.138  9.514   2.705   1.00 19.32 ? 107 PRO A C   1 
ATOM   813  O  O   . PRO A 1 107 ? -6.972  8.319   2.423   1.00 21.78 ? 107 PRO A O   1 
ATOM   814  C  CB  . PRO A 1 107 ? -8.071  10.233  4.954   1.00 22.30 ? 107 PRO A CB  1 
ATOM   815  C  CG  . PRO A 1 107 ? -7.558  11.173  6.020   1.00 22.50 ? 107 PRO A CG  1 
ATOM   816  C  CD  . PRO A 1 107 ? -6.693  12.142  5.233   1.00 23.33 ? 107 PRO A CD  1 
ATOM   817  N  N   . GLY A 1 108 ? -7.590  10.424  1.835   1.00 18.93 ? 108 GLY A N   1 
ATOM   818  C  CA  . GLY A 1 108 ? -7.913  10.134  0.433   1.00 20.44 ? 108 GLY A CA  1 
ATOM   819  C  C   . GLY A 1 108 ? -6.701  9.710   -0.391  1.00 16.36 ? 108 GLY A C   1 
ATOM   820  O  O   . GLY A 1 108 ? -6.880  9.247   -1.502  1.00 14.91 ? 108 GLY A O   1 
ATOM   821  N  N   . ASP A 1 109 ? -5.496  9.949   0.115   1.00 16.95 ? 109 ASP A N   1 
ATOM   822  C  CA  . ASP A 1 109 ? -4.263  9.532   -0.598  1.00 13.48 ? 109 ASP A CA  1 
ATOM   823  C  C   . ASP A 1 109 ? -4.016  8.034   -0.490  1.00 13.20 ? 109 ASP A C   1 
ATOM   824  O  O   . ASP A 1 109 ? -3.160  7.510   -1.220  1.00 12.64 ? 109 ASP A O   1 
ATOM   825  C  CB  . ASP A 1 109 ? -3.056  10.273  -0.044  1.00 13.51 ? 109 ASP A CB  1 
ATOM   826  C  CG  . ASP A 1 109 ? -3.096  11.743  -0.449  1.00 12.66 ? 109 ASP A CG  1 
ATOM   827  O  OD1 . ASP A 1 109 ? -3.568  12.011  -1.586  1.00 13.94 ? 109 ASP A OD1 1 
ATOM   828  O  OD2 . ASP A 1 109 ? -2.639  12.578  0.338   1.00 13.72 ? 109 ASP A OD2 1 
ATOM   829  N  N   . CYS A 1 110 ? -4.703  7.342   0.410   1.00 12.51 ? 110 CYS A N   1 
ATOM   830  C  CA  . CYS A 1 110 ? -4.496  5.891   0.547   1.00 11.69 ? 110 CYS A CA  1 
ATOM   831  C  C   . CYS A 1 110 ? -4.735  5.222   -0.805  1.00 12.21 ? 110 CYS A C   1 
ATOM   832  O  O   . CYS A 1 110 ? -5.728  5.573   -1.514  1.00 13.25 ? 110 CYS A O   1 
ATOM   833  C  CB  . CYS A 1 110 ? -5.423  5.302   1.598   1.00 12.45 ? 110 CYS A CB  1 
ATOM   834  S  SG  . CYS A 1 110 ? -4.911  5.633   3.293   1.00 14.90 ? 110 CYS A SG  1 
ATOM   835  N  N   . GLY A 1 111 ? -3.884  4.228   -1.131  1.00 11.43 ? 111 GLY A N   1 
ATOM   836  C  CA  . GLY A 1 111 ? -3.939  3.464   -2.377  1.00 11.37 ? 111 GLY A CA  1 
ATOM   837  C  C   . GLY A 1 111 ? -2.971  4.010   -3.437  1.00 11.28 ? 111 GLY A C   1 
ATOM   838  O  O   . GLY A 1 111 ? -2.787  3.337   -4.467  1.00 12.28 ? 111 GLY A O   1 
ATOM   839  N  N   . GLY A 1 112 ? -2.424  5.219   -3.269  1.00 11.10 ? 112 GLY A N   1 
ATOM   840  C  CA  . GLY A 1 112 ? -1.357  5.713   -4.152  1.00 11.88 ? 112 GLY A CA  1 
ATOM   841  C  C   . GLY A 1 112 ? -0.201  4.739   -4.181  1.00 11.29 ? 112 GLY A C   1 
ATOM   842  O  O   . GLY A 1 112 ? 0.180   4.302   -3.093  1.00 9.47  ? 112 GLY A O   1 
ATOM   843  N  N   . ILE A 1 113 ? 0.369   4.524   -5.345  1.00 11.16 ? 113 ILE A N   1 
ATOM   844  C  CA  . ILE A 1 113 ? 1.501   3.560   -5.504  1.00 11.41 ? 113 ILE A CA  1 
ATOM   845  C  C   . ILE A 1 113 ? 2.823   4.200   -5.085  1.00 10.84 ? 113 ILE A C   1 
ATOM   846  O  O   . ILE A 1 113 ? 3.117   5.330   -5.505  1.00 11.25 ? 113 ILE A O   1 
ATOM   847  C  CB  . ILE A 1 113 ? 1.541   2.982   -6.916  1.00 14.14 ? 113 ILE A CB  1 
ATOM   848  C  CG1 . ILE A 1 113 ? 0.444   1.911   -7.022  1.00 15.88 ? 113 ILE A CG1 1 
ATOM   849  C  CG2 . ILE A 1 113 ? 2.905   2.397   -7.271  1.00 13.68 ? 113 ILE A CG2 1 
ATOM   850  C  CD1 . ILE A 1 113 ? 0.236   1.378   -8.397  1.00 17.90 ? 113 ILE A CD1 1 
ATOM   851  N  N   . LEU A 1 114 ? 3.629   3.421   -4.377  1.00 10.44 ? 114 LEU A N   1 
ATOM   852  C  CA  . LEU A 1 114 ? 5.064   3.686   -4.178  1.00 10.36 ? 114 LEU A CA  1 
ATOM   853  C  C   . LEU A 1 114 ? 5.794   2.689   -5.081  1.00 10.01 ? 114 LEU A C   1 
ATOM   854  O  O   . LEU A 1 114 ? 5.516   1.498   -5.011  1.00 10.53 ? 114 LEU A O   1 
ATOM   855  C  CB  . LEU A 1 114 ? 5.434   3.536   -2.700  1.00 10.14 ? 114 LEU A CB  1 
ATOM   856  C  CG  . LEU A 1 114 ? 6.930   3.529   -2.380  1.00 11.26 ? 114 LEU A CG  1 
ATOM   857  C  CD1 . LEU A 1 114 ? 7.568   4.894   -2.612  1.00 11.44 ? 114 LEU A CD1 1 
ATOM   858  C  CD2 . LEU A 1 114 ? 7.114   3.049   -0.954  1.00 10.93 ? 114 LEU A CD2 1 
ATOM   859  N  N   . ARG A 1 115 ? 6.688   3.198   -5.904  1.00 10.86 ? 115 ARG A N   1 
ATOM   860  C  CA  . ARG A 1 115 ? 7.446   2.374   -6.869  1.00 10.71 ? 115 ARG A CA  1 
ATOM   861  C  C   . ARG A 1 115 ? 8.928   2.688   -6.761  1.00 11.32 ? 115 ARG A C   1 
ATOM   862  O  O   . ARG A 1 115 ? 9.340   3.839   -6.413  1.00 10.65 ? 115 ARG A O   1 
ATOM   863  C  CB  . ARG A 1 115 ? 6.935   2.534   -8.295  1.00 11.59 ? 115 ARG A CB  1 
ATOM   864  C  CG  . ARG A 1 115 ? 7.122   3.930   -8.855  1.00 13.00 ? 115 ARG A CG  1 
ATOM   865  C  CD  . ARG A 1 115 ? 6.456   4.094   -10.202 1.00 15.55 ? 115 ARG A CD  1 
ATOM   866  N  NE  . ARG A 1 115 ? 5.009   4.233   -10.134 1.00 18.26 ? 115 ARG A NE  1 
ATOM   867  C  CZ  . ARG A 1 115 ? 4.096   3.430   -10.711 1.00 19.71 ? 115 ARG A CZ  1 
ATOM   868  N  NH1 . ARG A 1 115 ? 4.443   2.316   -11.343 1.00 21.83 ? 115 ARG A NH1 1 
ATOM   869  N  NH2 . ARG A 1 115 ? 2.821   3.747   -10.609 1.00 23.80 ? 115 ARG A NH2 1 
ATOM   870  N  N   . CYS A 1 116 ? 9.681   1.640   -7.016  1.00 10.75 ? 116 CYS A N   1 
ATOM   871  C  CA  . CYS A 1 116 ? 11.156  1.711   -7.160  1.00 11.58 ? 116 CYS A CA  1 
ATOM   872  C  C   . CYS A 1 116 ? 11.551  1.193   -8.531  1.00 11.85 ? 116 CYS A C   1 
ATOM   873  O  O   . CYS A 1 116 ? 10.674  0.849   -9.331  1.00 13.79 ? 116 CYS A O   1 
ATOM   874  C  CB  . CYS A 1 116 ? 11.827  0.930   -6.033  1.00 9.59  ? 116 CYS A CB  1 
ATOM   875  S  SG  . CYS A 1 116 ? 11.595  -0.858  -6.266  1.00 11.27 ? 116 CYS A SG  1 
ATOM   876  N  N   . GLN A 1 117 ? 12.847  1.157   -8.796  1.00 14.79 ? 117 GLN A N   1 
ATOM   877  C  CA  . GLN A 1 117 ? 13.359  0.627   -10.081 1.00 16.26 ? 117 GLN A CA  1 
ATOM   878  C  C   . GLN A 1 117 ? 12.890  -0.811  -10.358 1.00 16.79 ? 117 GLN A C   1 
ATOM   879  O  O   . GLN A 1 117 ? 12.867  -1.184  -11.534 1.00 20.59 ? 117 GLN A O   1 
ATOM   880  C  CB  . GLN A 1 117 ? 14.888  0.686   -10.070 1.00 17.87 ? 117 GLN A CB  1 
ATOM   881  C  CG  . GLN A 1 117 ? 15.518  -0.276  -9.059  1.00 19.95 ? 117 GLN A CG  1 
ATOM   882  C  CD  . GLN A 1 117 ? 17.025  -0.291  -9.119  1.00 23.28 ? 117 GLN A CD  1 
ATOM   883  O  OE1 . GLN A 1 117 ? 17.698  0.338   -8.308  1.00 27.43 ? 117 GLN A OE1 1 
ATOM   884  N  NE2 . GLN A 1 117 ? 17.546  -1.012  -10.099 1.00 25.45 ? 117 GLN A NE2 1 
ATOM   885  N  N   . HIS A 1 118 ? 12.475  -1.599  -9.364  1.00 16.07 ? 118 HIS A N   1 
ATOM   886  C  CA  . HIS A 1 118 ? 12.060  -3.005  -9.596  1.00 15.00 ? 118 HIS A CA  1 
ATOM   887  C  C   . HIS A 1 118 ? 10.532  -3.113  -9.791  1.00 16.02 ? 118 HIS A C   1 
ATOM   888  O  O   . HIS A 1 118 ? 10.092  -4.212  -10.131 1.00 18.71 ? 118 HIS A O   1 
ATOM   889  C  CB  . HIS A 1 118 ? 12.537  -3.866  -8.429  1.00 13.78 ? 118 HIS A CB  1 
ATOM   890  C  CG  . HIS A 1 118 ? 13.994  -3.748  -8.165  1.00 14.10 ? 118 HIS A CG  1 
ATOM   891  N  ND1 . HIS A 1 118 ? 14.507  -2.966  -7.179  1.00 13.26 ? 118 HIS A ND1 1 
ATOM   892  C  CD2 . HIS A 1 118 ? 15.042  -4.406  -8.730  1.00 13.52 ? 118 HIS A CD2 1 
ATOM   893  C  CE1 . HIS A 1 118 ? 15.823  -3.058  -7.204  1.00 15.75 ? 118 HIS A CE1 1 
ATOM   894  N  NE2 . HIS A 1 118 ? 16.164  -3.940  -8.138  1.00 13.37 ? 118 HIS A NE2 1 
ATOM   895  N  N   . GLY A 1 119 ? 9.756   -2.038  -9.583  1.00 14.90 ? 119 GLY A N   1 
ATOM   896  C  CA  . GLY A 1 119 ? 8.301   -2.101  -9.719  1.00 13.80 ? 119 GLY A CA  1 
ATOM   897  C  C   . GLY A 1 119 ? 7.575   -1.532  -8.507  1.00 13.69 ? 119 GLY A C   1 
ATOM   898  O  O   . GLY A 1 119 ? 8.111   -0.659  -7.822  1.00 12.69 ? 119 GLY A O   1 
ATOM   899  N  N   . VAL A 1 120 ? 6.371   -2.037  -8.258  1.00 11.75 ? 120 VAL A N   1 
ATOM   900  C  CA  . VAL A 1 120 ? 5.515   -1.570  -7.130  1.00 12.33 ? 120 VAL A CA  1 
ATOM   901  C  C   . VAL A 1 120 ? 6.037   -2.109  -5.788  1.00 11.58 ? 120 VAL A C   1 
ATOM   902  O  O   . VAL A 1 120 ? 6.162   -3.322  -5.605  1.00 11.84 ? 120 VAL A O   1 
ATOM   903  C  CB  . VAL A 1 120 ? 4.032   -1.943  -7.377  1.00 12.52 ? 120 VAL A CB  1 
ATOM   904  C  CG1 . VAL A 1 120 ? 3.163   -1.586  -6.163  1.00 12.08 ? 120 VAL A CG1 1 
ATOM   905  C  CG2 . VAL A 1 120 ? 3.536   -1.258  -8.635  1.00 13.67 ? 120 VAL A CG2 1 
ATOM   906  N  N   . VAL A 1 121 ? 6.265   -1.208  -4.852  1.00 11.41 ? 121 VAL A N   1 
ATOM   907  C  CA  . VAL A 1 121 ? 6.770   -1.504  -3.491  1.00 10.83 ? 121 VAL A CA  1 
ATOM   908  C  C   . VAL A 1 121 ? 5.588   -1.640  -2.520  1.00 10.87 ? 121 VAL A C   1 
ATOM   909  O  O   . VAL A 1 121 ? 5.587   -2.481  -1.630  1.00 11.40 ? 121 VAL A O   1 
ATOM   910  C  CB  . VAL A 1 121 ? 7.723   -0.393  -3.057  1.00 10.62 ? 121 VAL A CB  1 
ATOM   911  C  CG1 . VAL A 1 121 ? 8.138   -0.551  -1.614  1.00 10.55 ? 121 VAL A CG1 1 
ATOM   912  C  CG2 . VAL A 1 121 ? 8.955   -0.313  -3.934  1.00 11.97 ? 121 VAL A CG2 1 
ATOM   913  N  N   . GLY A 1 122 ? 4.586   -0.779  -2.661  1.00 10.34 ? 122 GLY A N   1 
ATOM   914  C  CA  . GLY A 1 122 ? 3.472   -0.720  -1.717  1.00 10.92 ? 122 GLY A CA  1 
ATOM   915  C  C   . GLY A 1 122 ? 2.482   0.373   -2.051  1.00 10.19 ? 122 GLY A C   1 
ATOM   916  O  O   . GLY A 1 122 ? 2.582   0.995   -3.148  1.00 10.58 ? 122 GLY A O   1 
ATOM   917  N  N   . ILE A 1 123 ? 1.537   0.583   -1.133  1.00 11.22 ? 123 ILE A N   1 
ATOM   918  C  CA  . ILE A 1 123 ? 0.477   1.613   -1.335  1.00 10.59 ? 123 ILE A CA  1 
ATOM   919  C  C   . ILE A 1 123 ? 0.390   2.497   -0.087  1.00 10.49 ? 123 ILE A C   1 
ATOM   920  O  O   . ILE A 1 123 ? 0.628   2.042   1.018   1.00 9.80  ? 123 ILE A O   1 
ATOM   921  C  CB  . ILE A 1 123 ? -0.908  1.047   -1.703  1.00 10.50 ? 123 ILE A CB  1 
ATOM   922  C  CG1 . ILE A 1 123 ? -1.374  -0.012  -0.713  1.00 10.87 ? 123 ILE A CG1 1 
ATOM   923  C  CG2 . ILE A 1 123 ? -0.919  0.584   -3.143  1.00 11.21 ? 123 ILE A CG2 1 
ATOM   924  C  CD1 . ILE A 1 123 ? -2.769  -0.534  -0.961  1.00 10.66 ? 123 ILE A CD1 1 
ATOM   925  N  N   . VAL A 1 124 ? 0.122   3.766   -0.322  1.00 10.32 ? 124 VAL A N   1 
ATOM   926  C  CA  . VAL A 1 124 ? -0.135  4.734   0.766   1.00 11.50 ? 124 VAL A CA  1 
ATOM   927  C  C   . VAL A 1 124 ? -1.178  4.126   1.710   1.00 10.17 ? 124 VAL A C   1 
ATOM   928  O  O   . VAL A 1 124 ? -2.212  3.597   1.240   1.00 9.58  ? 124 VAL A O   1 
ATOM   929  C  CB  . VAL A 1 124 ? -0.555  6.118   0.266   1.00 12.12 ? 124 VAL A CB  1 
ATOM   930  C  CG1 . VAL A 1 124 ? -0.935  7.039   1.418   1.00 11.78 ? 124 VAL A CG1 1 
ATOM   931  C  CG2 . VAL A 1 124 ? 0.541   6.726   -0.592  1.00 12.07 ? 124 VAL A CG2 1 
ATOM   932  N  N   . SER A 1 125 ? -0.884  4.155   2.992   1.00 10.36 ? 125 SER A N   1 
ATOM   933  C  CA  . SER A 1 125 ? -1.778  3.613   4.050   1.00 12.07 ? 125 SER A CA  1 
ATOM   934  C  C   . SER A 1 125 ? -1.915  4.532   5.262   1.00 13.92 ? 125 SER A C   1 
ATOM   935  O  O   . SER A 1 125 ? -2.954  4.437   5.958   1.00 14.97 ? 125 SER A O   1 
ATOM   936  C  CB  . SER A 1 125 ? -1.296  2.290   4.495   1.00 12.02 ? 125 SER A CB  1 
ATOM   937  O  OG  . SER A 1 125 ? -2.061  1.750   5.561   1.00 14.71 ? 125 SER A OG  1 
ATOM   938  N  N   . THR A 1 126 ? -0.918  5.374   5.551   1.00 14.19 ? 126 THR A N   1 
ATOM   939  C  CA  . THR A 1 126 ? -1.028  6.287   6.722   1.00 14.81 ? 126 THR A CA  1 
ATOM   940  C  C   . THR A 1 126 ? -0.542  7.683   6.343   1.00 14.83 ? 126 THR A C   1 
ATOM   941  O  O   . THR A 1 126 ? 0.142   7.868   5.296   1.00 13.80 ? 126 THR A O   1 
ATOM   942  C  CB  . THR A 1 126 ? -0.278  5.753   7.952   1.00 15.27 ? 126 THR A CB  1 
ATOM   943  O  OG1 . THR A 1 126 ? 1.114   5.953   7.708   1.00 16.67 ? 126 THR A OG1 1 
ATOM   944  C  CG2 . THR A 1 126 ? -0.560  4.298   8.283   1.00 14.80 ? 126 THR A CG2 1 
ATOM   945  N  N   . GLY A 1 127 ? -0.903  8.670   7.176   1.00 15.22 ? 127 GLY A N   1 
ATOM   946  C  CA  . GLY A 1 127 ? -0.521  10.075  6.960   1.00 17.60 ? 127 GLY A CA  1 
ATOM   947  C  C   . GLY A 1 127 ? -0.460  10.813  8.282   1.00 19.10 ? 127 GLY A C   1 
ATOM   948  O  O   . GLY A 1 127 ? -0.694  10.161  9.333   1.00 21.21 ? 127 GLY A O   1 
ATOM   949  N  N   . GLY A 1 128 ? -0.118  12.096  8.222   1.00 23.46 ? 128 GLY A N   1 
ATOM   950  C  CA  . GLY A 1 128 ? -0.099  13.005  9.388   1.00 25.37 ? 128 GLY A CA  1 
ATOM   951  C  C   . GLY A 1 128 ? 1.309   13.350  9.835   1.00 26.67 ? 128 GLY A C   1 
ATOM   952  O  O   . GLY A 1 128 ? 2.249   12.585  9.562   1.00 25.20 ? 128 GLY A O   1 
ATOM   953  N  N   . ASN A 1 129 ? 1.438   14.475  10.544  1.00 27.44 ? 129 ASN A N   1 
ATOM   954  C  CA  . ASN A 1 129 ? 2.714   14.967  11.131  1.00 27.63 ? 129 ASN A CA  1 
ATOM   955  C  C   . ASN A 1 129 ? 3.801   14.979  10.063  1.00 24.24 ? 129 ASN A C   1 
ATOM   956  O  O   . ASN A 1 129 ? 5.002   14.712  10.400  1.00 26.41 ? 129 ASN A O   1 
ATOM   957  C  CB  . ASN A 1 129 ? 3.180   14.125  12.315  1.00 27.48 ? 129 ASN A CB  1 
ATOM   958  C  CG  . ASN A 1 129 ? 2.505   14.471  13.627  1.00 29.91 ? 129 ASN A CG  1 
ATOM   959  O  OD1 . ASN A 1 129 ? 1.969   15.564  13.806  1.00 32.22 ? 129 ASN A OD1 1 
ATOM   960  N  ND2 . ASN A 1 129 ? 2.595   13.567  14.586  1.00 32.10 ? 129 ASN A ND2 1 
ATOM   961  N  N   . GLY A 1 130 ? 3.434   15.258  8.814   1.00 21.33 ? 130 GLY A N   1 
ATOM   962  C  CA  . GLY A 1 130 ? 4.442   15.418  7.755   1.00 17.18 ? 130 GLY A CA  1 
ATOM   963  C  C   . GLY A 1 130 ? 5.049   14.094  7.317   1.00 16.38 ? 130 GLY A C   1 
ATOM   964  O  O   . GLY A 1 130 ? 6.027   14.167  6.613   1.00 14.86 ? 130 GLY A O   1 
ATOM   965  N  N   . LEU A 1 131 ? 4.486   12.941  7.698   1.00 17.09 ? 131 LEU A N   1 
ATOM   966  C  CA  . LEU A 1 131 ? 4.957   11.611  7.236   1.00 14.84 ? 131 LEU A CA  1 
ATOM   967  C  C   . LEU A 1 131 ? 3.885   10.984  6.343   1.00 14.23 ? 131 LEU A C   1 
ATOM   968  O  O   . LEU A 1 131 ? 2.706   11.296  6.454   1.00 16.96 ? 131 LEU A O   1 
ATOM   969  C  CB  . LEU A 1 131 ? 5.256   10.659  8.394   1.00 16.84 ? 131 LEU A CB  1 
ATOM   970  C  CG  . LEU A 1 131 ? 6.303   11.096  9.413   1.00 17.58 ? 131 LEU A CG  1 
ATOM   971  C  CD1 . LEU A 1 131 ? 6.719   9.880   10.259  1.00 18.41 ? 131 LEU A CD1 1 
ATOM   972  C  CD2 . LEU A 1 131 ? 7.522   11.699  8.723   1.00 17.17 ? 131 LEU A CD2 1 
ATOM   973  N  N   . VAL A 1 132 ? 4.320   10.081  5.494   1.00 14.53 ? 132 VAL A N   1 
ATOM   974  C  CA  . VAL A 1 132 ? 3.425   9.231   4.665   1.00 13.48 ? 132 VAL A CA  1 
ATOM   975  C  C   . VAL A 1 132 ? 3.872   7.794   4.943   1.00 13.32 ? 132 VAL A C   1 
ATOM   976  O  O   . VAL A 1 132 ? 5.103   7.492   4.981   1.00 12.88 ? 132 VAL A O   1 
ATOM   977  C  CB  . VAL A 1 132 ? 3.498   9.614   3.170   1.00 13.19 ? 132 VAL A CB  1 
ATOM   978  C  CG1 . VAL A 1 132 ? 4.901   9.667   2.629   1.00 14.66 ? 132 VAL A CG1 1 
ATOM   979  C  CG2 . VAL A 1 132 ? 2.651   8.707   2.313   1.00 12.83 ? 132 VAL A CG2 1 
ATOM   980  N  N   . GLY A 1 133 ? 2.925   6.935   5.336   1.00 12.54 ? 133 GLY A N   1 
ATOM   981  C  CA  . GLY A 1 133 ? 3.218   5.508   5.527   1.00 11.96 ? 133 GLY A CA  1 
ATOM   982  C  C   . GLY A 1 133 ? 2.714   4.717   4.341   1.00 11.85 ? 133 GLY A C   1 
ATOM   983  O  O   . GLY A 1 133 ? 1.606   5.001   3.865   1.00 11.29 ? 133 GLY A O   1 
ATOM   984  N  N   . PHE A 1 134 ? 3.460   3.700   3.960   1.00 12.31 ? 134 PHE A N   1 
ATOM   985  C  CA  . PHE A 1 134 ? 3.149   2.742   2.872   1.00 11.42 ? 134 PHE A CA  1 
ATOM   986  C  C   . PHE A 1 134 ? 3.080   1.335   3.422   1.00 11.91 ? 134 PHE A C   1 
ATOM   987  O  O   . PHE A 1 134 ? 4.013   0.908   4.110   1.00 13.10 ? 134 PHE A O   1 
ATOM   988  C  CB  . PHE A 1 134 ? 4.241   2.782   1.815   1.00 10.78 ? 134 PHE A CB  1 
ATOM   989  C  CG  . PHE A 1 134 ? 4.568   4.178   1.384   1.00 10.59 ? 134 PHE A CG  1 
ATOM   990  C  CD1 . PHE A 1 134 ? 3.846   4.785   0.361   1.00 10.59 ? 134 PHE A CD1 1 
ATOM   991  C  CD2 . PHE A 1 134 ? 5.641   4.873   1.966   1.00 11.47 ? 134 PHE A CD2 1 
ATOM   992  C  CE1 . PHE A 1 134 ? 4.126   6.086   -0.036  1.00 10.42 ? 134 PHE A CE1 1 
ATOM   993  C  CE2 . PHE A 1 134 ? 5.942   6.163   1.492   1.00 11.54 ? 134 PHE A CE2 1 
ATOM   994  C  CZ  . PHE A 1 134 ? 5.176   6.753   0.515   1.00 12.07 ? 134 PHE A CZ  1 
ATOM   995  N  N   . ALA A 1 135 ? 2.010   0.626   3.036   0.26 10.77 ? 135 ALA A N   1 
ATOM   996  C  CA  . ALA A 1 135 ? 1.799   -0.829  3.320   0.26 10.81 ? 135 ALA A CA  1 
ATOM   997  C  C   . ALA A 1 135 ? 2.627   -1.636  2.341   0.26 11.00 ? 135 ALA A C   1 
ATOM   998  O  O   . ALA A 1 135 ? 2.320   -1.585  1.207   0.26 12.20 ? 135 ALA A O   1 
ATOM   999  C  CB  . ALA A 1 135 ? 0.365   -1.224  3.035   0.26 11.31 ? 135 ALA A CB  1 
ATOM   1000 N  N   . ASP A 1 136 ? 3.661   -2.266  2.814   0.26 10.44 ? 136 ASP A N   1 
ATOM   1001 C  CA  . ASP A 1 136 ? 4.580   -3.014  1.924   0.26 10.79 ? 136 ASP A CA  1 
ATOM   1002 C  C   . ASP A 1 136 ? 3.880   -4.206  1.205   0.26 10.91 ? 136 ASP A C   1 
ATOM   1003 O  O   . ASP A 1 136 ? 3.059   -4.860  1.803   0.26 11.66 ? 136 ASP A O   1 
ATOM   1004 C  CB  . ASP A 1 136 ? 5.875   -3.347  2.682   0.26 11.58 ? 136 ASP A CB  1 
ATOM   1005 C  CG  . ASP A 1 136 ? 6.841   -4.246  1.884   0.26 12.92 ? 136 ASP A CG  1 
ATOM   1006 O  OD1 . ASP A 1 136 ? 7.434   -3.714  0.997   0.26 14.25 ? 136 ASP A OD1 1 
ATOM   1007 O  OD2 . ASP A 1 136 ? 6.879   -5.416  2.122   0.26 14.01 ? 136 ASP A OD2 1 
ATOM   1008 N  N   . VAL A 1 137 ? 4.279   -4.535  -0.002  0.26 12.51 ? 137 VAL A N   1 
ATOM   1009 C  CA  . VAL A 1 137 ? 3.697   -5.761  -0.612  0.26 12.10 ? 137 VAL A CA  1 
ATOM   1010 C  C   . VAL A 1 137 ? 4.803   -6.663  -1.163  0.26 12.44 ? 137 VAL A C   1 
ATOM   1011 O  O   . VAL A 1 137 ? 4.496   -7.683  -1.637  0.26 12.50 ? 137 VAL A O   1 
ATOM   1012 C  CB  . VAL A 1 137 ? 2.594   -5.561  -1.637  0.26 11.50 ? 137 VAL A CB  1 
ATOM   1013 C  CG1 . VAL A 1 137 ? 1.391   -4.908  -1.019  0.26 12.81 ? 137 VAL A CG1 1 
ATOM   1014 C  CG2 . VAL A 1 137 ? 3.175   -4.834  -2.864  0.26 11.90 ? 137 VAL A CG2 1 
ATOM   1015 N  N   . ARG A 1 138 ? 6.046   -6.306  -0.891  0.26 12.41 ? 138 ARG A N   1 
ATOM   1016 C  CA  . ARG A 1 138 ? 7.191   -6.964  -1.612  0.26 12.28 ? 138 ARG A CA  1 
ATOM   1017 C  C   . ARG A 1 138 ? 7.460   -8.373  -1.086  0.26 12.06 ? 138 ARG A C   1 
ATOM   1018 O  O   . ARG A 1 138 ? 8.019   -9.142  -1.793  0.26 14.55 ? 138 ARG A O   1 
ATOM   1019 C  CB  . ARG A 1 138 ? 8.484   -6.135  -1.557  0.26 11.99 ? 138 ARG A CB  1 
ATOM   1020 C  CG  . ARG A 1 138 ? 8.439   -4.816  -2.361  0.26 12.26 ? 138 ARG A CG  1 
ATOM   1021 C  CD  . ARG A 1 138 ? 9.741   -3.997  -2.258  0.26 11.64 ? 138 ARG A CD  1 
ATOM   1022 N  NE  . ARG A 1 138 ? 9.878   -3.461  -0.947  0.26 12.19 ? 138 ARG A NE  1 
ATOM   1023 C  CZ  . ARG A 1 138 ? 10.770  -2.703  -0.401  0.26 11.53 ? 138 ARG A CZ  1 
ATOM   1024 N  NH1 . ARG A 1 138 ? 11.835  -2.371  -1.033  0.26 11.17 ? 138 ARG A NH1 1 
ATOM   1025 N  NH2 . ARG A 1 138 ? 10.631  -2.384  0.870   0.26 12.69 ? 138 ARG A NH2 1 
ATOM   1026 N  N   . ASP A 1 139 ? 7.041   -8.659  0.110   0.26 13.75 ? 139 ASP A N   1 
ATOM   1027 C  CA  . ASP A 1 139 ? 7.219   -10.017 0.707   0.26 14.04 ? 139 ASP A CA  1 
ATOM   1028 C  C   . ASP A 1 139 ? 6.085   -10.960 0.251   0.26 14.99 ? 139 ASP A C   1 
ATOM   1029 O  O   . ASP A 1 139 ? 6.185   -12.019 0.530   0.26 15.83 ? 139 ASP A O   1 
ATOM   1030 C  CB  . ASP A 1 139 ? 7.485   -9.741  2.162   0.26 14.72 ? 139 ASP A CB  1 
ATOM   1031 C  CG  . ASP A 1 139 ? 8.631   -8.728  2.322   0.26 18.52 ? 139 ASP A CG  1 
ATOM   1032 O  OD1 . ASP A 1 139 ? 9.696   -8.751  1.539   0.26 16.71 ? 139 ASP A OD1 1 
ATOM   1033 O  OD2 . ASP A 1 139 ? 8.542   -7.967  3.255   0.26 18.25 ? 139 ASP A OD2 1 
ATOM   1034 N  N   . LEU A 1 140 ? 5.081   -10.480 -0.460  0.26 14.69 ? 140 LEU A N   1 
ATOM   1035 C  CA  . LEU A 1 140 ? 3.900   -11.262 -0.960  0.26 15.88 ? 140 LEU A CA  1 
ATOM   1036 C  C   . LEU A 1 140 ? 4.311   -11.955 -2.250  0.26 15.58 ? 140 LEU A C   1 
ATOM   1037 O  O   . LEU A 1 140 ? 3.791   -11.596 -3.268  0.26 16.89 ? 140 LEU A O   1 
ATOM   1038 C  CB  . LEU A 1 140 ? 2.635   -10.386 -1.078  0.26 15.59 ? 140 LEU A CB  1 
ATOM   1039 C  CG  . LEU A 1 140 ? 2.197   -9.592  0.164   0.26 16.75 ? 140 LEU A CG  1 
ATOM   1040 C  CD1 . LEU A 1 140 ? 0.993   -8.716  -0.122  0.26 17.02 ? 140 LEU A CD1 1 
ATOM   1041 C  CD2 . LEU A 1 140 ? 1.944   -10.436 1.390   0.26 17.30 ? 140 LEU A CD2 1 
ATOM   1042 N  N   . LEU A 1 141 ? 5.100   -13.022 -2.129  0.26 16.33 ? 141 LEU A N   1 
ATOM   1043 C  CA  . LEU A 1 141 ? 5.642   -13.699 -3.336  0.26 18.77 ? 141 LEU A CA  1 
ATOM   1044 C  C   . LEU A 1 141 ? 4.526   -14.377 -4.171  0.26 18.07 ? 141 LEU A C   1 
ATOM   1045 O  O   . LEU A 1 141 ? 4.337   -14.094 -5.291  0.26 20.74 ? 141 LEU A O   1 
ATOM   1046 C  CB  . LEU A 1 141 ? 6.908   -14.555 -3.019  0.26 19.73 ? 141 LEU A CB  1 
ATOM   1047 C  CG  . LEU A 1 141 ? 7.837   -14.384 -1.772  0.26 20.27 ? 141 LEU A CG  1 
ATOM   1048 C  CD1 . LEU A 1 141 ? 9.034   -15.140 -1.984  0.26 21.55 ? 141 LEU A CD1 1 
ATOM   1049 C  CD2 . LEU A 1 141 ? 8.433   -13.083 -1.385  0.26 22.28 ? 141 LEU A CD2 1 
ATOM   1050 N  N   . TRP A 1 142 ? 3.553   -14.985 -3.527  0.26 19.42 ? 142 TRP A N   1 
ATOM   1051 C  CA  . TRP A 1 142 ? 2.349   -15.538 -4.195  0.26 19.12 ? 142 TRP A CA  1 
ATOM   1052 C  C   . TRP A 1 142 ? 1.581   -14.491 -5.024  0.26 19.35 ? 142 TRP A C   1 
ATOM   1053 O  O   . TRP A 1 142 ? 0.747   -14.939 -5.750  0.26 22.23 ? 142 TRP A O   1 
ATOM   1054 C  CB  . TRP A 1 142 ? 1.375   -16.100 -3.127  0.26 18.15 ? 142 TRP A CB  1 
ATOM   1055 C  CG  . TRP A 1 142 ? 0.909   -15.072 -2.141  0.26 18.18 ? 142 TRP A CG  1 
ATOM   1056 C  CD1 . TRP A 1 142 ? 1.462   -14.822 -0.931  0.26 18.60 ? 142 TRP A CD1 1 
ATOM   1057 C  CD2 . TRP A 1 142 ? -0.297  -14.275 -2.175  0.26 18.70 ? 142 TRP A CD2 1 
ATOM   1058 N  NE1 . TRP A 1 142 ? 0.778   -13.874 -0.246  0.26 18.79 ? 142 TRP A NE1 1 
ATOM   1059 C  CE2 . TRP A 1 142 ? -0.261  -13.455 -1.031  0.26 18.52 ? 142 TRP A CE2 1 
ATOM   1060 C  CE3 . TRP A 1 142 ? -1.263  -14.049 -3.144  0.26 18.28 ? 142 TRP A CE3 1 
ATOM   1061 C  CZ2 . TRP A 1 142 ? -1.275  -12.512 -0.770  0.26 17.89 ? 142 TRP A CZ2 1 
ATOM   1062 C  CZ3 . TRP A 1 142 ? -2.265  -13.108 -2.887  0.26 19.51 ? 142 TRP A CZ3 1 
ATOM   1063 C  CH2 . TRP A 1 142 ? -2.277  -12.367 -1.707  0.26 17.32 ? 142 TRP A CH2 1 
ATOM   1064 N  N   . LEU A 1 143 ? 1.745   -13.145 -4.839  0.26 18.87 ? 143 LEU A N   1 
ATOM   1065 C  CA  . LEU A 1 143 ? 1.176   -12.200 -5.803  0.26 20.07 ? 143 LEU A CA  1 
ATOM   1066 C  C   . LEU A 1 143 ? 1.637   -12.457 -7.250  0.26 24.04 ? 143 LEU A C   1 
ATOM   1067 O  O   . LEU A 1 143 ? 0.921   -12.083 -8.084  0.26 22.70 ? 143 LEU A O   1 
ATOM   1068 C  CB  . LEU A 1 143 ? 1.420   -10.724 -5.466  0.26 19.51 ? 143 LEU A CB  1 
ATOM   1069 C  CG  . LEU A 1 143 ? 0.533   -10.031 -4.391  0.26 19.12 ? 143 LEU A CG  1 
ATOM   1070 C  CD1 . LEU A 1 143 ? 0.996   -8.629  -4.018  0.26 17.64 ? 143 LEU A CD1 1 
ATOM   1071 C  CD2 . LEU A 1 143 ? -0.916  -9.964  -4.721  0.26 20.17 ? 143 LEU A CD2 1 
ATOM   1072 N  N   . ASP A 1 144 ? 2.805   -13.081 -7.503  1.00 25.67 ? 144 ASP A N   1 
ATOM   1073 C  CA  . ASP A 1 144 ? 3.498   -13.249 -8.816  1.00 31.50 ? 144 ASP A CA  1 
ATOM   1074 C  C   . ASP A 1 144 ? 3.040   -14.512 -9.558  1.00 34.25 ? 144 ASP A C   1 
ATOM   1075 O  O   . ASP A 1 144 ? 3.385   -14.614 -10.744 1.00 35.06 ? 144 ASP A O   1 
ATOM   1076 C  CB  . ASP A 1 144 ? 5.021   -13.338 -8.658  1.00 29.49 ? 144 ASP A CB  1 
ATOM   1077 C  CG  . ASP A 1 144 ? 5.658   -12.095 -8.077  1.00 28.24 ? 144 ASP A CG  1 
ATOM   1078 O  OD1 . ASP A 1 144 ? 4.962   -11.060 -8.038  1.00 31.90 ? 144 ASP A OD1 1 
ATOM   1079 O  OD2 . ASP A 1 144 ? 6.823   -12.188 -7.592  1.00 28.26 ? 144 ASP A OD2 1 
ATOM   1080 N  N   . GLU A 1 145 ? 2.276   -15.406 -8.919  1.00 38.88 ? 145 GLU A N   1 
ATOM   1081 C  CA  . GLU A 1 145 ? 1.810   -16.688 -9.533  1.00 47.80 ? 145 GLU A CA  1 
ATOM   1082 C  C   . GLU A 1 145 ? 0.339   -17.004 -9.216  1.00 51.21 ? 145 GLU A C   1 
ATOM   1083 O  O   . GLU A 1 145 ? -0.235  -16.390 -8.293  1.00 50.41 ? 145 GLU A O   1 
ATOM   1084 C  CB  . GLU A 1 145 ? 2.663   -17.842 -9.011  1.00 51.29 ? 145 GLU A CB  1 
ATOM   1085 C  CG  . GLU A 1 145 ? 2.608   -18.000 -7.498  1.00 50.33 ? 145 GLU A CG  1 
ATOM   1086 C  CD  . GLU A 1 145 ? 3.960   -17.943 -6.800  1.00 55.38 ? 145 GLU A CD  1 
ATOM   1087 O  OE1 . GLU A 1 145 ? 4.090   -18.525 -5.695  1.00 60.30 ? 145 GLU A OE1 1 
ATOM   1088 O  OE2 . GLU A 1 145 ? 4.878   -17.293 -7.345  1.00 55.08 ? 145 GLU A OE2 1 
ATOM   1089 N  N   . GLU A 1 146 ? -0.227  -17.979 -9.938  1.00 59.82 ? 146 GLU A N   1 
ATOM   1090 C  CA  . GLU A 1 146 ? -1.493  -18.678 -9.580  1.00 62.47 ? 146 GLU A CA  1 
ATOM   1091 C  C   . GLU A 1 146 ? -2.601  -17.636 -9.380  1.00 65.52 ? 146 GLU A C   1 
ATOM   1092 O  O   . GLU A 1 146 ? -3.794  -17.933 -9.442  1.00 67.55 ? 146 GLU A O   1 
ATOM   1093 C  CB  . GLU A 1 146 ? -1.239  -19.558 -8.350  1.00 62.84 ? 146 GLU A CB  1 
ATOM   1094 C  CG  . GLU A 1 146 ? -2.317  -19.504 -7.279  1.00 68.31 ? 146 GLU A CG  1 
ATOM   1095 C  CD  . GLU A 1 146 ? -3.634  -20.188 -7.614  1.00 73.58 ? 146 GLU A CD  1 
ATOM   1096 O  OE1 . GLU A 1 146 ? -4.581  -20.059 -6.809  1.00 71.40 ? 146 GLU A OE1 1 
ATOM   1097 O  OE2 . GLU A 1 146 ? -3.715  -20.844 -8.677  1.00 78.73 ? 146 GLU A OE2 1 
HETATM 1098 C  C1  . PK4 B 2 .   ? 6.727   -7.021  13.753  0.50 20.00 ? 201 PK4 A C1  1 
HETATM 1099 C  C11 . PK4 B 2 .   ? 8.312   -10.678 8.670   0.50 20.00 ? 201 PK4 A C11 1 
HETATM 1100 C  C12 . PK4 B 2 .   ? 7.569   -8.525  9.886   0.50 20.00 ? 201 PK4 A C12 1 
HETATM 1101 C  C10 . PK4 B 2 .   ? 8.365   -9.198  8.895   0.50 20.00 ? 201 PK4 A C10 1 
HETATM 1102 C  C6  . PK4 B 2 .   ? 7.394   -7.162  9.918   0.50 20.00 ? 201 PK4 A C6  1 
HETATM 1103 C  C7  . PK4 B 2 .   ? 8.033   -6.394  9.011   0.50 20.00 ? 201 PK4 A C7  1 
HETATM 1104 C  C8  . PK4 B 2 .   ? 8.870   -7.038  8.068   0.50 20.00 ? 201 PK4 A C8  1 
HETATM 1105 C  C9  . PK4 B 2 .   ? 9.014   -8.392  8.012   0.50 20.00 ? 201 PK4 A C9  1 
HETATM 1106 F  F13 . PK4 B 2 .   ? 7.098   -9.198  10.958  0.50 20.00 ? 201 PK4 A F13 1 
HETATM 1107 N  N2  . PK4 B 2 .   ? 7.318   -6.620  12.485  0.50 20.00 ? 201 PK4 A N2  1 
HETATM 1108 O  O4  . PK4 B 2 .   ? 5.323   -7.304  11.275  0.50 20.00 ? 201 PK4 A O4  1 
HETATM 1109 O  O5  . PK4 B 2 .   ? 6.191   -5.050  11.093  0.50 20.00 ? 201 PK4 A O5  1 
HETATM 1110 S  S3  . PK4 B 2 .   ? 6.418   -6.440  11.143  0.50 20.00 ? 201 PK4 A S3  1 
HETATM 1111 ZN ZN  . ZN  C 3 .   ? 13.507  -1.933  -5.679  1.00 12.89 ? 202 ZN  A ZN  1 
HETATM 1112 S  S   . DMS D 4 .   ? 8.369   -2.424  -13.406 1.00 38.50 ? 203 DMS A S   1 
HETATM 1113 O  O   . DMS D 4 .   ? 8.198   -2.550  -14.907 1.00 49.93 ? 203 DMS A O   1 
HETATM 1114 C  C1  . DMS D 4 .   ? 9.904   -1.546  -13.175 1.00 38.14 ? 203 DMS A C1  1 
HETATM 1115 C  C2  . DMS D 4 .   ? 7.244   -1.133  -12.965 1.00 32.88 ? 203 DMS A C2  1 
HETATM 1116 S  S   . DMS E 4 .   ? -4.358  -9.658  11.075  1.00 31.14 ? 204 DMS A S   1 
HETATM 1117 O  O   . DMS E 4 .   ? -4.440  -8.278  11.658  1.00 27.91 ? 204 DMS A O   1 
HETATM 1118 C  C1  . DMS E 4 .   ? -2.769  -10.320 11.550  1.00 32.66 ? 204 DMS A C1  1 
HETATM 1119 C  C2  . DMS E 4 .   ? -5.351  -10.688 12.150  1.00 31.94 ? 204 DMS A C2  1 
HETATM 1120 S  S   . DMS F 4 .   ? -3.301  8.798   -11.294 1.00 59.28 ? 205 DMS A S   1 
HETATM 1121 O  O   . DMS F 4 .   ? -3.806  10.143  -10.898 1.00 59.84 ? 205 DMS A O   1 
HETATM 1122 C  C1  . DMS F 4 .   ? -3.484  8.667   -13.054 1.00 57.67 ? 205 DMS A C1  1 
HETATM 1123 C  C2  . DMS F 4 .   ? -1.537  8.895   -11.220 1.00 52.21 ? 205 DMS A C2  1 
HETATM 1124 S  S   . DMS G 4 .   ? 9.041   16.693  2.021   1.00 35.46 ? 206 DMS A S   1 
HETATM 1125 O  O   . DMS G 4 .   ? 7.753   16.768  2.793   1.00 30.82 ? 206 DMS A O   1 
HETATM 1126 C  C1  . DMS G 4 .   ? 8.742   17.355  0.412   1.00 33.36 ? 206 DMS A C1  1 
HETATM 1127 C  C2  . DMS G 4 .   ? 10.087  17.982  2.658   1.00 31.41 ? 206 DMS A C2  1 
HETATM 1128 S  S   . DMS H 4 .   ? -12.540 4.667   12.413  1.00 40.68 ? 207 DMS A S   1 
HETATM 1129 O  O   . DMS H 4 .   ? -12.756 3.177   12.312  1.00 51.18 ? 207 DMS A O   1 
HETATM 1130 C  C1  . DMS H 4 .   ? -14.067 5.327   13.031  1.00 45.45 ? 207 DMS A C1  1 
HETATM 1131 C  C2  . DMS H 4 .   ? -11.576 4.914   13.867  1.00 41.13 ? 207 DMS A C2  1 
HETATM 1132 S  S   . SO4 I 5 .   ? 0.996   2.709   23.142  1.00 48.24 ? 208 SO4 A S   1 
HETATM 1133 O  O1  . SO4 I 5 .   ? 1.144   1.304   23.418  1.00 45.65 ? 208 SO4 A O1  1 
HETATM 1134 O  O2  . SO4 I 5 .   ? 2.012   3.122   22.208  1.00 49.88 ? 208 SO4 A O2  1 
HETATM 1135 O  O3  . SO4 I 5 .   ? 1.135   3.452   24.366  1.00 48.14 ? 208 SO4 A O3  1 
HETATM 1136 O  O4  . SO4 I 5 .   ? -0.304  2.952   22.579  1.00 49.99 ? 208 SO4 A O4  1 
HETATM 1137 O  O   . HOH J 6 .   ? -7.183  15.113  0.883   1.00 35.94 ? 301 HOH A O   1 
HETATM 1138 O  O   . HOH J 6 .   ? 9.950   -7.151  4.600   1.00 20.52 ? 302 HOH A O   1 
HETATM 1139 O  O   . HOH J 6 .   ? 12.735  -0.447  10.099  1.00 41.02 ? 303 HOH A O   1 
HETATM 1140 O  O   . HOH J 6 .   ? -3.086  -16.877 -4.488  1.00 35.99 ? 304 HOH A O   1 
HETATM 1141 O  O   . HOH J 6 .   ? 9.713   -6.475  1.969   1.00 14.65 ? 305 HOH A O   1 
HETATM 1142 O  O   . HOH J 6 .   ? -9.204  -3.609  11.006  1.00 35.40 ? 306 HOH A O   1 
HETATM 1143 O  O   . HOH J 6 .   ? 7.086   -6.656  4.564   1.00 16.56 ? 307 HOH A O   1 
HETATM 1144 O  O   . HOH J 6 .   ? -7.150  -14.048 -9.092  1.00 40.44 ? 308 HOH A O   1 
HETATM 1145 O  O   . HOH J 6 .   ? -4.634  11.751  15.033  1.00 38.11 ? 309 HOH A O   1 
HETATM 1146 O  O   . HOH J 6 .   ? -11.580 -8.048  -7.299  1.00 35.24 ? 310 HOH A O   1 
HETATM 1147 O  O   . HOH J 6 .   ? -5.420  11.705  -8.506  1.00 26.22 ? 311 HOH A O   1 
HETATM 1148 O  O   . HOH J 6 .   ? 0.354   9.274   11.384  1.00 22.51 ? 312 HOH A O   1 
HETATM 1149 O  O   . HOH J 6 .   ? -13.591 -5.785  -6.577  1.00 28.97 ? 313 HOH A O   1 
HETATM 1150 O  O   . HOH J 6 .   ? -1.272  -10.913 -19.217 1.00 60.88 ? 314 HOH A O   1 
HETATM 1151 O  O   . HOH J 6 .   ? -3.085  13.514  -10.992 1.00 44.04 ? 315 HOH A O   1 
HETATM 1152 O  O   . HOH J 6 .   ? -7.511  -9.164  9.602   1.00 24.42 ? 316 HOH A O   1 
HETATM 1153 O  O   . HOH J 6 .   ? -4.593  -15.603 -9.996  1.00 34.88 ? 317 HOH A O   1 
HETATM 1154 O  O   . HOH J 6 .   ? -0.485  18.274  -10.515 1.00 38.49 ? 318 HOH A O   1 
HETATM 1155 O  O   . HOH J 6 .   ? 4.295   20.088  -3.854  1.00 26.47 ? 319 HOH A O   1 
HETATM 1156 O  O   . HOH J 6 .   ? 9.328   1.352   9.002   1.00 26.13 ? 320 HOH A O   1 
HETATM 1157 O  O   . HOH J 6 .   ? 5.339   0.925   22.764  1.00 73.30 ? 321 HOH A O   1 
HETATM 1158 O  O   . HOH J 6 .   ? 13.405  -3.978  2.978   1.00 24.10 ? 322 HOH A O   1 
HETATM 1159 O  O   . HOH J 6 .   ? -3.086  -2.950  15.788  1.00 31.84 ? 323 HOH A O   1 
HETATM 1160 O  O   . HOH J 6 .   ? -2.539  -0.027  -10.398 1.00 22.86 ? 324 HOH A O   1 
HETATM 1161 O  O   . HOH J 6 .   ? -8.857  -13.800 6.556   1.00 32.13 ? 325 HOH A O   1 
HETATM 1162 O  O   . HOH J 6 .   ? 3.079   9.148   17.391  1.00 24.66 ? 326 HOH A O   1 
HETATM 1163 O  O   . HOH J 6 .   ? -6.927  1.264   -1.679  1.00 12.04 ? 327 HOH A O   1 
HETATM 1164 O  O   . HOH J 6 .   ? 0.694   -7.797  -13.846 1.00 28.40 ? 328 HOH A O   1 
HETATM 1165 O  O   . HOH J 6 .   ? -9.884  -14.377 -15.616 1.00 55.62 ? 329 HOH A O   1 
HETATM 1166 O  O   . HOH J 6 .   ? -12.090 2.048   8.511   1.00 31.19 ? 330 HOH A O   1 
HETATM 1167 O  O   . HOH J 6 .   ? 12.962  0.429   -13.625 1.00 32.85 ? 331 HOH A O   1 
HETATM 1168 O  O   . HOH J 6 .   ? 12.128  -5.489  1.222   1.00 16.42 ? 332 HOH A O   1 
HETATM 1169 O  O   . HOH J 6 .   ? -0.853  -9.134  -16.645 1.00 43.29 ? 333 HOH A O   1 
HETATM 1170 O  O   . HOH J 6 .   ? -10.444 7.700   14.392  1.00 35.16 ? 334 HOH A O   1 
HETATM 1171 O  O   . HOH J 6 .   ? 18.256  -0.432  0.468   1.00 40.74 ? 335 HOH A O   1 
HETATM 1172 O  O   . HOH J 6 .   ? -4.185  7.778   -5.188  1.00 18.53 ? 336 HOH A O   1 
HETATM 1173 O  O   . HOH J 6 .   ? 9.781   14.257  -1.601  1.00 24.45 ? 337 HOH A O   1 
HETATM 1174 O  O   . HOH J 6 .   ? 2.814   0.267   -12.808 1.00 28.86 ? 338 HOH A O   1 
HETATM 1175 O  O   . HOH J 6 .   ? 10.873  13.693  1.442   1.00 21.45 ? 339 HOH A O   1 
HETATM 1176 O  O   . HOH J 6 .   ? -13.211 1.911   -2.105  1.00 33.68 ? 340 HOH A O   1 
HETATM 1177 O  O   . HOH J 6 .   ? 6.594   16.533  5.506   1.00 17.32 ? 341 HOH A O   1 
HETATM 1178 O  O   . HOH J 6 .   ? -12.889 3.402   5.150   1.00 48.25 ? 342 HOH A O   1 
HETATM 1179 O  O   . HOH J 6 .   ? -2.096  15.070  6.351   1.00 54.73 ? 343 HOH A O   1 
HETATM 1180 O  O   . HOH J 6 .   ? -8.427  1.130   -9.662  1.00 35.25 ? 344 HOH A O   1 
HETATM 1181 O  O   . HOH J 6 .   ? -15.625 -15.770 -2.379  1.00 33.07 ? 345 HOH A O   1 
HETATM 1182 O  O   . HOH J 6 .   ? -16.799 -2.863  1.952   1.00 22.08 ? 346 HOH A O   1 
HETATM 1183 O  O   . HOH J 6 .   ? 11.830  10.492  3.621   1.00 11.48 ? 347 HOH A O   1 
HETATM 1184 O  O   . HOH J 6 .   ? -2.290  8.993   -3.386  1.00 11.76 ? 348 HOH A O   1 
HETATM 1185 O  O   . HOH J 6 .   ? -2.211  8.760   11.615  1.00 27.38 ? 349 HOH A O   1 
HETATM 1186 O  O   . HOH J 6 .   ? -3.194  19.859  2.260   1.00 18.66 ? 350 HOH A O   1 
HETATM 1187 O  O   . HOH J 6 .   ? -7.576  15.006  -9.067  1.00 29.91 ? 351 HOH A O   1 
HETATM 1188 O  O   . HOH J 6 .   ? -4.673  -12.111 8.276   1.00 36.65 ? 352 HOH A O   1 
HETATM 1189 O  O   . HOH J 6 .   ? 11.267  -5.807  -12.002 1.00 28.92 ? 353 HOH A O   1 
HETATM 1190 O  O   . HOH J 6 .   ? -15.384 -14.190 -0.269  1.00 28.65 ? 354 HOH A O   1 
HETATM 1191 O  O   . HOH J 6 .   ? 10.233  3.061   -10.870 1.00 31.85 ? 355 HOH A O   1 
HETATM 1192 O  O   . HOH J 6 .   ? -6.947  -6.356  -13.505 1.00 27.18 ? 356 HOH A O   1 
HETATM 1193 O  O   . HOH J 6 .   ? -4.162  9.443   18.148  1.00 27.04 ? 357 HOH A O   1 
HETATM 1194 O  O   . HOH J 6 .   ? -14.320 -0.843  3.416   1.00 40.25 ? 358 HOH A O   1 
HETATM 1195 O  O   . HOH J 6 .   ? -11.087 7.067   4.656   1.00 40.95 ? 359 HOH A O   1 
HETATM 1196 O  O   . HOH J 6 .   ? 9.525   -3.293  13.691  1.00 37.31 ? 360 HOH A O   1 
HETATM 1197 O  O   . HOH J 6 .   ? -8.716  6.378   3.279   1.00 20.87 ? 361 HOH A O   1 
HETATM 1198 O  O   . HOH J 6 .   ? -19.453 -7.252  2.136   1.00 23.01 ? 362 HOH A O   1 
HETATM 1199 O  O   . HOH J 6 .   ? 12.790  -1.348  2.223   1.00 20.93 ? 363 HOH A O   1 
HETATM 1200 O  O   . HOH J 6 .   ? 1.896   20.243  2.354   1.00 29.15 ? 364 HOH A O   1 
HETATM 1201 O  O   . HOH J 6 .   ? -8.172  5.665   -7.576  1.00 39.55 ? 365 HOH A O   1 
HETATM 1202 O  O   . HOH J 6 .   ? -6.337  13.891  -7.213  1.00 33.26 ? 366 HOH A O   1 
HETATM 1203 O  O   . HOH J 6 .   ? -5.494  19.085  -1.555  1.00 16.13 ? 367 HOH A O   1 
HETATM 1204 O  O   . HOH J 6 .   ? -10.049 13.422  4.875   1.00 29.77 ? 368 HOH A O   1 
HETATM 1205 O  O   . HOH J 6 .   ? -4.273  4.715   12.634  1.00 21.44 ? 369 HOH A O   1 
HETATM 1206 O  O   . HOH J 6 .   ? -13.379 -3.097  4.279   1.00 28.92 ? 370 HOH A O   1 
HETATM 1207 O  O   . HOH J 6 .   ? -3.614  2.852   8.265   1.00 22.15 ? 371 HOH A O   1 
HETATM 1208 O  O   . HOH J 6 .   ? -11.535 0.542   -3.075  1.00 41.23 ? 372 HOH A O   1 
HETATM 1209 O  O   . HOH J 6 .   ? 4.913   -8.957  -10.238 1.00 22.46 ? 373 HOH A O   1 
HETATM 1210 O  O   . HOH J 6 .   ? -2.917  3.002   -7.242  1.00 22.49 ? 374 HOH A O   1 
HETATM 1211 O  O   . HOH J 6 .   ? -9.875  -2.437  7.651   1.00 18.98 ? 375 HOH A O   1 
HETATM 1212 O  O   . HOH J 6 .   ? -6.467  0.636   18.752  1.00 28.25 ? 376 HOH A O   1 
HETATM 1213 O  O   . HOH J 6 .   ? -7.154  11.364  9.391   1.00 35.47 ? 377 HOH A O   1 
HETATM 1214 O  O   . HOH J 6 .   ? 0.321   20.437  -5.739  1.00 27.46 ? 378 HOH A O   1 
HETATM 1215 O  O   . HOH J 6 .   ? 4.240   14.516  -10.534 1.00 24.46 ? 379 HOH A O   1 
HETATM 1216 O  O   . HOH J 6 .   ? 4.518   -3.684  -15.158 1.00 29.43 ? 380 HOH A O   1 
HETATM 1217 O  O   . HOH J 6 .   ? -7.062  -17.529 -0.996  1.00 32.18 ? 381 HOH A O   1 
HETATM 1218 O  O   . HOH J 6 .   ? -4.330  5.400   9.761   1.00 22.31 ? 382 HOH A O   1 
HETATM 1219 O  O   . HOH J 6 .   ? -8.891  12.836  2.522   1.00 25.65 ? 383 HOH A O   1 
HETATM 1220 O  O   . HOH J 6 .   ? 1.104   -1.947  6.308   1.00 16.55 ? 384 HOH A O   1 
HETATM 1221 O  O   . HOH J 6 .   ? -4.973  -7.321  -11.809 1.00 20.89 ? 385 HOH A O   1 
HETATM 1222 O  O   . HOH J 6 .   ? -2.878  -14.046 -10.758 1.00 35.85 ? 386 HOH A O   1 
HETATM 1223 O  O   . HOH J 6 .   ? 2.752   10.025  10.675  1.00 27.89 ? 387 HOH A O   1 
HETATM 1224 O  O   . HOH J 6 .   ? 12.571  -7.336  -8.267  1.00 19.58 ? 388 HOH A O   1 
HETATM 1225 O  O   . HOH J 6 .   ? -10.010 7.446   -1.207  1.00 22.70 ? 389 HOH A O   1 
HETATM 1226 O  O   . HOH J 6 .   ? 7.933   15.893  -7.058  1.00 28.74 ? 390 HOH A O   1 
HETATM 1227 O  O   . HOH J 6 .   ? -7.431  9.446   -4.285  1.00 36.82 ? 391 HOH A O   1 
HETATM 1228 O  O   . HOH J 6 .   ? 17.406  -5.239  -3.269  1.00 19.89 ? 392 HOH A O   1 
HETATM 1229 O  O   . HOH J 6 .   ? 2.214   17.114  5.108   1.00 31.17 ? 393 HOH A O   1 
HETATM 1230 O  O   . HOH J 6 .   ? 1.528   13.800  5.737   1.00 21.23 ? 394 HOH A O   1 
HETATM 1231 O  O   . HOH J 6 .   ? 8.120   -5.895  -15.401 1.00 42.51 ? 395 HOH A O   1 
HETATM 1232 O  O   . HOH J 6 .   ? -0.917  16.096  10.725  1.00 37.99 ? 396 HOH A O   1 
HETATM 1233 O  O   . HOH J 6 .   ? 17.934  0.656   6.758   1.00 35.84 ? 397 HOH A O   1 
HETATM 1234 O  O   . HOH J 6 .   ? 6.646   13.130  12.148  1.00 26.44 ? 398 HOH A O   1 
HETATM 1235 O  O   . HOH J 6 .   ? -12.433 0.661   -5.247  1.00 31.03 ? 399 HOH A O   1 
HETATM 1236 O  O   . HOH J 6 .   ? 17.516  1.954   -2.005  1.00 27.09 ? 400 HOH A O   1 
HETATM 1237 O  O   . HOH J 6 .   ? 13.310  13.128  -1.711  1.00 36.60 ? 401 HOH A O   1 
HETATM 1238 O  O   . HOH J 6 .   ? -3.255  8.932   4.913   1.00 25.84 ? 402 HOH A O   1 
HETATM 1239 O  O   . HOH J 6 .   ? 14.775  0.967   7.794   1.00 21.85 ? 403 HOH A O   1 
HETATM 1240 O  O   . HOH J 6 .   ? 4.116   6.094   -8.111  1.00 18.07 ? 404 HOH A O   1 
HETATM 1241 O  O   . HOH J 6 .   ? -18.664 -13.954 -5.046  1.00 27.09 ? 405 HOH A O   1 
HETATM 1242 O  O   . HOH J 6 .   ? -18.910 -3.772  -4.312  1.00 25.36 ? 406 HOH A O   1 
HETATM 1243 O  O   . HOH J 6 .   ? 13.637  8.814   -4.294  1.00 39.78 ? 407 HOH A O   1 
HETATM 1244 O  O   . HOH J 6 .   ? 0.589   -13.937 2.647   1.00 30.95 ? 408 HOH A O   1 
HETATM 1245 O  O   . HOH J 6 .   ? -6.280  -5.164  13.885  1.00 42.63 ? 409 HOH A O   1 
HETATM 1246 O  O   . HOH J 6 .   ? 19.046  -3.997  -8.481  1.00 37.41 ? 410 HOH A O   1 
HETATM 1247 O  O   . HOH J 6 .   ? 4.810   -2.076  -12.458 1.00 26.72 ? 411 HOH A O   1 
HETATM 1248 O  O   . HOH J 6 .   ? -9.623  1.093   -5.758  1.00 26.93 ? 412 HOH A O   1 
HETATM 1249 O  O   . HOH J 6 .   ? 4.109   7.171   15.761  1.00 30.78 ? 413 HOH A O   1 
HETATM 1250 O  O   . HOH J 6 .   ? 0.019   -11.223 -15.578 1.00 34.03 ? 414 HOH A O   1 
HETATM 1251 O  O   . HOH J 6 .   ? -6.413  -10.192 -19.245 1.00 40.28 ? 415 HOH A O   1 
HETATM 1252 O  O   . HOH J 6 .   ? -7.456  6.359   18.869  1.00 28.95 ? 416 HOH A O   1 
HETATM 1253 O  O   . HOH J 6 .   ? -2.304  -2.001  -13.824 1.00 30.76 ? 417 HOH A O   1 
HETATM 1254 O  O   . HOH J 6 .   ? 7.635   13.799  -0.024  1.00 18.28 ? 418 HOH A O   1 
HETATM 1255 O  O   . HOH J 6 .   ? 0.459   -9.670  10.407  1.00 49.26 ? 419 HOH A O   1 
HETATM 1256 O  O   . HOH J 6 .   ? 1.757   -4.245  4.343   1.00 14.03 ? 420 HOH A O   1 
HETATM 1257 O  O   . HOH J 6 .   ? -10.907 -10.159 9.341   1.00 23.22 ? 421 HOH A O   1 
HETATM 1258 O  O   . HOH J 6 .   ? 0.923   15.708  7.389   1.00 31.16 ? 422 HOH A O   1 
HETATM 1259 O  O   . HOH J 6 .   ? -18.733 -1.545  -1.357  1.00 31.00 ? 423 HOH A O   1 
HETATM 1260 O  O   . HOH J 6 .   ? 12.629  11.538  1.234   1.00 20.03 ? 424 HOH A O   1 
HETATM 1261 O  O   . HOH J 6 .   ? 14.306  2.957   -6.993  1.00 24.94 ? 425 HOH A O   1 
HETATM 1262 O  O   . HOH J 6 .   ? -14.602 -3.281  -6.426  1.00 29.79 ? 426 HOH A O   1 
HETATM 1263 O  O   . HOH J 6 .   ? 1.951   7.484   10.082  1.00 27.53 ? 427 HOH A O   1 
HETATM 1264 O  O   . HOH J 6 .   ? 5.151   15.158  -0.280  1.00 16.46 ? 428 HOH A O   1 
HETATM 1265 O  O   . HOH J 6 .   ? -3.151  2.550   11.675  1.00 33.27 ? 429 HOH A O   1 
HETATM 1266 O  O   . HOH J 6 .   ? -0.902  5.568   -7.808  1.00 18.47 ? 430 HOH A O   1 
HETATM 1267 O  O   . HOH J 6 .   ? 2.999   19.489  -0.036  1.00 23.86 ? 431 HOH A O   1 
HETATM 1268 O  O   . HOH J 6 .   ? -11.084 -7.197  -14.115 1.00 28.19 ? 432 HOH A O   1 
HETATM 1269 O  O   . HOH J 6 .   ? -6.741  -13.848 4.756   1.00 22.66 ? 433 HOH A O   1 
HETATM 1270 O  O   . HOH J 6 .   ? -13.103 -15.946 -0.213  1.00 30.54 ? 434 HOH A O   1 
HETATM 1271 O  O   . HOH J 6 .   ? 0.783   2.065   -12.001 1.00 31.82 ? 435 HOH A O   1 
HETATM 1272 O  O   . HOH J 6 .   ? -0.400  -13.888 -10.084 1.00 39.91 ? 436 HOH A O   1 
HETATM 1273 O  O   . HOH J 6 .   ? 2.722   10.581  14.848  1.00 26.22 ? 437 HOH A O   1 
HETATM 1274 O  O   . HOH J 6 .   ? -11.476 -2.642  -10.031 1.00 33.73 ? 438 HOH A O   1 
HETATM 1275 O  O   . HOH J 6 .   ? -2.667  -1.803  18.248  1.00 29.18 ? 439 HOH A O   1 
HETATM 1276 O  O   . HOH J 6 .   ? -3.971  -2.626  -14.643 1.00 28.38 ? 440 HOH A O   1 
HETATM 1277 O  O   . HOH J 6 .   ? -13.227 10.337  10.968  1.00 42.18 ? 441 HOH A O   1 
HETATM 1278 O  O   . HOH J 6 .   ? -9.435  16.495  -11.341 1.00 35.56 ? 442 HOH A O   1 
HETATM 1279 O  O   . HOH J 6 .   ? -2.601  -15.003 -13.247 1.00 53.67 ? 443 HOH A O   1 
HETATM 1280 O  O   . HOH J 6 .   ? 1.406   8.500   13.350  1.00 25.02 ? 444 HOH A O   1 
HETATM 1281 O  O   . HOH J 6 .   ? -2.920  7.673   9.231   1.00 21.55 ? 445 HOH A O   1 
HETATM 1282 O  O   . HOH J 6 .   ? 1.098   6.183   -9.877  1.00 23.61 ? 446 HOH A O   1 
HETATM 1283 O  O   . HOH J 6 .   ? 19.628  -6.187  -1.924  1.00 29.26 ? 447 HOH A O   1 
HETATM 1284 O  O   . HOH J 6 .   ? 1.532   -10.947 6.889   1.00 30.05 ? 448 HOH A O   1 
HETATM 1285 O  O   . HOH J 6 .   ? -9.136  2.258   -3.072  1.00 17.60 ? 449 HOH A O   1 
HETATM 1286 O  O   . HOH J 6 .   ? 17.350  3.419   -8.673  1.00 46.70 ? 450 HOH A O   1 
HETATM 1287 O  O   . HOH J 6 .   ? -6.703  -14.091 -16.869 1.00 45.18 ? 451 HOH A O   1 
HETATM 1288 O  O   . HOH J 6 .   ? -22.336 -11.225 -3.351  1.00 32.55 ? 452 HOH A O   1 
HETATM 1289 O  O   . HOH J 6 .   ? 7.239   -15.030 -6.107  1.00 32.63 ? 453 HOH A O   1 
HETATM 1290 O  O   . HOH J 6 .   ? -3.280  11.339  11.594  1.00 38.23 ? 454 HOH A O   1 
HETATM 1291 O  O   . HOH J 6 .   ? -6.003  2.289   -9.146  1.00 21.43 ? 455 HOH A O   1 
HETATM 1292 O  O   . HOH J 6 .   ? -13.510 7.137   7.281   1.00 59.82 ? 456 HOH A O   1 
HETATM 1293 O  O   . HOH J 6 .   ? 5.411   -15.143 0.551   1.00 27.55 ? 457 HOH A O   1 
HETATM 1294 O  O   . HOH J 6 .   ? -13.239 -12.067 -9.980  1.00 48.73 ? 458 HOH A O   1 
HETATM 1295 O  O   . HOH J 6 .   ? 5.637   -18.141 -2.870  1.00 41.31 ? 459 HOH A O   1 
HETATM 1296 O  O   . HOH J 6 .   ? -12.863 -7.857  -11.952 1.00 33.48 ? 460 HOH A O   1 
HETATM 1297 O  O   . HOH J 6 .   ? 2.954   -19.652 -2.806  1.00 34.21 ? 461 HOH A O   1 
HETATM 1298 O  O   . HOH J 6 .   ? 15.073  9.965   -2.484  1.00 45.24 ? 462 HOH A O   1 
HETATM 1299 O  O   . HOH J 6 .   ? -7.622  -12.479 -18.452 1.00 35.59 ? 463 HOH A O   1 
HETATM 1300 O  O   . HOH J 6 .   ? 1.865   14.476  -11.922 1.00 34.48 ? 464 HOH A O   1 
HETATM 1301 O  O   . HOH J 6 .   ? 3.384   6.565   12.455  1.00 28.16 ? 465 HOH A O   1 
HETATM 1302 O  O   . HOH J 6 .   ? -11.336 10.127  1.826   1.00 47.82 ? 466 HOH A O   1 
HETATM 1303 O  O   . HOH J 6 .   ? 4.711   17.542  4.237   1.00 33.82 ? 467 HOH A O   1 
HETATM 1304 O  O   . HOH J 6 .   ? 19.093  -1.192  -2.020  1.00 43.41 ? 468 HOH A O   1 
HETATM 1305 O  O   . HOH J 6 .   ? -4.319  9.664   7.726   1.00 28.96 ? 469 HOH A O   1 
HETATM 1306 O  O   . HOH J 6 .   ? 17.801  -2.524  -3.788  1.00 20.94 ? 470 HOH A O   1 
HETATM 1307 O  O   . HOH J 6 .   ? 1.975   21.432  -4.829  1.00 29.12 ? 471 HOH A O   1 
HETATM 1308 O  O   . HOH J 6 .   ? 5.347   -12.586 -12.840 1.00 41.59 ? 472 HOH A O   1 
HETATM 1309 O  O   . HOH J 6 .   ? -0.697  13.282  15.864  1.00 58.17 ? 473 HOH A O   1 
HETATM 1310 O  O   . HOH J 6 .   ? -13.952 -0.486  -6.751  1.00 40.22 ? 474 HOH A O   1 
HETATM 1311 O  O   . HOH J 6 .   ? -5.664  -3.064  15.398  1.00 38.84 ? 475 HOH A O   1 
HETATM 1312 O  O   . HOH J 6 .   ? 0.181   11.244  12.648  1.00 40.08 ? 476 HOH A O   1 
HETATM 1313 O  O   . HOH J 6 .   ? 3.644   -13.967 2.193   1.00 38.60 ? 477 HOH A O   1 
HETATM 1314 O  O   . HOH J 6 .   ? -0.703  -18.107 -4.693  1.00 55.44 ? 478 HOH A O   1 
HETATM 1315 O  O   . HOH J 6 .   ? -15.392 1.264   1.579   1.00 55.61 ? 479 HOH A O   1 
HETATM 1316 O  O   . HOH J 6 .   ? -3.663  13.421  8.026   1.00 57.89 ? 480 HOH A O   1 
HETATM 1317 O  O   . HOH J 6 .   ? 8.391   1.355   -12.156 1.00 53.41 ? 481 HOH A O   1 
HETATM 1318 O  O   . HOH J 6 .   ? -10.715 7.605   2.332   1.00 43.89 ? 482 HOH A O   1 
HETATM 1319 O  O   . HOH J 6 .   ? -4.846  3.441   21.734  1.00 44.79 ? 483 HOH A O   1 
HETATM 1320 O  O   . HOH J 6 .   ? 19.124  -2.316  -6.093  1.00 39.93 ? 484 HOH A O   1 
HETATM 1321 O  O   . HOH J 6 .   ? -0.543  -15.825 3.360   1.00 42.29 ? 485 HOH A O   1 
HETATM 1322 O  O   . HOH J 6 .   ? 7.288   -4.921  -17.694 1.00 36.82 ? 486 HOH A O   1 
HETATM 1323 O  O   . HOH J 6 .   ? -4.320  11.231  9.204   1.00 35.18 ? 487 HOH A O   1 
HETATM 1324 O  O   . HOH J 6 .   ? -5.834  19.443  -12.807 1.00 40.71 ? 488 HOH A O   1 
HETATM 1325 O  O   . HOH J 6 .   ? 4.496   -17.299 -0.587  1.00 34.11 ? 489 HOH A O   1 
HETATM 1326 O  O   . HOH J 6 .   ? 4.238   -0.853  -16.594 1.00 36.06 ? 490 HOH A O   1 
HETATM 1327 O  O   . HOH J 6 .   ? 7.157   -10.834 5.535   1.00 35.07 ? 491 HOH A O   1 
HETATM 1328 O  O   . HOH J 6 .   ? 5.099   17.717  -0.008  1.00 26.15 ? 492 HOH A O   1 
HETATM 1329 O  O   . HOH J 6 .   ? -6.042  -16.166 3.895   1.00 43.21 ? 493 HOH A O   1 
HETATM 1330 O  O   . HOH J 6 .   ? -0.080  -5.432  14.938  1.00 40.21 ? 494 HOH A O   1 
HETATM 1331 O  O   . HOH J 6 .   ? -9.449  -5.704  -12.837 1.00 35.41 ? 495 HOH A O   1 
HETATM 1332 O  O   . HOH J 6 .   ? 1.429   -12.695 4.867   1.00 42.98 ? 496 HOH A O   1 
HETATM 1333 O  O   . HOH J 6 .   ? -10.874 -4.809  -10.255 1.00 43.19 ? 497 HOH A O   1 
HETATM 1334 O  O   . HOH J 6 .   ? 4.795   10.690  12.875  1.00 35.02 ? 498 HOH A O   1 
HETATM 1335 O  O   . HOH J 6 .   ? 1.162   -7.218  14.111  1.00 39.49 ? 499 HOH A O   1 
HETATM 1336 O  O   . HOH J 6 .   ? -9.019  14.818  6.683   1.00 35.96 ? 500 HOH A O   1 
HETATM 1337 O  O   . HOH J 6 .   ? -11.042 -10.256 -19.526 1.00 40.57 ? 501 HOH A O   1 
HETATM 1338 O  O   . HOH J 6 .   ? 4.444   -12.664 4.241   1.00 31.93 ? 502 HOH A O   1 
HETATM 1339 O  O   . HOH J 6 .   ? -6.459  -3.639  -14.833 1.00 30.26 ? 503 HOH A O   1 
HETATM 1340 O  O   . HOH J 6 .   ? -2.619  14.593  11.540  1.00 63.95 ? 504 HOH A O   1 
HETATM 1341 O  O   . HOH J 6 .   ? -4.602  -0.895  19.863  1.00 40.28 ? 505 HOH A O   1 
HETATM 1342 O  O   . HOH J 6 .   ? 4.758   0.607   25.452  1.00 34.07 ? 506 HOH A O   1 
HETATM 1343 O  O   . HOH J 6 .   ? 10.277  16.269  -2.947  1.00 41.76 ? 507 HOH A O   1 
HETATM 1344 O  O   . HOH J 6 .   ? -8.323  18.437  -13.395 1.00 47.88 ? 508 HOH A O   1 
HETATM 1345 O  O   . HOH J 6 .   ? 2.741   19.019  10.650  1.00 46.77 ? 509 HOH A O   1 
HETATM 1346 O  O   . HOH J 6 .   ? -7.234  -15.896 -7.229  1.00 45.85 ? 510 HOH A O   1 
HETATM 1347 O  O   . HOH J 6 .   ? -3.183  13.087  15.785  1.00 44.14 ? 511 HOH A O   1 
HETATM 1348 O  O   . HOH J 6 .   ? -2.381  20.607  -10.093 1.00 43.52 ? 512 HOH A O   1 
HETATM 1349 O  O   . HOH J 6 .   ? -4.925  11.866  18.008  1.00 63.32 ? 513 HOH A O   1 
HETATM 1350 O  O   . HOH J 6 .   ? -1.805  12.618  13.149  1.00 48.24 ? 514 HOH A O   1 
HETATM 1351 O  O   . HOH J 6 .   ? 12.404  -6.194  5.465   0.26 35.38 ? 515 HOH A O   1 
HETATM 1352 O  O   . HOH J 6 .   ? -11.442 3.710   -2.650  1.00 29.05 ? 516 HOH A O   1 
HETATM 1353 O  O   . HOH J 6 .   ? 6.823   19.682  -1.417  1.00 31.14 ? 517 HOH A O   1 
HETATM 1354 O  O   . HOH J 6 .   ? -15.024 9.942   2.381   1.00 39.33 ? 518 HOH A O   1 
HETATM 1355 O  O   . HOH J 6 .   ? -5.253  -12.316 -22.597 1.00 36.60 ? 519 HOH A O   1 
HETATM 1356 O  O   . HOH J 6 .   ? -12.017 6.290   -1.568  1.00 35.92 ? 520 HOH A O   1 
HETATM 1357 O  O   . HOH J 6 .   ? 17.270  -2.353  -14.503 1.00 43.51 ? 521 HOH A O   1 
HETATM 1358 O  O   . HOH J 6 .   ? -20.962 -13.254 -4.661  1.00 36.18 ? 522 HOH A O   1 
HETATM 1359 O  O   . HOH J 6 .   ? 5.610   8.032   13.449  1.00 22.05 ? 523 HOH A O   1 
HETATM 1360 O  O   . HOH J 6 .   ? -2.812  18.238  -12.715 1.00 49.40 ? 524 HOH A O   1 
HETATM 1361 O  O   . HOH J 6 .   ? 9.768   16.747  -5.500  1.00 40.18 ? 525 HOH A O   1 
HETATM 1362 O  O   . HOH J 6 .   ? -15.860 2.286   -2.981  1.00 36.61 ? 526 HOH A O   1 
HETATM 1363 O  O   . HOH J 6 .   ? 7.880   18.517  -5.605  1.00 48.81 ? 527 HOH A O   1 
HETATM 1364 O  O   . HOH J 6 .   ? 2.621   -18.572 0.040   1.00 35.18 ? 528 HOH A O   1 
HETATM 1365 O  O   . HOH J 6 .   ? -13.067 6.840   1.211   1.00 31.25 ? 529 HOH A O   1 
HETATM 1366 O  O   . HOH J 6 .   ? -5.136  -14.720 -22.843 1.00 54.21 ? 530 HOH A O   1 
HETATM 1367 O  O   . HOH J 6 .   ? 0.334   -19.315 -1.839  1.00 33.73 ? 531 HOH A O   1 
HETATM 1368 O  O   . HOH J 6 .   ? 1.301   -4.869  18.632  1.00 44.13 ? 532 HOH A O   1 
HETATM 1369 O  O   . HOH J 6 .   ? 2.926   -5.247  20.792  1.00 59.98 ? 533 HOH A O   1 
HETATM 1370 O  O   . HOH J 6 .   ? 3.899   -6.830  18.595  1.00 69.22 ? 534 HOH A O   1 
# 
